data_5ZAT
# 
_entry.id   5ZAT 
# 
_audit_conform.dict_name       mmcif_pdbx.dic 
_audit_conform.dict_version    5.387 
_audit_conform.dict_location   http://mmcif.pdb.org/dictionaries/ascii/mmcif_pdbx.dic 
# 
loop_
_database_2.database_id 
_database_2.database_code 
_database_2.pdbx_database_accession 
_database_2.pdbx_DOI 
PDB   5ZAT         pdb_00005zat 10.2210/pdb5zat/pdb 
WWPDB D_1300006773 ?            ?                   
# 
loop_
_pdbx_audit_revision_history.ordinal 
_pdbx_audit_revision_history.data_content_type 
_pdbx_audit_revision_history.major_revision 
_pdbx_audit_revision_history.minor_revision 
_pdbx_audit_revision_history.revision_date 
1 'Structure model' 1 0 2019-02-13 
2 'Structure model' 1 1 2019-08-28 
3 'Structure model' 1 2 2019-09-18 
4 'Structure model' 1 3 2024-03-27 
# 
_pdbx_audit_revision_details.ordinal             1 
_pdbx_audit_revision_details.revision_ordinal    1 
_pdbx_audit_revision_details.data_content_type   'Structure model' 
_pdbx_audit_revision_details.provider            repository 
_pdbx_audit_revision_details.type                'Initial release' 
_pdbx_audit_revision_details.description         ? 
_pdbx_audit_revision_details.details             ? 
# 
loop_
_pdbx_audit_revision_group.ordinal 
_pdbx_audit_revision_group.revision_ordinal 
_pdbx_audit_revision_group.data_content_type 
_pdbx_audit_revision_group.group 
1 2 'Structure model' 'Data collection'     
2 2 'Structure model' 'Database references' 
3 3 'Structure model' 'Data collection'     
4 3 'Structure model' 'Database references' 
5 4 'Structure model' 'Data collection'     
6 4 'Structure model' 'Database references' 
# 
loop_
_pdbx_audit_revision_category.ordinal 
_pdbx_audit_revision_category.revision_ordinal 
_pdbx_audit_revision_category.data_content_type 
_pdbx_audit_revision_category.category 
1 2 'Structure model' citation        
2 2 'Structure model' citation_author 
3 3 'Structure model' citation        
4 3 'Structure model' citation_author 
5 4 'Structure model' chem_comp_atom  
6 4 'Structure model' chem_comp_bond  
7 4 'Structure model' database_2      
# 
loop_
_pdbx_audit_revision_item.ordinal 
_pdbx_audit_revision_item.revision_ordinal 
_pdbx_audit_revision_item.data_content_type 
_pdbx_audit_revision_item.item 
1  2 'Structure model' '_citation.country'                   
2  2 'Structure model' '_citation.journal_abbrev'            
3  2 'Structure model' '_citation.journal_id_CSD'            
4  2 'Structure model' '_citation.journal_id_ISSN'           
5  2 'Structure model' '_citation.pdbx_database_id_DOI'      
6  2 'Structure model' '_citation.title'                     
7  2 'Structure model' '_citation.year'                      
8  3 'Structure model' '_citation.journal_id_ISSN'           
9  3 'Structure model' '_citation.journal_volume'            
10 3 'Structure model' '_citation.page_first'                
11 3 'Structure model' '_citation.page_last'                 
12 3 'Structure model' '_citation.pdbx_database_id_PubMed'   
13 3 'Structure model' '_citation.title'                     
14 3 'Structure model' '_citation_author.identifier_ORCID'   
15 3 'Structure model' '_citation_author.name'               
16 4 'Structure model' '_database_2.pdbx_DOI'                
17 4 'Structure model' '_database_2.pdbx_database_accession' 
# 
_pdbx_database_status.status_code                     REL 
_pdbx_database_status.status_code_sf                  REL 
_pdbx_database_status.status_code_mr                  ? 
_pdbx_database_status.entry_id                        5ZAT 
_pdbx_database_status.recvd_initial_deposition_date   2018-02-08 
_pdbx_database_status.SG_entry                        N 
_pdbx_database_status.deposit_site                    PDBJ 
_pdbx_database_status.process_site                    PDBJ 
_pdbx_database_status.status_code_cs                  ? 
_pdbx_database_status.methods_development_category    ? 
_pdbx_database_status.pdb_format_compatible           Y 
_pdbx_database_status.status_code_nmr_data            ? 
# 
loop_
_audit_author.name 
_audit_author.pdbx_ordinal 
_audit_author.identifier_ORCID 
'Fu, T.R.'  1 ? 
'Zhang, L.' 2 ? 
# 
_citation.abstract                  ? 
_citation.abstract_id_CAS           ? 
_citation.book_id_ISBN              ? 
_citation.book_publisher            ? 
_citation.book_publisher_city       ? 
_citation.book_title                ? 
_citation.coordinate_linkage        ? 
_citation.country                   UK 
_citation.database_id_Medline       ? 
_citation.details                   ? 
_citation.id                        primary 
_citation.journal_abbrev            'Chem Sci' 
_citation.journal_id_ASTM           ? 
_citation.journal_id_CSD            ? 
_citation.journal_id_ISSN           2041-6520 
_citation.journal_full              ? 
_citation.journal_issue             ? 
_citation.journal_volume            10 
_citation.language                  ? 
_citation.page_first                7407 
_citation.page_last                 7417 
_citation.title                     
'Thymine DNA glycosylase recognizes the geometry alteration of minor grooves induced by 5-formylcytosine and 5-carboxylcytosine.' 
_citation.year                      2019 
_citation.database_id_CSD           ? 
_citation.pdbx_database_id_DOI      10.1039/c9sc02807b 
_citation.pdbx_database_id_PubMed   31489163 
_citation.unpublished_flag          ? 
# 
loop_
_citation_author.citation_id 
_citation_author.name 
_citation_author.ordinal 
_citation_author.identifier_ORCID 
primary 'Fu, T.'     1  ?                   
primary 'Liu, L.'    2  ?                   
primary 'Yang, Q.L.' 3  ?                   
primary 'Wang, Y.'   4  0000-0003-3892-7242 
primary 'Xu, P.'     5  ?                   
primary 'Zhang, L.'  6  0000-0002-3076-6993 
primary 'Liu, S.'    7  ?                   
primary 'Dai, Q.'    8  ?                   
primary 'Ji, Q.'     9  0000-0002-2321-8462 
primary 'Xu, G.L.'   10 ?                   
primary 'He, C.'     11 ?                   
primary 'Luo, C.'    12 0000-0003-3864-8382 
primary 'Zhang, L.'  13 0000-0002-7672-1168 
# 
loop_
_entity.id 
_entity.type 
_entity.src_method 
_entity.pdbx_description 
_entity.formula_weight 
_entity.pdbx_number_of_molecules 
_entity.pdbx_ec 
_entity.pdbx_mutation 
_entity.pdbx_fragment 
_entity.details 
1 polymer syn 
;DNA (5'-D(*CP*CP*AP*GP*(CAC)P*GP*CP*TP*GP*G)-3')
;
3090.002 2   ? ? ? ? 
2 water   nat water                                              18.015   174 ? ? ? ? 
# 
_entity_poly.entity_id                      1 
_entity_poly.type                           polydeoxyribonucleotide 
_entity_poly.nstd_linkage                   no 
_entity_poly.nstd_monomer                   yes 
_entity_poly.pdbx_seq_one_letter_code       '(DC)(DC)(DA)(DG)(1CC)(DG)(DC)(DT)(DG)(DG)' 
_entity_poly.pdbx_seq_one_letter_code_can   CCAGXGCTGG 
_entity_poly.pdbx_strand_id                 A,B 
_entity_poly.pdbx_target_identifier         ? 
# 
_pdbx_entity_nonpoly.entity_id   2 
_pdbx_entity_nonpoly.name        water 
_pdbx_entity_nonpoly.comp_id     HOH 
# 
loop_
_entity_poly_seq.entity_id 
_entity_poly_seq.num 
_entity_poly_seq.mon_id 
_entity_poly_seq.hetero 
1 1  DC  n 
1 2  DC  n 
1 3  DA  n 
1 4  DG  n 
1 5  1CC n 
1 6  DG  n 
1 7  DC  n 
1 8  DT  n 
1 9  DG  n 
1 10 DG  n 
# 
_pdbx_entity_src_syn.entity_id              1 
_pdbx_entity_src_syn.pdbx_src_id            1 
_pdbx_entity_src_syn.pdbx_alt_source_flag   sample 
_pdbx_entity_src_syn.pdbx_beg_seq_num       1 
_pdbx_entity_src_syn.pdbx_end_seq_num       10 
_pdbx_entity_src_syn.organism_scientific    'Homo sapiens' 
_pdbx_entity_src_syn.organism_common_name   ? 
_pdbx_entity_src_syn.ncbi_taxonomy_id       9606 
_pdbx_entity_src_syn.details                ? 
# 
loop_
_chem_comp.id 
_chem_comp.type 
_chem_comp.mon_nstd_flag 
_chem_comp.name 
_chem_comp.pdbx_synonyms 
_chem_comp.formula 
_chem_comp.formula_weight 
1CC 'DNA linking' n 
;5-carboxy-2'-deoxycytidine monophosphate
;
? 'C10 H14 N3 O9 P' 351.207 
DA  'DNA linking' y "2'-DEOXYADENOSINE-5'-MONOPHOSPHATE"       ? 'C10 H14 N5 O6 P' 331.222 
DC  'DNA linking' y "2'-DEOXYCYTIDINE-5'-MONOPHOSPHATE"        ? 'C9 H14 N3 O7 P'  307.197 
DG  'DNA linking' y "2'-DEOXYGUANOSINE-5'-MONOPHOSPHATE"       ? 'C10 H14 N5 O7 P' 347.221 
DT  'DNA linking' y "THYMIDINE-5'-MONOPHOSPHATE"               ? 'C10 H15 N2 O8 P' 322.208 
HOH non-polymer   . WATER                                      ? 'H2 O'            18.015  
# 
loop_
_pdbx_poly_seq_scheme.asym_id 
_pdbx_poly_seq_scheme.entity_id 
_pdbx_poly_seq_scheme.seq_id 
_pdbx_poly_seq_scheme.mon_id 
_pdbx_poly_seq_scheme.ndb_seq_num 
_pdbx_poly_seq_scheme.pdb_seq_num 
_pdbx_poly_seq_scheme.auth_seq_num 
_pdbx_poly_seq_scheme.pdb_mon_id 
_pdbx_poly_seq_scheme.auth_mon_id 
_pdbx_poly_seq_scheme.pdb_strand_id 
_pdbx_poly_seq_scheme.pdb_ins_code 
_pdbx_poly_seq_scheme.hetero 
A 1 1  DC  1  1  1  DC  DC  A . n 
A 1 2  DC  2  2  2  DC  DC  A . n 
A 1 3  DA  3  3  3  DA  DA  A . n 
A 1 4  DG  4  4  4  DG  DG  A . n 
A 1 5  1CC 5  5  5  1CC caC A . n 
A 1 6  DG  6  6  6  DG  DG  A . n 
A 1 7  DC  7  7  7  DC  DC  A . n 
A 1 8  DT  8  8  8  DT  DT  A . n 
A 1 9  DG  9  9  9  DG  DG  A . n 
A 1 10 DG  10 10 10 DG  DG  A . n 
B 1 1  DC  1  1  1  DC  DC  B . n 
B 1 2  DC  2  2  2  DC  DC  B . n 
B 1 3  DA  3  3  3  DA  DA  B . n 
B 1 4  DG  4  4  4  DG  DG  B . n 
B 1 5  1CC 5  5  5  1CC caC B . n 
B 1 6  DG  6  6  6  DG  DG  B . n 
B 1 7  DC  7  7  7  DC  DC  B . n 
B 1 8  DT  8  8  8  DT  DT  B . n 
B 1 9  DG  9  9  9  DG  DG  B . n 
B 1 10 DG  10 10 10 DG  DG  B . n 
# 
loop_
_pdbx_nonpoly_scheme.asym_id 
_pdbx_nonpoly_scheme.entity_id 
_pdbx_nonpoly_scheme.mon_id 
_pdbx_nonpoly_scheme.ndb_seq_num 
_pdbx_nonpoly_scheme.pdb_seq_num 
_pdbx_nonpoly_scheme.auth_seq_num 
_pdbx_nonpoly_scheme.pdb_mon_id 
_pdbx_nonpoly_scheme.auth_mon_id 
_pdbx_nonpoly_scheme.pdb_strand_id 
_pdbx_nonpoly_scheme.pdb_ins_code 
C 2 HOH 1  101 132 HOH HOH A . 
C 2 HOH 2  102 61  HOH HOH A . 
C 2 HOH 3  103 96  HOH HOH A . 
C 2 HOH 4  104 53  HOH HOH A . 
C 2 HOH 5  105 100 HOH HOH A . 
C 2 HOH 6  106 172 HOH HOH A . 
C 2 HOH 7  107 30  HOH HOH A . 
C 2 HOH 8  108 74  HOH HOH A . 
C 2 HOH 9  109 121 HOH HOH A . 
C 2 HOH 10 110 165 HOH HOH A . 
C 2 HOH 11 111 90  HOH HOH A . 
C 2 HOH 12 112 98  HOH HOH A . 
C 2 HOH 13 113 166 HOH HOH A . 
C 2 HOH 14 114 112 HOH HOH A . 
C 2 HOH 15 115 126 HOH HOH A . 
C 2 HOH 16 116 59  HOH HOH A . 
C 2 HOH 17 117 40  HOH HOH A . 
C 2 HOH 18 118 60  HOH HOH A . 
C 2 HOH 19 119 32  HOH HOH A . 
C 2 HOH 20 120 117 HOH HOH A . 
C 2 HOH 21 121 66  HOH HOH A . 
C 2 HOH 22 122 23  HOH HOH A . 
C 2 HOH 23 123 15  HOH HOH A . 
C 2 HOH 24 124 64  HOH HOH A . 
C 2 HOH 25 125 83  HOH HOH A . 
C 2 HOH 26 126 22  HOH HOH A . 
C 2 HOH 27 127 145 HOH HOH A . 
C 2 HOH 28 128 27  HOH HOH A . 
C 2 HOH 29 129 18  HOH HOH A . 
C 2 HOH 30 130 45  HOH HOH A . 
C 2 HOH 31 131 152 HOH HOH A . 
C 2 HOH 32 132 160 HOH HOH A . 
C 2 HOH 33 133 36  HOH HOH A . 
C 2 HOH 34 134 42  HOH HOH A . 
C 2 HOH 35 135 7   HOH HOH A . 
C 2 HOH 36 136 41  HOH HOH A . 
C 2 HOH 37 137 49  HOH HOH A . 
C 2 HOH 38 138 13  HOH HOH A . 
C 2 HOH 39 139 138 HOH HOH A . 
C 2 HOH 40 140 137 HOH HOH A . 
C 2 HOH 41 141 21  HOH HOH A . 
C 2 HOH 42 142 115 HOH HOH A . 
C 2 HOH 43 143 99  HOH HOH A . 
C 2 HOH 44 144 109 HOH HOH A . 
C 2 HOH 45 145 48  HOH HOH A . 
C 2 HOH 46 146 122 HOH HOH A . 
C 2 HOH 47 147 97  HOH HOH A . 
C 2 HOH 48 148 92  HOH HOH A . 
C 2 HOH 49 149 164 HOH HOH A . 
C 2 HOH 50 150 67  HOH HOH A . 
C 2 HOH 51 151 163 HOH HOH A . 
C 2 HOH 52 152 81  HOH HOH A . 
C 2 HOH 53 153 153 HOH HOH A . 
C 2 HOH 54 154 84  HOH HOH A . 
C 2 HOH 55 155 56  HOH HOH A . 
C 2 HOH 56 156 76  HOH HOH A . 
C 2 HOH 57 157 103 HOH HOH A . 
C 2 HOH 58 158 29  HOH HOH A . 
C 2 HOH 59 159 38  HOH HOH A . 
C 2 HOH 60 160 151 HOH HOH A . 
C 2 HOH 61 161 55  HOH HOH A . 
C 2 HOH 62 162 70  HOH HOH A . 
C 2 HOH 63 163 170 HOH HOH A . 
C 2 HOH 64 164 2   HOH HOH A . 
C 2 HOH 65 165 94  HOH HOH A . 
C 2 HOH 66 166 127 HOH HOH A . 
C 2 HOH 67 167 111 HOH HOH A . 
C 2 HOH 68 168 108 HOH HOH A . 
C 2 HOH 69 169 136 HOH HOH A . 
C 2 HOH 70 170 3   HOH HOH A . 
C 2 HOH 71 171 118 HOH HOH A . 
C 2 HOH 72 172 144 HOH HOH A . 
C 2 HOH 73 173 143 HOH HOH A . 
C 2 HOH 74 174 71  HOH HOH A . 
C 2 HOH 75 175 101 HOH HOH A . 
C 2 HOH 76 176 95  HOH HOH A . 
C 2 HOH 77 177 69  HOH HOH A . 
C 2 HOH 78 178 11  HOH HOH A . 
C 2 HOH 79 179 4   HOH HOH A . 
C 2 HOH 80 180 80  HOH HOH A . 
C 2 HOH 81 181 116 HOH HOH A . 
C 2 HOH 82 182 63  HOH HOH A . 
C 2 HOH 83 183 106 HOH HOH A . 
C 2 HOH 84 184 114 HOH HOH A . 
C 2 HOH 85 185 47  HOH HOH A . 
C 2 HOH 86 186 72  HOH HOH A . 
C 2 HOH 87 187 52  HOH HOH A . 
C 2 HOH 88 188 107 HOH HOH A . 
C 2 HOH 89 189 155 HOH HOH A . 
C 2 HOH 90 190 133 HOH HOH A . 
C 2 HOH 91 191 131 HOH HOH A . 
C 2 HOH 92 192 78  HOH HOH A . 
C 2 HOH 93 193 65  HOH HOH A . 
C 2 HOH 94 194 120 HOH HOH A . 
C 2 HOH 95 195 113 HOH HOH A . 
D 2 HOH 1  101 28  HOH HOH B . 
D 2 HOH 2  102 129 HOH HOH B . 
D 2 HOH 3  103 62  HOH HOH B . 
D 2 HOH 4  104 104 HOH HOH B . 
D 2 HOH 5  105 89  HOH HOH B . 
D 2 HOH 6  106 51  HOH HOH B . 
D 2 HOH 7  107 26  HOH HOH B . 
D 2 HOH 8  108 162 HOH HOH B . 
D 2 HOH 9  109 50  HOH HOH B . 
D 2 HOH 10 110 19  HOH HOH B . 
D 2 HOH 11 111 31  HOH HOH B . 
D 2 HOH 12 112 110 HOH HOH B . 
D 2 HOH 13 113 91  HOH HOH B . 
D 2 HOH 14 114 75  HOH HOH B . 
D 2 HOH 15 115 169 HOH HOH B . 
D 2 HOH 16 116 158 HOH HOH B . 
D 2 HOH 17 117 161 HOH HOH B . 
D 2 HOH 18 118 87  HOH HOH B . 
D 2 HOH 19 119 14  HOH HOH B . 
D 2 HOH 20 120 57  HOH HOH B . 
D 2 HOH 21 121 82  HOH HOH B . 
D 2 HOH 22 122 8   HOH HOH B . 
D 2 HOH 23 123 85  HOH HOH B . 
D 2 HOH 24 124 93  HOH HOH B . 
D 2 HOH 25 125 17  HOH HOH B . 
D 2 HOH 26 126 37  HOH HOH B . 
D 2 HOH 27 127 5   HOH HOH B . 
D 2 HOH 28 128 6   HOH HOH B . 
D 2 HOH 29 129 86  HOH HOH B . 
D 2 HOH 30 130 171 HOH HOH B . 
D 2 HOH 31 131 54  HOH HOH B . 
D 2 HOH 32 132 125 HOH HOH B . 
D 2 HOH 33 133 44  HOH HOH B . 
D 2 HOH 34 134 43  HOH HOH B . 
D 2 HOH 35 135 147 HOH HOH B . 
D 2 HOH 36 136 35  HOH HOH B . 
D 2 HOH 37 137 20  HOH HOH B . 
D 2 HOH 38 138 139 HOH HOH B . 
D 2 HOH 39 139 39  HOH HOH B . 
D 2 HOH 40 140 12  HOH HOH B . 
D 2 HOH 41 141 9   HOH HOH B . 
D 2 HOH 42 142 130 HOH HOH B . 
D 2 HOH 43 143 119 HOH HOH B . 
D 2 HOH 44 144 105 HOH HOH B . 
D 2 HOH 45 145 24  HOH HOH B . 
D 2 HOH 46 146 79  HOH HOH B . 
D 2 HOH 47 147 159 HOH HOH B . 
D 2 HOH 48 148 10  HOH HOH B . 
D 2 HOH 49 149 174 HOH HOH B . 
D 2 HOH 50 150 73  HOH HOH B . 
D 2 HOH 51 151 33  HOH HOH B . 
D 2 HOH 52 152 167 HOH HOH B . 
D 2 HOH 53 153 68  HOH HOH B . 
D 2 HOH 54 154 148 HOH HOH B . 
D 2 HOH 55 155 16  HOH HOH B . 
D 2 HOH 56 156 58  HOH HOH B . 
D 2 HOH 57 157 173 HOH HOH B . 
D 2 HOH 58 158 154 HOH HOH B . 
D 2 HOH 59 159 142 HOH HOH B . 
D 2 HOH 60 160 34  HOH HOH B . 
D 2 HOH 61 161 168 HOH HOH B . 
D 2 HOH 62 162 77  HOH HOH B . 
D 2 HOH 63 163 102 HOH HOH B . 
D 2 HOH 64 164 135 HOH HOH B . 
D 2 HOH 65 165 1   HOH HOH B . 
D 2 HOH 66 166 46  HOH HOH B . 
D 2 HOH 67 167 141 HOH HOH B . 
D 2 HOH 68 168 156 HOH HOH B . 
D 2 HOH 69 169 123 HOH HOH B . 
D 2 HOH 70 170 88  HOH HOH B . 
D 2 HOH 71 171 25  HOH HOH B . 
D 2 HOH 72 172 124 HOH HOH B . 
D 2 HOH 73 173 128 HOH HOH B . 
D 2 HOH 74 174 140 HOH HOH B . 
D 2 HOH 75 175 134 HOH HOH B . 
D 2 HOH 76 176 150 HOH HOH B . 
D 2 HOH 77 177 146 HOH HOH B . 
D 2 HOH 78 178 149 HOH HOH B . 
D 2 HOH 79 179 157 HOH HOH B . 
# 
loop_
_software.citation_id 
_software.classification 
_software.compiler_name 
_software.compiler_version 
_software.contact_author 
_software.contact_author_email 
_software.date 
_software.description 
_software.dependencies 
_software.hardware 
_software.language 
_software.location 
_software.mods 
_software.name 
_software.os 
_software.os_version 
_software.type 
_software.version 
_software.pdbx_ordinal 
? refinement       ? ? ? ? ? ? ? ? ? ? ? PHENIX   ? ? ? '(1.10.1_2155: ???)' 1 
? 'data reduction' ? ? ? ? ? ? ? ? ? ? ? HKL-3000 ? ? ? .                    2 
? 'data scaling'   ? ? ? ? ? ? ? ? ? ? ? HKL-3000 ? ? ? .                    3 
? phasing          ? ? ? ? ? ? ? ? ? ? ? PHENIX   ? ? ? .                    4 
# 
_cell.angle_alpha                  90.00 
_cell.angle_alpha_esd              ? 
_cell.angle_beta                   100.17 
_cell.angle_beta_esd               ? 
_cell.angle_gamma                  90.00 
_cell.angle_gamma_esd              ? 
_cell.entry_id                     5ZAT 
_cell.details                      ? 
_cell.formula_units_Z              ? 
_cell.length_a                     22.465 
_cell.length_a_esd                 ? 
_cell.length_b                     36.333 
_cell.length_b_esd                 ? 
_cell.length_c                     30.215 
_cell.length_c_esd                 ? 
_cell.volume                       ? 
_cell.volume_esd                   ? 
_cell.Z_PDB                        4 
_cell.reciprocal_angle_alpha       ? 
_cell.reciprocal_angle_beta        ? 
_cell.reciprocal_angle_gamma       ? 
_cell.reciprocal_angle_alpha_esd   ? 
_cell.reciprocal_angle_beta_esd    ? 
_cell.reciprocal_angle_gamma_esd   ? 
_cell.reciprocal_length_a          ? 
_cell.reciprocal_length_b          ? 
_cell.reciprocal_length_c          ? 
_cell.reciprocal_length_a_esd      ? 
_cell.reciprocal_length_b_esd      ? 
_cell.reciprocal_length_c_esd      ? 
_cell.pdbx_unique_axis             ? 
# 
_symmetry.entry_id                         5ZAT 
_symmetry.cell_setting                     ? 
_symmetry.Int_Tables_number                4 
_symmetry.space_group_name_Hall            ? 
_symmetry.space_group_name_H-M             'P 1 21 1' 
_symmetry.pdbx_full_space_group_name_H-M   ? 
# 
_exptl.absorpt_coefficient_mu     ? 
_exptl.absorpt_correction_T_max   ? 
_exptl.absorpt_correction_T_min   ? 
_exptl.absorpt_correction_type    ? 
_exptl.absorpt_process_details    ? 
_exptl.entry_id                   5ZAT 
_exptl.crystals_number            1 
_exptl.details                    ? 
_exptl.method                     'X-RAY DIFFRACTION' 
_exptl.method_details             ? 
# 
_exptl_crystal.colour                      ? 
_exptl_crystal.density_diffrn              ? 
_exptl_crystal.density_Matthews            2.11 
_exptl_crystal.density_method              ? 
_exptl_crystal.density_percent_sol         37.37 
_exptl_crystal.description                 ? 
_exptl_crystal.F_000                       ? 
_exptl_crystal.id                          1 
_exptl_crystal.preparation                 ? 
_exptl_crystal.size_max                    ? 
_exptl_crystal.size_mid                    ? 
_exptl_crystal.size_min                    ? 
_exptl_crystal.size_rad                    ? 
_exptl_crystal.colour_lustre               ? 
_exptl_crystal.colour_modifier             ? 
_exptl_crystal.colour_primary              ? 
_exptl_crystal.density_meas                ? 
_exptl_crystal.density_meas_esd            ? 
_exptl_crystal.density_meas_gt             ? 
_exptl_crystal.density_meas_lt             ? 
_exptl_crystal.density_meas_temp           ? 
_exptl_crystal.density_meas_temp_esd       ? 
_exptl_crystal.density_meas_temp_gt        ? 
_exptl_crystal.density_meas_temp_lt        ? 
_exptl_crystal.pdbx_crystal_image_url      ? 
_exptl_crystal.pdbx_crystal_image_format   ? 
_exptl_crystal.pdbx_mosaicity              ? 
_exptl_crystal.pdbx_mosaicity_esd          ? 
# 
_exptl_crystal_grow.apparatus       ? 
_exptl_crystal_grow.atmosphere      ? 
_exptl_crystal_grow.crystal_id      1 
_exptl_crystal_grow.details         ? 
_exptl_crystal_grow.method          'VAPOR DIFFUSION, SITTING DROP' 
_exptl_crystal_grow.method_ref      ? 
_exptl_crystal_grow.pH              ? 
_exptl_crystal_grow.pressure        ? 
_exptl_crystal_grow.pressure_esd    ? 
_exptl_crystal_grow.seeding         ? 
_exptl_crystal_grow.seeding_ref     ? 
_exptl_crystal_grow.temp            277 
_exptl_crystal_grow.temp_details    ? 
_exptl_crystal_grow.temp_esd        ? 
_exptl_crystal_grow.time            ? 
_exptl_crystal_grow.pdbx_details    '50mM sodium succinat pH 5.5, 20mM MgCl2, 0.5mM spermine, 3.0 ammonium sulfate' 
_exptl_crystal_grow.pdbx_pH_range   ? 
# 
_diffrn.ambient_environment    ? 
_diffrn.ambient_temp           180 
_diffrn.ambient_temp_details   ? 
_diffrn.ambient_temp_esd       ? 
_diffrn.crystal_id             1 
_diffrn.crystal_support        ? 
_diffrn.crystal_treatment      ? 
_diffrn.details                ? 
_diffrn.id                     1 
_diffrn.ambient_pressure       ? 
_diffrn.ambient_pressure_esd   ? 
_diffrn.ambient_pressure_gt    ? 
_diffrn.ambient_pressure_lt    ? 
_diffrn.ambient_temp_gt        ? 
_diffrn.ambient_temp_lt        ? 
# 
_diffrn_detector.details                      ? 
_diffrn_detector.detector                     PIXEL 
_diffrn_detector.diffrn_id                    1 
_diffrn_detector.type                         'DECTRIS PILATUS 300K' 
_diffrn_detector.area_resol_mean              ? 
_diffrn_detector.dtime                        ? 
_diffrn_detector.pdbx_frames_total            ? 
_diffrn_detector.pdbx_collection_time_total   ? 
_diffrn_detector.pdbx_collection_date         2016-06-13 
# 
_diffrn_radiation.collimation                      ? 
_diffrn_radiation.diffrn_id                        1 
_diffrn_radiation.filter_edge                      ? 
_diffrn_radiation.inhomogeneity                    ? 
_diffrn_radiation.monochromator                    ? 
_diffrn_radiation.polarisn_norm                    ? 
_diffrn_radiation.polarisn_ratio                   ? 
_diffrn_radiation.probe                            ? 
_diffrn_radiation.type                             ? 
_diffrn_radiation.xray_symbol                      ? 
_diffrn_radiation.wavelength_id                    1 
_diffrn_radiation.pdbx_monochromatic_or_laue_m_l   M 
_diffrn_radiation.pdbx_wavelength_list             ? 
_diffrn_radiation.pdbx_wavelength                  ? 
_diffrn_radiation.pdbx_diffrn_protocol             'SINGLE WAVELENGTH' 
_diffrn_radiation.pdbx_analyzer                    ? 
_diffrn_radiation.pdbx_scattering_type             x-ray 
# 
_diffrn_radiation_wavelength.id           1 
_diffrn_radiation_wavelength.wavelength   0.9676 
_diffrn_radiation_wavelength.wt           1.0 
# 
_diffrn_source.current                     ? 
_diffrn_source.details                     ? 
_diffrn_source.diffrn_id                   1 
_diffrn_source.power                       ? 
_diffrn_source.size                        ? 
_diffrn_source.source                      SYNCHROTRON 
_diffrn_source.target                      ? 
_diffrn_source.type                        'SSRF BEAMLINE BL19U1' 
_diffrn_source.voltage                     ? 
_diffrn_source.take-off_angle              ? 
_diffrn_source.pdbx_wavelength_list        0.9676 
_diffrn_source.pdbx_wavelength             ? 
_diffrn_source.pdbx_synchrotron_beamline   BL19U1 
_diffrn_source.pdbx_synchrotron_site       SSRF 
# 
_reflns.B_iso_Wilson_estimate            ? 
_reflns.entry_id                         5ZAT 
_reflns.data_reduction_details           ? 
_reflns.data_reduction_method            ? 
_reflns.d_resolution_high                1.06 
_reflns.d_resolution_low                 50 
_reflns.details                          ? 
_reflns.limit_h_max                      ? 
_reflns.limit_h_min                      ? 
_reflns.limit_k_max                      ? 
_reflns.limit_k_min                      ? 
_reflns.limit_l_max                      ? 
_reflns.limit_l_min                      ? 
_reflns.number_all                       ? 
_reflns.number_obs                       21838 
_reflns.observed_criterion               ? 
_reflns.observed_criterion_F_max         ? 
_reflns.observed_criterion_F_min         ? 
_reflns.observed_criterion_I_max         ? 
_reflns.observed_criterion_I_min         ? 
_reflns.observed_criterion_sigma_F       ? 
_reflns.observed_criterion_sigma_I       ? 
_reflns.percent_possible_obs             98 
_reflns.R_free_details                   ? 
_reflns.Rmerge_F_all                     ? 
_reflns.Rmerge_F_obs                     ? 
_reflns.Friedel_coverage                 ? 
_reflns.number_gt                        ? 
_reflns.threshold_expression             ? 
_reflns.pdbx_redundancy                  3.2 
_reflns.pdbx_Rmerge_I_obs                ? 
_reflns.pdbx_Rmerge_I_all                ? 
_reflns.pdbx_Rsym_value                  ? 
_reflns.pdbx_netI_over_av_sigmaI         ? 
_reflns.pdbx_netI_over_sigmaI            26.12 
_reflns.pdbx_res_netI_over_av_sigmaI_2   ? 
_reflns.pdbx_res_netI_over_sigmaI_2      ? 
_reflns.pdbx_chi_squared                 ? 
_reflns.pdbx_scaling_rejects             ? 
_reflns.pdbx_d_res_high_opt              ? 
_reflns.pdbx_d_res_low_opt               ? 
_reflns.pdbx_d_res_opt_method            ? 
_reflns.phase_calculation_details        ? 
_reflns.pdbx_Rrim_I_all                  ? 
_reflns.pdbx_Rpim_I_all                  ? 
_reflns.pdbx_d_opt                       ? 
_reflns.pdbx_number_measured_all         ? 
_reflns.pdbx_diffrn_id                   1 
_reflns.pdbx_ordinal                     1 
_reflns.pdbx_CC_half                     ? 
_reflns.pdbx_R_split                     ? 
# 
_reflns_shell.d_res_high                  1.06 
_reflns_shell.d_res_low                   1.10 
_reflns_shell.meanI_over_sigI_all         ? 
_reflns_shell.meanI_over_sigI_obs         ? 
_reflns_shell.number_measured_all         ? 
_reflns_shell.number_measured_obs         ? 
_reflns_shell.number_possible             ? 
_reflns_shell.number_unique_all           ? 
_reflns_shell.number_unique_obs           ? 
_reflns_shell.percent_possible_all        ? 
_reflns_shell.percent_possible_obs        ? 
_reflns_shell.Rmerge_F_all                ? 
_reflns_shell.Rmerge_F_obs                ? 
_reflns_shell.Rmerge_I_all                ? 
_reflns_shell.Rmerge_I_obs                ? 
_reflns_shell.meanI_over_sigI_gt          ? 
_reflns_shell.meanI_over_uI_all           ? 
_reflns_shell.meanI_over_uI_gt            ? 
_reflns_shell.number_measured_gt          ? 
_reflns_shell.number_unique_gt            ? 
_reflns_shell.percent_possible_gt         ? 
_reflns_shell.Rmerge_F_gt                 ? 
_reflns_shell.Rmerge_I_gt                 ? 
_reflns_shell.pdbx_redundancy             ? 
_reflns_shell.pdbx_Rsym_value             ? 
_reflns_shell.pdbx_chi_squared            ? 
_reflns_shell.pdbx_netI_over_sigmaI_all   ? 
_reflns_shell.pdbx_netI_over_sigmaI_obs   ? 
_reflns_shell.pdbx_Rrim_I_all             ? 
_reflns_shell.pdbx_Rpim_I_all             ? 
_reflns_shell.pdbx_rejects                ? 
_reflns_shell.pdbx_ordinal                1 
_reflns_shell.pdbx_diffrn_id              1 
_reflns_shell.pdbx_CC_half                ? 
_reflns_shell.pdbx_R_split                ? 
# 
_refine.aniso_B[1][1]                            ? 
_refine.aniso_B[1][2]                            ? 
_refine.aniso_B[1][3]                            ? 
_refine.aniso_B[2][2]                            ? 
_refine.aniso_B[2][3]                            ? 
_refine.aniso_B[3][3]                            ? 
_refine.B_iso_max                                ? 
_refine.B_iso_mean                               ? 
_refine.B_iso_min                                ? 
_refine.correlation_coeff_Fo_to_Fc               ? 
_refine.correlation_coeff_Fo_to_Fc_free          ? 
_refine.details                                  ? 
_refine.diff_density_max                         ? 
_refine.diff_density_max_esd                     ? 
_refine.diff_density_min                         ? 
_refine.diff_density_min_esd                     ? 
_refine.diff_density_rms                         ? 
_refine.diff_density_rms_esd                     ? 
_refine.entry_id                                 5ZAT 
_refine.pdbx_refine_id                           'X-RAY DIFFRACTION' 
_refine.ls_abs_structure_details                 ? 
_refine.ls_abs_structure_Flack                   ? 
_refine.ls_abs_structure_Flack_esd               ? 
_refine.ls_abs_structure_Rogers                  ? 
_refine.ls_abs_structure_Rogers_esd              ? 
_refine.ls_d_res_high                            1.060 
_refine.ls_d_res_low                             29.740 
_refine.ls_extinction_coef                       ? 
_refine.ls_extinction_coef_esd                   ? 
_refine.ls_extinction_expression                 ? 
_refine.ls_extinction_method                     ? 
_refine.ls_goodness_of_fit_all                   ? 
_refine.ls_goodness_of_fit_all_esd               ? 
_refine.ls_goodness_of_fit_obs                   ? 
_refine.ls_goodness_of_fit_obs_esd               ? 
_refine.ls_hydrogen_treatment                    ? 
_refine.ls_matrix_type                           ? 
_refine.ls_number_constraints                    ? 
_refine.ls_number_parameters                     ? 
_refine.ls_number_reflns_all                     ? 
_refine.ls_number_reflns_obs                     21376 
_refine.ls_number_reflns_R_free                  1096 
_refine.ls_number_reflns_R_work                  ? 
_refine.ls_number_restraints                     ? 
_refine.ls_percent_reflns_obs                    97.84 
_refine.ls_percent_reflns_R_free                 5.13 
_refine.ls_R_factor_all                          ? 
_refine.ls_R_factor_obs                          0.1573 
_refine.ls_R_factor_R_free                       0.1814 
_refine.ls_R_factor_R_free_error                 ? 
_refine.ls_R_factor_R_free_error_details         ? 
_refine.ls_R_factor_R_work                       0.1560 
_refine.ls_R_Fsqd_factor_obs                     ? 
_refine.ls_R_I_factor_obs                        ? 
_refine.ls_redundancy_reflns_all                 ? 
_refine.ls_redundancy_reflns_obs                 ? 
_refine.ls_restrained_S_all                      ? 
_refine.ls_restrained_S_obs                      ? 
_refine.ls_shift_over_esd_max                    ? 
_refine.ls_shift_over_esd_mean                   ? 
_refine.ls_structure_factor_coef                 ? 
_refine.ls_weighting_details                     ? 
_refine.ls_weighting_scheme                      ? 
_refine.ls_wR_factor_all                         ? 
_refine.ls_wR_factor_obs                         ? 
_refine.ls_wR_factor_R_free                      ? 
_refine.ls_wR_factor_R_work                      ? 
_refine.occupancy_max                            ? 
_refine.occupancy_min                            ? 
_refine.solvent_model_details                    ? 
_refine.solvent_model_param_bsol                 ? 
_refine.solvent_model_param_ksol                 ? 
_refine.ls_R_factor_gt                           ? 
_refine.ls_goodness_of_fit_gt                    ? 
_refine.ls_goodness_of_fit_ref                   ? 
_refine.ls_shift_over_su_max                     ? 
_refine.ls_shift_over_su_max_lt                  ? 
_refine.ls_shift_over_su_mean                    ? 
_refine.ls_shift_over_su_mean_lt                 ? 
_refine.pdbx_ls_sigma_I                          ? 
_refine.pdbx_ls_sigma_F                          1.34 
_refine.pdbx_ls_sigma_Fsqd                       ? 
_refine.pdbx_data_cutoff_high_absF               ? 
_refine.pdbx_data_cutoff_high_rms_absF           ? 
_refine.pdbx_data_cutoff_low_absF                ? 
_refine.pdbx_isotropic_thermal_model             ? 
_refine.pdbx_ls_cross_valid_method               'FREE R-VALUE' 
_refine.pdbx_method_to_determine_struct          'MOLECULAR REPLACEMENT' 
_refine.pdbx_starting_model                      ? 
_refine.pdbx_stereochemistry_target_values       ? 
_refine.pdbx_R_Free_selection_details            ? 
_refine.pdbx_stereochem_target_val_spec_case     ? 
_refine.pdbx_overall_ESU_R                       ? 
_refine.pdbx_overall_ESU_R_Free                  ? 
_refine.pdbx_solvent_vdw_probe_radii             1.11 
_refine.pdbx_solvent_ion_probe_radii             ? 
_refine.pdbx_solvent_shrinkage_radii             0.90 
_refine.pdbx_real_space_R                        ? 
_refine.pdbx_density_correlation                 ? 
_refine.pdbx_pd_number_of_powder_patterns        ? 
_refine.pdbx_pd_number_of_points                 ? 
_refine.pdbx_pd_meas_number_of_points            ? 
_refine.pdbx_pd_proc_ls_prof_R_factor            ? 
_refine.pdbx_pd_proc_ls_prof_wR_factor           ? 
_refine.pdbx_pd_Marquardt_correlation_coeff      ? 
_refine.pdbx_pd_Fsqrd_R_factor                   ? 
_refine.pdbx_pd_ls_matrix_band_width             ? 
_refine.pdbx_overall_phase_error                 16.60 
_refine.pdbx_overall_SU_R_free_Cruickshank_DPI   ? 
_refine.pdbx_overall_SU_R_free_Blow_DPI          ? 
_refine.pdbx_overall_SU_R_Blow_DPI               ? 
_refine.pdbx_TLS_residual_ADP_flag               ? 
_refine.pdbx_diffrn_id                           1 
_refine.overall_SU_B                             ? 
_refine.overall_SU_ML                            0.08 
_refine.overall_SU_R_Cruickshank_DPI             ? 
_refine.overall_SU_R_free                        ? 
_refine.overall_FOM_free_R_set                   ? 
_refine.overall_FOM_work_R_set                   ? 
_refine.pdbx_average_fsc_overall                 ? 
_refine.pdbx_average_fsc_work                    ? 
_refine.pdbx_average_fsc_free                    ? 
# 
_refine_hist.pdbx_refine_id                   'X-RAY DIFFRACTION' 
_refine_hist.cycle_id                         LAST 
_refine_hist.pdbx_number_atoms_protein        0 
_refine_hist.pdbx_number_atoms_nucleic_acid   410 
_refine_hist.pdbx_number_atoms_ligand         0 
_refine_hist.number_atoms_solvent             174 
_refine_hist.number_atoms_total               584 
_refine_hist.d_res_high                       1.060 
_refine_hist.d_res_low                        29.740 
# 
loop_
_refine_ls_restr.pdbx_refine_id 
_refine_ls_restr.criterion 
_refine_ls_restr.dev_ideal 
_refine_ls_restr.dev_ideal_target 
_refine_ls_restr.number 
_refine_ls_restr.rejects 
_refine_ls_restr.type 
_refine_ls_restr.weight 
_refine_ls_restr.pdbx_restraint_function 
'X-RAY DIFFRACTION' ? 0.010  ? 458 ? f_bond_d           ? ? 
'X-RAY DIFFRACTION' ? 1.802  ? 704 ? f_angle_d          ? ? 
'X-RAY DIFFRACTION' ? 37.402 ? 198 ? f_dihedral_angle_d ? ? 
'X-RAY DIFFRACTION' ? 0.271  ? 78  ? f_chiral_restr     ? ? 
'X-RAY DIFFRACTION' ? 0.018  ? 22  ? f_plane_restr      ? ? 
# 
loop_
_refine_ls_shell.pdbx_refine_id 
_refine_ls_shell.d_res_high 
_refine_ls_shell.d_res_low 
_refine_ls_shell.number_reflns_all 
_refine_ls_shell.number_reflns_obs 
_refine_ls_shell.number_reflns_R_free 
_refine_ls_shell.number_reflns_R_work 
_refine_ls_shell.percent_reflns_obs 
_refine_ls_shell.percent_reflns_R_free 
_refine_ls_shell.R_factor_all 
_refine_ls_shell.R_factor_obs 
_refine_ls_shell.R_factor_R_free 
_refine_ls_shell.R_factor_R_free_error 
_refine_ls_shell.R_factor_R_work 
_refine_ls_shell.redundancy_reflns_all 
_refine_ls_shell.redundancy_reflns_obs 
_refine_ls_shell.wR_factor_all 
_refine_ls_shell.wR_factor_obs 
_refine_ls_shell.wR_factor_R_free 
_refine_ls_shell.wR_factor_R_work 
_refine_ls_shell.pdbx_total_number_of_bins_used 
_refine_ls_shell.pdbx_phase_error 
_refine_ls_shell.pdbx_fsc_work 
_refine_ls_shell.pdbx_fsc_free 
'X-RAY DIFFRACTION' 1.0596 1.1078  . . 129 2539 98.00  . . . 0.1492 . 0.1356 . . . . . . . . . . 
'X-RAY DIFFRACTION' 1.1078 1.1663  . . 132 2549 99.00  . . . 0.1630 . 0.1394 . . . . . . . . . . 
'X-RAY DIFFRACTION' 1.1663 1.2393  . . 146 2561 99.00  . . . 0.1634 . 0.1381 . . . . . . . . . . 
'X-RAY DIFFRACTION' 1.2393 1.3350  . . 129 2523 98.00  . . . 0.1852 . 0.1476 . . . . . . . . . . 
'X-RAY DIFFRACTION' 1.3350 1.4694  . . 125 2581 100.00 . . . 0.1852 . 0.1544 . . . . . . . . . . 
'X-RAY DIFFRACTION' 1.4694 1.6820  . . 141 2501 97.00  . . . 0.1945 . 0.1554 . . . . . . . . . . 
'X-RAY DIFFRACTION' 1.6820 2.1190  . . 135 2546 98.00  . . . 0.1720 . 0.1606 . . . . . . . . . . 
'X-RAY DIFFRACTION' 2.1190 29.7515 . . 159 2480 94.00  . . . 0.1914 . 0.1668 . . . . . . . . . . 
# 
_struct.entry_id                     5ZAT 
_struct.title                        'Crystal structure of 5-carboxylcytosine containing decamer dsDNA' 
_struct.pdbx_model_details           ? 
_struct.pdbx_formula_weight          ? 
_struct.pdbx_formula_weight_method   ? 
_struct.pdbx_model_type_details      ? 
_struct.pdbx_CASP_flag               N 
# 
_struct_keywords.entry_id        5ZAT 
_struct_keywords.text            'Cytosine Modification, DNA' 
_struct_keywords.pdbx_keywords   DNA 
# 
loop_
_struct_asym.id 
_struct_asym.pdbx_blank_PDB_chainid_flag 
_struct_asym.pdbx_modified 
_struct_asym.entity_id 
_struct_asym.details 
A N N 1 ? 
B N N 1 ? 
C N N 2 ? 
D N N 2 ? 
# 
_struct_ref.id                         1 
_struct_ref.db_name                    PDB 
_struct_ref.db_code                    5ZAT 
_struct_ref.pdbx_db_accession          5ZAT 
_struct_ref.pdbx_db_isoform            ? 
_struct_ref.entity_id                  1 
_struct_ref.pdbx_seq_one_letter_code   ? 
_struct_ref.pdbx_align_begin           1 
# 
loop_
_struct_ref_seq.align_id 
_struct_ref_seq.ref_id 
_struct_ref_seq.pdbx_PDB_id_code 
_struct_ref_seq.pdbx_strand_id 
_struct_ref_seq.seq_align_beg 
_struct_ref_seq.pdbx_seq_align_beg_ins_code 
_struct_ref_seq.seq_align_end 
_struct_ref_seq.pdbx_seq_align_end_ins_code 
_struct_ref_seq.pdbx_db_accession 
_struct_ref_seq.db_align_beg 
_struct_ref_seq.pdbx_db_align_beg_ins_code 
_struct_ref_seq.db_align_end 
_struct_ref_seq.pdbx_db_align_end_ins_code 
_struct_ref_seq.pdbx_auth_seq_align_beg 
_struct_ref_seq.pdbx_auth_seq_align_end 
1 1 5ZAT A 1 ? 10 ? 5ZAT 1 ? 10 ? 1 10 
2 1 5ZAT B 1 ? 10 ? 5ZAT 1 ? 10 ? 1 10 
# 
_pdbx_struct_assembly.id                   1 
_pdbx_struct_assembly.details              author_and_software_defined_assembly 
_pdbx_struct_assembly.method_details       PISA 
_pdbx_struct_assembly.oligomeric_details   dimeric 
_pdbx_struct_assembly.oligomeric_count     2 
# 
loop_
_pdbx_struct_assembly_prop.biol_id 
_pdbx_struct_assembly_prop.type 
_pdbx_struct_assembly_prop.value 
_pdbx_struct_assembly_prop.details 
1 'ABSA (A^2)' 1000 ? 
1 MORE         -5   ? 
1 'SSA (A^2)'  3820 ? 
# 
_pdbx_struct_assembly_gen.assembly_id       1 
_pdbx_struct_assembly_gen.oper_expression   1 
_pdbx_struct_assembly_gen.asym_id_list      A,B,C,D 
# 
_pdbx_struct_assembly_auth_evidence.id                     1 
_pdbx_struct_assembly_auth_evidence.assembly_id            1 
_pdbx_struct_assembly_auth_evidence.experimental_support   none 
_pdbx_struct_assembly_auth_evidence.details                ? 
# 
_pdbx_struct_oper_list.id                   1 
_pdbx_struct_oper_list.type                 'identity operation' 
_pdbx_struct_oper_list.name                 1_555 
_pdbx_struct_oper_list.symmetry_operation   x,y,z 
_pdbx_struct_oper_list.matrix[1][1]         1.0000000000 
_pdbx_struct_oper_list.matrix[1][2]         0.0000000000 
_pdbx_struct_oper_list.matrix[1][3]         0.0000000000 
_pdbx_struct_oper_list.vector[1]            0.0000000000 
_pdbx_struct_oper_list.matrix[2][1]         0.0000000000 
_pdbx_struct_oper_list.matrix[2][2]         1.0000000000 
_pdbx_struct_oper_list.matrix[2][3]         0.0000000000 
_pdbx_struct_oper_list.vector[2]            0.0000000000 
_pdbx_struct_oper_list.matrix[3][1]         0.0000000000 
_pdbx_struct_oper_list.matrix[3][2]         0.0000000000 
_pdbx_struct_oper_list.matrix[3][3]         1.0000000000 
_pdbx_struct_oper_list.vector[3]            0.0000000000 
# 
loop_
_struct_conn.id 
_struct_conn.conn_type_id 
_struct_conn.pdbx_leaving_atom_flag 
_struct_conn.pdbx_PDB_id 
_struct_conn.ptnr1_label_asym_id 
_struct_conn.ptnr1_label_comp_id 
_struct_conn.ptnr1_label_seq_id 
_struct_conn.ptnr1_label_atom_id 
_struct_conn.pdbx_ptnr1_label_alt_id 
_struct_conn.pdbx_ptnr1_PDB_ins_code 
_struct_conn.pdbx_ptnr1_standard_comp_id 
_struct_conn.ptnr1_symmetry 
_struct_conn.ptnr2_label_asym_id 
_struct_conn.ptnr2_label_comp_id 
_struct_conn.ptnr2_label_seq_id 
_struct_conn.ptnr2_label_atom_id 
_struct_conn.pdbx_ptnr2_label_alt_id 
_struct_conn.pdbx_ptnr2_PDB_ins_code 
_struct_conn.ptnr1_auth_asym_id 
_struct_conn.ptnr1_auth_comp_id 
_struct_conn.ptnr1_auth_seq_id 
_struct_conn.ptnr2_auth_asym_id 
_struct_conn.ptnr2_auth_comp_id 
_struct_conn.ptnr2_auth_seq_id 
_struct_conn.ptnr2_symmetry 
_struct_conn.pdbx_ptnr3_label_atom_id 
_struct_conn.pdbx_ptnr3_label_seq_id 
_struct_conn.pdbx_ptnr3_label_comp_id 
_struct_conn.pdbx_ptnr3_label_asym_id 
_struct_conn.pdbx_ptnr3_label_alt_id 
_struct_conn.pdbx_ptnr3_PDB_ins_code 
_struct_conn.details 
_struct_conn.pdbx_dist_value 
_struct_conn.pdbx_value_order 
_struct_conn.pdbx_role 
covale1  covale both ? A DG  4  "O3'" ? ? ? 1_555 A 1CC 5  P  ? ? A DG  4  A 1CC 5  1_555 ? ? ? ? ? ? ?            1.611 ? ? 
covale2  covale one  ? A 1CC 5  "O3'" ? ? ? 1_555 A DG  6  P  ? ? A 1CC 5  A DG  6  1_555 ? ? ? ? ? ? ?            1.607 ? ? 
covale3  covale both ? B DG  4  "O3'" ? ? ? 1_555 B 1CC 5  P  ? ? B DG  4  B 1CC 5  1_555 ? ? ? ? ? ? ?            1.605 ? ? 
covale4  covale one  ? B 1CC 5  "O3'" ? ? ? 1_555 B DG  6  P  ? ? B 1CC 5  B DG  6  1_555 ? ? ? ? ? ? ?            1.591 ? ? 
hydrog1  hydrog ?    ? A DC  1  N3    ? ? ? 1_555 B DG  10 N1 ? ? A DC  1  B DG  10 1_555 ? ? ? ? ? ? WATSON-CRICK ?     ? ? 
hydrog2  hydrog ?    ? A DC  1  N4    ? ? ? 1_555 B DG  10 O6 ? ? A DC  1  B DG  10 1_555 ? ? ? ? ? ? WATSON-CRICK ?     ? ? 
hydrog3  hydrog ?    ? A DC  1  O2    ? ? ? 1_555 B DG  10 N2 ? ? A DC  1  B DG  10 1_555 ? ? ? ? ? ? WATSON-CRICK ?     ? ? 
hydrog4  hydrog ?    ? A DC  2  N3    ? ? ? 1_555 B DG  9  N1 ? ? A DC  2  B DG  9  1_555 ? ? ? ? ? ? WATSON-CRICK ?     ? ? 
hydrog5  hydrog ?    ? A DC  2  N4    ? ? ? 1_555 B DG  9  O6 ? ? A DC  2  B DG  9  1_555 ? ? ? ? ? ? WATSON-CRICK ?     ? ? 
hydrog6  hydrog ?    ? A DC  2  O2    ? ? ? 1_555 B DG  9  N2 ? ? A DC  2  B DG  9  1_555 ? ? ? ? ? ? WATSON-CRICK ?     ? ? 
hydrog7  hydrog ?    ? A DA  3  N1    ? ? ? 1_555 B DT  8  N3 ? ? A DA  3  B DT  8  1_555 ? ? ? ? ? ? WATSON-CRICK ?     ? ? 
hydrog8  hydrog ?    ? A DA  3  N6    ? ? ? 1_555 B DT  8  O4 ? ? A DA  3  B DT  8  1_555 ? ? ? ? ? ? WATSON-CRICK ?     ? ? 
hydrog9  hydrog ?    ? A DG  4  N1    ? ? ? 1_555 B DC  7  N3 ? ? A DG  4  B DC  7  1_555 ? ? ? ? ? ? WATSON-CRICK ?     ? ? 
hydrog10 hydrog ?    ? A DG  4  N2    ? ? ? 1_555 B DC  7  O2 ? ? A DG  4  B DC  7  1_555 ? ? ? ? ? ? WATSON-CRICK ?     ? ? 
hydrog11 hydrog ?    ? A DG  4  O6    ? ? ? 1_555 B DC  7  N4 ? ? A DG  4  B DC  7  1_555 ? ? ? ? ? ? WATSON-CRICK ?     ? ? 
hydrog12 hydrog ?    ? A 1CC 5  N3    ? ? ? 1_555 B DG  6  N1 ? ? A 1CC 5  B DG  6  1_555 ? ? ? ? ? ? WATSON-CRICK ?     ? ? 
hydrog13 hydrog ?    ? A 1CC 5  N4    ? ? ? 1_555 B DG  6  O6 ? ? A 1CC 5  B DG  6  1_555 ? ? ? ? ? ? WATSON-CRICK ?     ? ? 
hydrog14 hydrog ?    ? A 1CC 5  O2    ? ? ? 1_555 B DG  6  N2 ? ? A 1CC 5  B DG  6  1_555 ? ? ? ? ? ? WATSON-CRICK ?     ? ? 
hydrog15 hydrog ?    ? A DG  6  N1    ? ? ? 1_555 B 1CC 5  N3 ? ? A DG  6  B 1CC 5  1_555 ? ? ? ? ? ? WATSON-CRICK ?     ? ? 
hydrog16 hydrog ?    ? A DG  6  N2    ? ? ? 1_555 B 1CC 5  O2 ? ? A DG  6  B 1CC 5  1_555 ? ? ? ? ? ? WATSON-CRICK ?     ? ? 
hydrog17 hydrog ?    ? A DG  6  O6    ? ? ? 1_555 B 1CC 5  N4 ? ? A DG  6  B 1CC 5  1_555 ? ? ? ? ? ? WATSON-CRICK ?     ? ? 
hydrog18 hydrog ?    ? A DC  7  N3    ? ? ? 1_555 B DG  4  N1 ? ? A DC  7  B DG  4  1_555 ? ? ? ? ? ? WATSON-CRICK ?     ? ? 
hydrog19 hydrog ?    ? A DC  7  N4    ? ? ? 1_555 B DG  4  O6 ? ? A DC  7  B DG  4  1_555 ? ? ? ? ? ? WATSON-CRICK ?     ? ? 
hydrog20 hydrog ?    ? A DC  7  O2    ? ? ? 1_555 B DG  4  N2 ? ? A DC  7  B DG  4  1_555 ? ? ? ? ? ? WATSON-CRICK ?     ? ? 
hydrog21 hydrog ?    ? A DT  8  N3    ? ? ? 1_555 B DA  3  N1 ? ? A DT  8  B DA  3  1_555 ? ? ? ? ? ? WATSON-CRICK ?     ? ? 
hydrog22 hydrog ?    ? A DT  8  O4    ? ? ? 1_555 B DA  3  N6 ? ? A DT  8  B DA  3  1_555 ? ? ? ? ? ? WATSON-CRICK ?     ? ? 
hydrog23 hydrog ?    ? A DG  9  N1    ? ? ? 1_555 B DC  2  N3 ? ? A DG  9  B DC  2  1_555 ? ? ? ? ? ? WATSON-CRICK ?     ? ? 
hydrog24 hydrog ?    ? A DG  9  N2    ? ? ? 1_555 B DC  2  O2 ? ? A DG  9  B DC  2  1_555 ? ? ? ? ? ? WATSON-CRICK ?     ? ? 
hydrog25 hydrog ?    ? A DG  9  O6    ? ? ? 1_555 B DC  2  N4 ? ? A DG  9  B DC  2  1_555 ? ? ? ? ? ? WATSON-CRICK ?     ? ? 
hydrog26 hydrog ?    ? A DG  10 N1    ? ? ? 1_555 B DC  1  N3 ? ? A DG  10 B DC  1  1_555 ? ? ? ? ? ? WATSON-CRICK ?     ? ? 
hydrog27 hydrog ?    ? A DG  10 N2    ? ? ? 1_555 B DC  1  O2 ? ? A DG  10 B DC  1  1_555 ? ? ? ? ? ? WATSON-CRICK ?     ? ? 
hydrog28 hydrog ?    ? A DG  10 O6    ? ? ? 1_555 B DC  1  N4 ? ? A DG  10 B DC  1  1_555 ? ? ? ? ? ? WATSON-CRICK ?     ? ? 
# 
loop_
_struct_conn_type.id 
_struct_conn_type.criteria 
_struct_conn_type.reference 
covale ? ? 
hydrog ? ? 
# 
loop_
_pdbx_validate_close_contact.id 
_pdbx_validate_close_contact.PDB_model_num 
_pdbx_validate_close_contact.auth_atom_id_1 
_pdbx_validate_close_contact.auth_asym_id_1 
_pdbx_validate_close_contact.auth_comp_id_1 
_pdbx_validate_close_contact.auth_seq_id_1 
_pdbx_validate_close_contact.PDB_ins_code_1 
_pdbx_validate_close_contact.label_alt_id_1 
_pdbx_validate_close_contact.auth_atom_id_2 
_pdbx_validate_close_contact.auth_asym_id_2 
_pdbx_validate_close_contact.auth_comp_id_2 
_pdbx_validate_close_contact.auth_seq_id_2 
_pdbx_validate_close_contact.PDB_ins_code_2 
_pdbx_validate_close_contact.label_alt_id_2 
_pdbx_validate_close_contact.dist 
1  1 O A HOH 154 ? ? O A HOH 164 ? ? 2.02 
2  1 O B HOH 108 ? ? O B HOH 123 ? ? 2.04 
3  1 O A HOH 170 ? ? O B HOH 156 ? ? 2.04 
4  1 O B HOH 107 ? ? O B HOH 123 ? ? 2.06 
5  1 O B HOH 127 ? ? O B HOH 165 ? ? 2.06 
6  1 O A HOH 170 ? ? O B HOH 155 ? ? 2.07 
7  1 O B HOH 151 ? ? O B HOH 165 ? ? 2.07 
8  1 O A HOH 185 ? ? O B HOH 165 ? ? 2.08 
9  1 O A HOH 161 ? ? O A HOH 178 ? ? 2.08 
10 1 O A HOH 135 ? ? O A HOH 170 ? ? 2.08 
11 1 O A HOH 179 ? ? O B HOH 153 ? ? 2.09 
12 1 O A HOH 123 ? ? O A HOH 179 ? ? 2.09 
13 1 O A HOH 170 ? ? O B HOH 160 ? ? 2.11 
14 1 O A HOH 158 ? ? O B HOH 165 ? ? 2.12 
15 1 O A HOH 122 ? ? O A HOH 179 ? ? 2.12 
16 1 O A HOH 164 ? ? O A HOH 193 ? ? 2.12 
17 1 O A HOH 159 ? ? O A HOH 170 ? ? 2.13 
18 1 O B HOH 115 ? ? O B HOH 139 ? ? 2.14 
19 1 O A HOH 104 ? ? O B HOH 166 ? ? 2.16 
20 1 O A HOH 170 ? ? O A HOH 174 ? ? 2.16 
21 1 O A HOH 150 ? ? O B HOH 115 ? ? 2.18 
22 1 O A HOH 178 ? ? O A HOH 192 ? ? 2.18 
23 1 O A HOH 110 ? ? O B HOH 163 ? ? 2.19 
# 
loop_
_pdbx_validate_symm_contact.id 
_pdbx_validate_symm_contact.PDB_model_num 
_pdbx_validate_symm_contact.auth_atom_id_1 
_pdbx_validate_symm_contact.auth_asym_id_1 
_pdbx_validate_symm_contact.auth_comp_id_1 
_pdbx_validate_symm_contact.auth_seq_id_1 
_pdbx_validate_symm_contact.PDB_ins_code_1 
_pdbx_validate_symm_contact.label_alt_id_1 
_pdbx_validate_symm_contact.site_symmetry_1 
_pdbx_validate_symm_contact.auth_atom_id_2 
_pdbx_validate_symm_contact.auth_asym_id_2 
_pdbx_validate_symm_contact.auth_comp_id_2 
_pdbx_validate_symm_contact.auth_seq_id_2 
_pdbx_validate_symm_contact.PDB_ins_code_2 
_pdbx_validate_symm_contact.label_alt_id_2 
_pdbx_validate_symm_contact.site_symmetry_2 
_pdbx_validate_symm_contact.dist 
1  1 O A HOH 178 ? ? 1_555 O B HOH 107 ? ? 2_355 2.02 
2  1 O B HOH 111 ? ? 1_555 O B HOH 165 ? ? 1_554 2.05 
3  1 O A HOH 164 ? ? 1_555 O B HOH 128 ? ? 2_244 2.06 
4  1 O A HOH 137 ? ? 1_555 O A HOH 179 ? ? 1_655 2.08 
5  1 O A HOH 112 ? ? 1_555 O A HOH 178 ? ? 2_345 2.10 
6  1 O B HOH 125 ? ? 1_555 O B HOH 165 ? ? 1_554 2.13 
7  1 O A HOH 164 ? ? 1_555 O B HOH 139 ? ? 2_244 2.14 
8  1 O A HOH 111 ? ? 1_555 O A HOH 183 ? ? 2_254 2.15 
9  1 O A HOH 179 ? ? 1_555 O A HOH 180 ? ? 1_455 2.16 
10 1 O A HOH 150 ? ? 1_555 O A HOH 164 ? ? 2_254 2.16 
11 1 O A HOH 161 ? ? 1_555 O B HOH 123 ? ? 2_355 2.19 
# 
loop_
_pdbx_distant_solvent_atoms.id 
_pdbx_distant_solvent_atoms.PDB_model_num 
_pdbx_distant_solvent_atoms.auth_atom_id 
_pdbx_distant_solvent_atoms.label_alt_id 
_pdbx_distant_solvent_atoms.auth_asym_id 
_pdbx_distant_solvent_atoms.auth_comp_id 
_pdbx_distant_solvent_atoms.auth_seq_id 
_pdbx_distant_solvent_atoms.PDB_ins_code 
_pdbx_distant_solvent_atoms.neighbor_macromolecule_distance 
_pdbx_distant_solvent_atoms.neighbor_ligand_distance 
1 1 O ? A HOH 194 ? 6.16 . 
2 1 O ? A HOH 195 ? 6.55 . 
3 1 O ? B HOH 178 ? 6.34 . 
4 1 O ? B HOH 179 ? 7.45 . 
# 
loop_
_chem_comp_atom.comp_id 
_chem_comp_atom.atom_id 
_chem_comp_atom.type_symbol 
_chem_comp_atom.pdbx_aromatic_flag 
_chem_comp_atom.pdbx_stereo_config 
_chem_comp_atom.pdbx_ordinal 
1CC P      P N N 1   
1CC OP1    O N N 2   
1CC OP2    O N N 3   
1CC "O5'"  O N N 4   
1CC "C5'"  C N N 5   
1CC "C4'"  C N R 6   
1CC "C3'"  C N S 7   
1CC "C2'"  C N N 8   
1CC "C1'"  C N R 9   
1CC "O4'"  O N N 10  
1CC N1     N N N 11  
1CC C6     C N N 12  
1CC C5     C N N 13  
1CC C4     C N N 14  
1CC N4     N N N 15  
1CC N3     N N N 16  
1CC C2     C N N 17  
1CC O2     O N N 18  
1CC C21    C N N 19  
1CC O22    O N N 20  
1CC O23    O N N 21  
1CC "O3'"  O N N 22  
1CC HOP2   H N N 23  
1CC "H5''" H N N 24  
1CC "H5'"  H N N 25  
1CC "H4'"  H N N 26  
1CC "H3'"  H N N 27  
1CC "H2''" H N N 28  
1CC "H2'"  H N N 29  
1CC "H1'"  H N N 30  
1CC H6     H N N 31  
1CC H42    H N N 32  
1CC H41    H N N 33  
1CC H5     H N N 34  
1CC "HO3'" H N N 35  
1CC OP3    O N N 36  
1CC HOP3   H N N 37  
DA  OP3    O N N 38  
DA  P      P N N 39  
DA  OP1    O N N 40  
DA  OP2    O N N 41  
DA  "O5'"  O N N 42  
DA  "C5'"  C N N 43  
DA  "C4'"  C N R 44  
DA  "O4'"  O N N 45  
DA  "C3'"  C N S 46  
DA  "O3'"  O N N 47  
DA  "C2'"  C N N 48  
DA  "C1'"  C N R 49  
DA  N9     N Y N 50  
DA  C8     C Y N 51  
DA  N7     N Y N 52  
DA  C5     C Y N 53  
DA  C6     C Y N 54  
DA  N6     N N N 55  
DA  N1     N Y N 56  
DA  C2     C Y N 57  
DA  N3     N Y N 58  
DA  C4     C Y N 59  
DA  HOP3   H N N 60  
DA  HOP2   H N N 61  
DA  "H5'"  H N N 62  
DA  "H5''" H N N 63  
DA  "H4'"  H N N 64  
DA  "H3'"  H N N 65  
DA  "HO3'" H N N 66  
DA  "H2'"  H N N 67  
DA  "H2''" H N N 68  
DA  "H1'"  H N N 69  
DA  H8     H N N 70  
DA  H61    H N N 71  
DA  H62    H N N 72  
DA  H2     H N N 73  
DC  OP3    O N N 74  
DC  P      P N N 75  
DC  OP1    O N N 76  
DC  OP2    O N N 77  
DC  "O5'"  O N N 78  
DC  "C5'"  C N N 79  
DC  "C4'"  C N R 80  
DC  "O4'"  O N N 81  
DC  "C3'"  C N S 82  
DC  "O3'"  O N N 83  
DC  "C2'"  C N N 84  
DC  "C1'"  C N R 85  
DC  N1     N N N 86  
DC  C2     C N N 87  
DC  O2     O N N 88  
DC  N3     N N N 89  
DC  C4     C N N 90  
DC  N4     N N N 91  
DC  C5     C N N 92  
DC  C6     C N N 93  
DC  HOP3   H N N 94  
DC  HOP2   H N N 95  
DC  "H5'"  H N N 96  
DC  "H5''" H N N 97  
DC  "H4'"  H N N 98  
DC  "H3'"  H N N 99  
DC  "HO3'" H N N 100 
DC  "H2'"  H N N 101 
DC  "H2''" H N N 102 
DC  "H1'"  H N N 103 
DC  H41    H N N 104 
DC  H42    H N N 105 
DC  H5     H N N 106 
DC  H6     H N N 107 
DG  OP3    O N N 108 
DG  P      P N N 109 
DG  OP1    O N N 110 
DG  OP2    O N N 111 
DG  "O5'"  O N N 112 
DG  "C5'"  C N N 113 
DG  "C4'"  C N R 114 
DG  "O4'"  O N N 115 
DG  "C3'"  C N S 116 
DG  "O3'"  O N N 117 
DG  "C2'"  C N N 118 
DG  "C1'"  C N R 119 
DG  N9     N Y N 120 
DG  C8     C Y N 121 
DG  N7     N Y N 122 
DG  C5     C Y N 123 
DG  C6     C N N 124 
DG  O6     O N N 125 
DG  N1     N N N 126 
DG  C2     C N N 127 
DG  N2     N N N 128 
DG  N3     N N N 129 
DG  C4     C Y N 130 
DG  HOP3   H N N 131 
DG  HOP2   H N N 132 
DG  "H5'"  H N N 133 
DG  "H5''" H N N 134 
DG  "H4'"  H N N 135 
DG  "H3'"  H N N 136 
DG  "HO3'" H N N 137 
DG  "H2'"  H N N 138 
DG  "H2''" H N N 139 
DG  "H1'"  H N N 140 
DG  H8     H N N 141 
DG  H1     H N N 142 
DG  H21    H N N 143 
DG  H22    H N N 144 
DT  OP3    O N N 145 
DT  P      P N N 146 
DT  OP1    O N N 147 
DT  OP2    O N N 148 
DT  "O5'"  O N N 149 
DT  "C5'"  C N N 150 
DT  "C4'"  C N R 151 
DT  "O4'"  O N N 152 
DT  "C3'"  C N S 153 
DT  "O3'"  O N N 154 
DT  "C2'"  C N N 155 
DT  "C1'"  C N R 156 
DT  N1     N N N 157 
DT  C2     C N N 158 
DT  O2     O N N 159 
DT  N3     N N N 160 
DT  C4     C N N 161 
DT  O4     O N N 162 
DT  C5     C N N 163 
DT  C7     C N N 164 
DT  C6     C N N 165 
DT  HOP3   H N N 166 
DT  HOP2   H N N 167 
DT  "H5'"  H N N 168 
DT  "H5''" H N N 169 
DT  "H4'"  H N N 170 
DT  "H3'"  H N N 171 
DT  "HO3'" H N N 172 
DT  "H2'"  H N N 173 
DT  "H2''" H N N 174 
DT  "H1'"  H N N 175 
DT  H3     H N N 176 
DT  H71    H N N 177 
DT  H72    H N N 178 
DT  H73    H N N 179 
DT  H6     H N N 180 
HOH O      O N N 181 
HOH H1     H N N 182 
HOH H2     H N N 183 
# 
loop_
_chem_comp_bond.comp_id 
_chem_comp_bond.atom_id_1 
_chem_comp_bond.atom_id_2 
_chem_comp_bond.value_order 
_chem_comp_bond.pdbx_aromatic_flag 
_chem_comp_bond.pdbx_stereo_config 
_chem_comp_bond.pdbx_ordinal 
1CC O22   C21    doub N N 1   
1CC N4    C4     sing N N 2   
1CC C21   O23    sing N N 3   
1CC C21   C5     sing N N 4   
1CC OP1   P      doub N N 5   
1CC C4    C5     sing N N 6   
1CC C4    N3     doub N N 7   
1CC C5    C6     doub N N 8   
1CC N3    C2     sing N N 9   
1CC OP2   P      sing N N 10  
1CC C6    N1     sing N N 11  
1CC P     "O5'"  sing N N 12  
1CC C2    N1     sing N N 13  
1CC C2    O2     doub N N 14  
1CC N1    "C1'"  sing N N 15  
1CC "O5'" "C5'"  sing N N 16  
1CC "C5'" "C4'"  sing N N 17  
1CC "C2'" "C1'"  sing N N 18  
1CC "C2'" "C3'"  sing N N 19  
1CC "C1'" "O4'"  sing N N 20  
1CC "C3'" "C4'"  sing N N 21  
1CC "C3'" "O3'"  sing N N 22  
1CC "O4'" "C4'"  sing N N 23  
1CC OP2   HOP2   sing N N 24  
1CC "C5'" "H5''" sing N N 25  
1CC "C5'" "H5'"  sing N N 26  
1CC "C4'" "H4'"  sing N N 27  
1CC "C3'" "H3'"  sing N N 28  
1CC "C2'" "H2''" sing N N 29  
1CC "C2'" "H2'"  sing N N 30  
1CC "C1'" "H1'"  sing N N 31  
1CC C6    H6     sing N N 32  
1CC N4    H42    sing N N 33  
1CC N4    H41    sing N N 34  
1CC O23   H5     sing N N 35  
1CC "O3'" "HO3'" sing N N 36  
1CC P     OP3    sing N N 37  
1CC OP3   HOP3   sing N N 38  
DA  OP3   P      sing N N 39  
DA  OP3   HOP3   sing N N 40  
DA  P     OP1    doub N N 41  
DA  P     OP2    sing N N 42  
DA  P     "O5'"  sing N N 43  
DA  OP2   HOP2   sing N N 44  
DA  "O5'" "C5'"  sing N N 45  
DA  "C5'" "C4'"  sing N N 46  
DA  "C5'" "H5'"  sing N N 47  
DA  "C5'" "H5''" sing N N 48  
DA  "C4'" "O4'"  sing N N 49  
DA  "C4'" "C3'"  sing N N 50  
DA  "C4'" "H4'"  sing N N 51  
DA  "O4'" "C1'"  sing N N 52  
DA  "C3'" "O3'"  sing N N 53  
DA  "C3'" "C2'"  sing N N 54  
DA  "C3'" "H3'"  sing N N 55  
DA  "O3'" "HO3'" sing N N 56  
DA  "C2'" "C1'"  sing N N 57  
DA  "C2'" "H2'"  sing N N 58  
DA  "C2'" "H2''" sing N N 59  
DA  "C1'" N9     sing N N 60  
DA  "C1'" "H1'"  sing N N 61  
DA  N9    C8     sing Y N 62  
DA  N9    C4     sing Y N 63  
DA  C8    N7     doub Y N 64  
DA  C8    H8     sing N N 65  
DA  N7    C5     sing Y N 66  
DA  C5    C6     sing Y N 67  
DA  C5    C4     doub Y N 68  
DA  C6    N6     sing N N 69  
DA  C6    N1     doub Y N 70  
DA  N6    H61    sing N N 71  
DA  N6    H62    sing N N 72  
DA  N1    C2     sing Y N 73  
DA  C2    N3     doub Y N 74  
DA  C2    H2     sing N N 75  
DA  N3    C4     sing Y N 76  
DC  OP3   P      sing N N 77  
DC  OP3   HOP3   sing N N 78  
DC  P     OP1    doub N N 79  
DC  P     OP2    sing N N 80  
DC  P     "O5'"  sing N N 81  
DC  OP2   HOP2   sing N N 82  
DC  "O5'" "C5'"  sing N N 83  
DC  "C5'" "C4'"  sing N N 84  
DC  "C5'" "H5'"  sing N N 85  
DC  "C5'" "H5''" sing N N 86  
DC  "C4'" "O4'"  sing N N 87  
DC  "C4'" "C3'"  sing N N 88  
DC  "C4'" "H4'"  sing N N 89  
DC  "O4'" "C1'"  sing N N 90  
DC  "C3'" "O3'"  sing N N 91  
DC  "C3'" "C2'"  sing N N 92  
DC  "C3'" "H3'"  sing N N 93  
DC  "O3'" "HO3'" sing N N 94  
DC  "C2'" "C1'"  sing N N 95  
DC  "C2'" "H2'"  sing N N 96  
DC  "C2'" "H2''" sing N N 97  
DC  "C1'" N1     sing N N 98  
DC  "C1'" "H1'"  sing N N 99  
DC  N1    C2     sing N N 100 
DC  N1    C6     sing N N 101 
DC  C2    O2     doub N N 102 
DC  C2    N3     sing N N 103 
DC  N3    C4     doub N N 104 
DC  C4    N4     sing N N 105 
DC  C4    C5     sing N N 106 
DC  N4    H41    sing N N 107 
DC  N4    H42    sing N N 108 
DC  C5    C6     doub N N 109 
DC  C5    H5     sing N N 110 
DC  C6    H6     sing N N 111 
DG  OP3   P      sing N N 112 
DG  OP3   HOP3   sing N N 113 
DG  P     OP1    doub N N 114 
DG  P     OP2    sing N N 115 
DG  P     "O5'"  sing N N 116 
DG  OP2   HOP2   sing N N 117 
DG  "O5'" "C5'"  sing N N 118 
DG  "C5'" "C4'"  sing N N 119 
DG  "C5'" "H5'"  sing N N 120 
DG  "C5'" "H5''" sing N N 121 
DG  "C4'" "O4'"  sing N N 122 
DG  "C4'" "C3'"  sing N N 123 
DG  "C4'" "H4'"  sing N N 124 
DG  "O4'" "C1'"  sing N N 125 
DG  "C3'" "O3'"  sing N N 126 
DG  "C3'" "C2'"  sing N N 127 
DG  "C3'" "H3'"  sing N N 128 
DG  "O3'" "HO3'" sing N N 129 
DG  "C2'" "C1'"  sing N N 130 
DG  "C2'" "H2'"  sing N N 131 
DG  "C2'" "H2''" sing N N 132 
DG  "C1'" N9     sing N N 133 
DG  "C1'" "H1'"  sing N N 134 
DG  N9    C8     sing Y N 135 
DG  N9    C4     sing Y N 136 
DG  C8    N7     doub Y N 137 
DG  C8    H8     sing N N 138 
DG  N7    C5     sing Y N 139 
DG  C5    C6     sing N N 140 
DG  C5    C4     doub Y N 141 
DG  C6    O6     doub N N 142 
DG  C6    N1     sing N N 143 
DG  N1    C2     sing N N 144 
DG  N1    H1     sing N N 145 
DG  C2    N2     sing N N 146 
DG  C2    N3     doub N N 147 
DG  N2    H21    sing N N 148 
DG  N2    H22    sing N N 149 
DG  N3    C4     sing N N 150 
DT  OP3   P      sing N N 151 
DT  OP3   HOP3   sing N N 152 
DT  P     OP1    doub N N 153 
DT  P     OP2    sing N N 154 
DT  P     "O5'"  sing N N 155 
DT  OP2   HOP2   sing N N 156 
DT  "O5'" "C5'"  sing N N 157 
DT  "C5'" "C4'"  sing N N 158 
DT  "C5'" "H5'"  sing N N 159 
DT  "C5'" "H5''" sing N N 160 
DT  "C4'" "O4'"  sing N N 161 
DT  "C4'" "C3'"  sing N N 162 
DT  "C4'" "H4'"  sing N N 163 
DT  "O4'" "C1'"  sing N N 164 
DT  "C3'" "O3'"  sing N N 165 
DT  "C3'" "C2'"  sing N N 166 
DT  "C3'" "H3'"  sing N N 167 
DT  "O3'" "HO3'" sing N N 168 
DT  "C2'" "C1'"  sing N N 169 
DT  "C2'" "H2'"  sing N N 170 
DT  "C2'" "H2''" sing N N 171 
DT  "C1'" N1     sing N N 172 
DT  "C1'" "H1'"  sing N N 173 
DT  N1    C2     sing N N 174 
DT  N1    C6     sing N N 175 
DT  C2    O2     doub N N 176 
DT  C2    N3     sing N N 177 
DT  N3    C4     sing N N 178 
DT  N3    H3     sing N N 179 
DT  C4    O4     doub N N 180 
DT  C4    C5     sing N N 181 
DT  C5    C7     sing N N 182 
DT  C5    C6     doub N N 183 
DT  C7    H71    sing N N 184 
DT  C7    H72    sing N N 185 
DT  C7    H73    sing N N 186 
DT  C6    H6     sing N N 187 
HOH O     H1     sing N N 188 
HOH O     H2     sing N N 189 
# 
loop_
_ndb_struct_conf_na.entry_id 
_ndb_struct_conf_na.feature 
5ZAT 'double helix'        
5ZAT 'b-form double helix' 
# 
loop_
_ndb_struct_na_base_pair.model_number 
_ndb_struct_na_base_pair.i_label_asym_id 
_ndb_struct_na_base_pair.i_label_comp_id 
_ndb_struct_na_base_pair.i_label_seq_id 
_ndb_struct_na_base_pair.i_symmetry 
_ndb_struct_na_base_pair.j_label_asym_id 
_ndb_struct_na_base_pair.j_label_comp_id 
_ndb_struct_na_base_pair.j_label_seq_id 
_ndb_struct_na_base_pair.j_symmetry 
_ndb_struct_na_base_pair.shear 
_ndb_struct_na_base_pair.stretch 
_ndb_struct_na_base_pair.stagger 
_ndb_struct_na_base_pair.buckle 
_ndb_struct_na_base_pair.propeller 
_ndb_struct_na_base_pair.opening 
_ndb_struct_na_base_pair.pair_number 
_ndb_struct_na_base_pair.pair_name 
_ndb_struct_na_base_pair.i_auth_asym_id 
_ndb_struct_na_base_pair.i_auth_seq_id 
_ndb_struct_na_base_pair.i_PDB_ins_code 
_ndb_struct_na_base_pair.j_auth_asym_id 
_ndb_struct_na_base_pair.j_auth_seq_id 
_ndb_struct_na_base_pair.j_PDB_ins_code 
_ndb_struct_na_base_pair.hbond_type_28 
_ndb_struct_na_base_pair.hbond_type_12 
1 A DC  1  1_555 B DG  10 1_555 0.265  -0.178 0.126  -4.461  -14.494 1.110  1  A_DC1:DG10_B A 1  ? B 10 ? 19 1 
1 A DC  2  1_555 B DG  9  1_555 0.199  -0.150 0.152  0.493   -10.085 -2.062 2  A_DC2:DG9_B  A 2  ? B 9  ? 19 1 
1 A DA  3  1_555 B DT  8  1_555 0.172  -0.096 0.071  -1.094  -18.539 0.191  3  A_DA3:DT8_B  A 3  ? B 8  ? 20 1 
1 A DG  4  1_555 B DC  7  1_555 -0.247 -0.155 0.117  -1.633  -9.625  -2.301 4  A_DG4:DC7_B  A 4  ? B 7  ? 19 1 
1 A 1CC 5  1_555 B DG  6  1_555 0.314  -0.078 0.228  -2.478  -12.352 -0.506 5  A_1CC5:DG6_B A 5  ? B 6  ? 19 1 
1 A DG  6  1_555 B 1CC 5  1_555 -0.199 -0.132 -0.048 5.178   -1.871  -1.219 6  A_DG6:1CC5_B A 6  ? B 5  ? 19 1 
1 A DC  7  1_555 B DG  4  1_555 0.206  -0.113 0.226  5.110   -16.322 -0.658 7  A_DC7:DG4_B  A 7  ? B 4  ? 19 1 
1 A DT  8  1_555 B DA  3  1_555 -0.109 -0.124 0.126  -2.005  -13.394 -0.782 8  A_DT8:DA3_B  A 8  ? B 3  ? 20 1 
1 A DG  9  1_555 B DC  2  1_555 -0.236 -0.115 -0.017 -10.311 -15.199 -0.921 9  A_DG9:DC2_B  A 9  ? B 2  ? 19 1 
1 A DG  10 1_555 B DC  1  1_555 -0.236 -0.158 0.077  4.335   -14.488 0.777  10 A_DG10:DC1_B A 10 ? B 1  ? 19 1 
# 
loop_
_ndb_struct_na_base_pair_step.model_number 
_ndb_struct_na_base_pair_step.i_label_asym_id_1 
_ndb_struct_na_base_pair_step.i_label_comp_id_1 
_ndb_struct_na_base_pair_step.i_label_seq_id_1 
_ndb_struct_na_base_pair_step.i_symmetry_1 
_ndb_struct_na_base_pair_step.j_label_asym_id_1 
_ndb_struct_na_base_pair_step.j_label_comp_id_1 
_ndb_struct_na_base_pair_step.j_label_seq_id_1 
_ndb_struct_na_base_pair_step.j_symmetry_1 
_ndb_struct_na_base_pair_step.i_label_asym_id_2 
_ndb_struct_na_base_pair_step.i_label_comp_id_2 
_ndb_struct_na_base_pair_step.i_label_seq_id_2 
_ndb_struct_na_base_pair_step.i_symmetry_2 
_ndb_struct_na_base_pair_step.j_label_asym_id_2 
_ndb_struct_na_base_pair_step.j_label_comp_id_2 
_ndb_struct_na_base_pair_step.j_label_seq_id_2 
_ndb_struct_na_base_pair_step.j_symmetry_2 
_ndb_struct_na_base_pair_step.shift 
_ndb_struct_na_base_pair_step.slide 
_ndb_struct_na_base_pair_step.rise 
_ndb_struct_na_base_pair_step.tilt 
_ndb_struct_na_base_pair_step.roll 
_ndb_struct_na_base_pair_step.twist 
_ndb_struct_na_base_pair_step.x_displacement 
_ndb_struct_na_base_pair_step.y_displacement 
_ndb_struct_na_base_pair_step.helical_rise 
_ndb_struct_na_base_pair_step.inclination 
_ndb_struct_na_base_pair_step.tip 
_ndb_struct_na_base_pair_step.helical_twist 
_ndb_struct_na_base_pair_step.step_number 
_ndb_struct_na_base_pair_step.step_name 
_ndb_struct_na_base_pair_step.i_auth_asym_id_1 
_ndb_struct_na_base_pair_step.i_auth_seq_id_1 
_ndb_struct_na_base_pair_step.i_PDB_ins_code_1 
_ndb_struct_na_base_pair_step.j_auth_asym_id_1 
_ndb_struct_na_base_pair_step.j_auth_seq_id_1 
_ndb_struct_na_base_pair_step.j_PDB_ins_code_1 
_ndb_struct_na_base_pair_step.i_auth_asym_id_2 
_ndb_struct_na_base_pair_step.i_auth_seq_id_2 
_ndb_struct_na_base_pair_step.i_PDB_ins_code_2 
_ndb_struct_na_base_pair_step.j_auth_asym_id_2 
_ndb_struct_na_base_pair_step.j_auth_seq_id_2 
_ndb_struct_na_base_pair_step.j_PDB_ins_code_2 
1 A DC  1 1_555 B DG  10 1_555 A DC  2  1_555 B DG  9 1_555 0.011  2.316  3.400 5.193  3.289  42.721 2.806  0.530  3.538 4.487   
-7.085 43.140 1 AA_DC1DC2:DG9DG10_BB  A 1 ? B 10 ? A 2  ? B 9 ? 
1 A DC  2 1_555 B DG  9  1_555 A DA  3  1_555 B DT  8 1_555 -1.094 2.179  3.347 -3.508 3.631  31.066 3.286  1.310  3.670 6.723   
6.496  31.463 2 AA_DC2DA3:DT8DG9_BB   A 2 ? B 9  ? A 3  ? B 8 ? 
1 A DA  3 1_555 B DT  8  1_555 A DG  4  1_555 B DC  7 1_555 0.035  2.247  3.283 -4.465 -8.039 48.521 3.262  -0.359 2.885 -9.681  
5.377  49.333 3 AA_DA3DG4:DC7DT8_BB   A 3 ? B 8  ? A 4  ? B 7 ? 
1 A DG  4 1_555 B DC  7  1_555 A 1CC 5  1_555 B DG  6 1_555 0.082  -0.396 3.339 -1.897 3.455  29.962 -1.470 -0.547 3.263 6.646   
3.650  30.214 4 AA_DG41CC5:DG6DC7_BB  A 4 ? B 7  ? A 5  ? B 6 ? 
1 A 1CC 5 1_555 B DG  6  1_555 A DG  6  1_555 B 1CC 5 1_555 1.091  1.098  3.168 5.182  5.132  34.735 1.036  -1.019 3.413 8.481   
-8.563 35.469 5 AA_1CC5DG6:1CC5DG6_BB A 5 ? B 6  ? A 6  ? B 5 ? 
1 A DG  6 1_555 B 1CC 5  1_555 A DC  7  1_555 B DG  4 1_555 -0.793 0.275  3.298 -3.323 0.599  36.406 0.355  0.797  3.358 0.956   
5.304  36.557 6 AA_DG6DC7:DG41CC5_BB  A 6 ? B 5  ? A 7  ? B 4 ? 
1 A DC  7 1_555 B DG  4  1_555 A DT  8  1_555 B DA  3 1_555 -0.463 0.046  3.394 2.050  5.063  35.164 -0.687 1.067  3.336 8.319   
-3.369 35.573 7 AA_DC7DT8:DA3DG4_BB   A 7 ? B 4  ? A 8  ? B 3 ? 
1 A DT  8 1_555 B DA  3  1_555 A DG  9  1_555 B DC  2 1_555 -0.320 3.311  3.396 -1.255 -9.417 51.428 4.356  0.284  2.797 -10.747 
1.433  52.239 8 AA_DT8DG9:DC2DA3_BB   A 8 ? B 3  ? A 9  ? B 2 ? 
1 A DG  9 1_555 B DC  2  1_555 A DG  10 1_555 B DC  1 1_555 0.933  1.247  3.089 -3.932 9.844  27.082 0.338  -2.718 3.175 20.072  
8.017  29.046 9 AA_DG9DG10:DC1DC2_BB  A 9 ? B 2  ? A 10 ? B 1 ? 
# 
_atom_sites.entry_id                    5ZAT 
_atom_sites.fract_transf_matrix[1][1]   -0.00363486 
_atom_sites.fract_transf_matrix[1][2]   -0.04507222 
_atom_sites.fract_transf_matrix[1][3]   0.00077668 
_atom_sites.fract_transf_matrix[2][1]   -0.02030239 
_atom_sites.fract_transf_matrix[2][2]   0.00131788 
_atom_sites.fract_transf_matrix[2][3]   -0.01853623 
_atom_sites.fract_transf_matrix[3][1]   0.02170966 
_atom_sites.fract_transf_matrix[3][2]   -0.00813048 
_atom_sites.fract_transf_matrix[3][3]   -0.02435624 
_atom_sites.fract_transf_vector[1]      -1.257073 
_atom_sites.fract_transf_vector[2]      0.046721 
_atom_sites.fract_transf_vector[3]      -0.247831 
# 
loop_
_atom_type.symbol 
C 
N 
O 
P 
# 
loop_
_atom_site.group_PDB 
_atom_site.id 
_atom_site.type_symbol 
_atom_site.label_atom_id 
_atom_site.label_alt_id 
_atom_site.label_comp_id 
_atom_site.label_asym_id 
_atom_site.label_entity_id 
_atom_site.label_seq_id 
_atom_site.pdbx_PDB_ins_code 
_atom_site.Cartn_x 
_atom_site.Cartn_y 
_atom_site.Cartn_z 
_atom_site.occupancy 
_atom_site.B_iso_or_equiv 
_atom_site.pdbx_formal_charge 
_atom_site.auth_seq_id 
_atom_site.auth_comp_id 
_atom_site.auth_asym_id 
_atom_site.auth_atom_id 
_atom_site.pdbx_PDB_model_num 
ATOM   1   O "O5'" . DC  A 1 1  ? -11.438 11.908  1.981   1.00 12.39 ? 1   DC  A "O5'" 1 
ATOM   2   C "C5'" . DC  A 1 1  ? -10.036 11.965  1.852   1.00 10.71 ? 1   DC  A "C5'" 1 
ATOM   3   C "C4'" . DC  A 1 1  ? -9.511  13.189  2.559   1.00 8.98  ? 1   DC  A "C4'" 1 
ATOM   4   O "O4'" . DC  A 1 1  ? -10.096 13.254  3.879   1.00 8.67  ? 1   DC  A "O4'" 1 
ATOM   5   C "C3'" . DC  A 1 1  ? -8.017  13.191  2.796   1.00 8.32  ? 1   DC  A "C3'" 1 
ATOM   6   O "O3'" . DC  A 1 1  ? -7.559  14.508  2.983   1.00 8.34  ? 1   DC  A "O3'" 1 
ATOM   7   C "C2'" . DC  A 1 1  ? -7.896  12.382  4.077   1.00 7.85  ? 1   DC  A "C2'" 1 
ATOM   8   C "C1'" . DC  A 1 1  ? -9.172  12.761  4.825   1.00 7.72  ? 1   DC  A "C1'" 1 
ATOM   9   N N1    . DC  A 1 1  ? -9.787  11.633  5.573   1.00 7.23  ? 1   DC  A N1    1 
ATOM   10  C C2    . DC  A 1 1  ? -9.142  11.167  6.705   1.00 6.77  ? 1   DC  A C2    1 
ATOM   11  O O2    . DC  A 1 1  ? -8.063  11.685  7.026   1.00 6.98  ? 1   DC  A O2    1 
ATOM   12  N N3    . DC  A 1 1  ? -9.708  10.166  7.424   1.00 6.73  ? 1   DC  A N3    1 
ATOM   13  C C4    . DC  A 1 1  ? -10.869 9.635   7.037   1.00 7.02  ? 1   DC  A C4    1 
ATOM   14  N N4    . DC  A 1 1  ? -11.397 8.659   7.787   1.00 7.54  ? 1   DC  A N4    1 
ATOM   15  C C5    . DC  A 1 1  ? -11.550 10.097  5.875   1.00 7.83  ? 1   DC  A C5    1 
ATOM   16  C C6    . DC  A 1 1  ? -10.981 11.092  5.179   1.00 7.52  ? 1   DC  A C6    1 
ATOM   17  P P     . DC  A 1 2  ? -6.558  15.158  1.917   1.00 8.30  ? 2   DC  A P     1 
ATOM   18  O OP1   . DC  A 1 2  ? -6.323  16.557  2.337   1.00 9.67  ? 2   DC  A OP1   1 
ATOM   19  O OP2   . DC  A 1 2  ? -7.080  14.904  0.560   1.00 9.51  ? 2   DC  A OP2   1 
ATOM   20  O "O5'" . DC  A 1 2  ? -5.233  14.302  2.072   1.00 8.39  ? 2   DC  A "O5'" 1 
ATOM   21  C "C5'" . DC  A 1 2  ? -4.459  14.414  3.245   1.00 8.43  ? 2   DC  A "C5'" 1 
ATOM   22  C "C4'" . DC  A 1 2  ? -3.568  13.197  3.403   1.00 7.97  ? 2   DC  A "C4'" 1 
ATOM   23  O "O4'" . DC  A 1 2  ? -4.357  12.046  3.787   1.00 7.21  ? 2   DC  A "O4'" 1 
ATOM   24  C "C3'" . DC  A 1 2  ? -2.834  12.768  2.135   1.00 8.01  ? 2   DC  A "C3'" 1 
ATOM   25  O "O3'" . DC  A 1 2  ? -1.569  12.274  2.488   1.00 8.92  ? 2   DC  A "O3'" 1 
ATOM   26  C "C2'" . DC  A 1 2  ? -3.718  11.645  1.592   1.00 7.68  ? 2   DC  A "C2'" 1 
ATOM   27  C "C1'" . DC  A 1 2  ? -4.087  10.967  2.893   1.00 6.75  ? 2   DC  A "C1'" 1 
ATOM   28  N N1    . DC  A 1 2  ? -5.309  10.187  2.878   1.00 6.21  ? 2   DC  A N1    1 
ATOM   29  C C2    . DC  A 1 2  ? -5.622  9.475   4.031   1.00 5.56  ? 2   DC  A C2    1 
ATOM   30  O O2    . DC  A 1 2  ? -4.790  9.430   4.961   1.00 5.54  ? 2   DC  A O2    1 
ATOM   31  N N3    . DC  A 1 2  ? -6.807  8.833   4.100   1.00 5.59  ? 2   DC  A N3    1 
ATOM   32  C C4    . DC  A 1 2  ? -7.667  8.884   3.073   1.00 6.31  ? 2   DC  A C4    1 
ATOM   33  N N4    . DC  A 1 2  ? -8.835  8.244   3.197   1.00 7.19  ? 2   DC  A N4    1 
ATOM   34  C C5    . DC  A 1 2  ? -7.367  9.615   1.880   1.00 7.09  ? 2   DC  A C5    1 
ATOM   35  C C6    . DC  A 1 2  ? -6.196  10.266  1.833   1.00 6.69  ? 2   DC  A C6    1 
ATOM   36  P P     . DA  A 1 3  ? -0.258  13.129  2.175   1.00 9.52  ? 3   DA  A P     1 
ATOM   37  O OP1   . DA  A 1 3  ? -0.359  14.426  2.904   1.00 11.01 ? 3   DA  A OP1   1 
ATOM   38  O OP2   . DA  A 1 3  ? -0.041  13.159  0.714   1.00 11.14 ? 3   DA  A OP2   1 
ATOM   39  O "O5'" . DA  A 1 3  ? 0.885   12.236  2.826   1.00 8.99  ? 3   DA  A "O5'" 1 
ATOM   40  C "C5'" . DA  A 1 3  ? 0.997   12.138  4.235   1.00 9.25  ? 3   DA  A "C5'" 1 
ATOM   41  C "C4'" . DA  A 1 3  ? 1.297   10.705  4.657   1.00 8.56  ? 3   DA  A "C4'" 1 
ATOM   42  O "O4'" . DA  A 1 3  ? 0.120   9.879   4.481   1.00 7.52  ? 3   DA  A "O4'" 1 
ATOM   43  C "C3'" . DA  A 1 3  ? 2.395   9.996   3.871   1.00 8.48  ? 3   DA  A "C3'" 1 
ATOM   44  O "O3'" . DA  A 1 3  ? 2.984   9.036   4.707   1.00 9.76  ? 3   DA  A "O3'" 1 
ATOM   45  C "C2'" . DA  A 1 3  ? 1.595   9.285   2.793   1.00 7.55  ? 3   DA  A "C2'" 1 
ATOM   46  C "C1'" . DA  A 1 3  ? 0.447   8.786   3.639   1.00 7.01  ? 3   DA  A "C1'" 1 
ATOM   47  N N9    . DA  A 1 3  ? -0.754  8.432   2.905   1.00 6.44  ? 3   DA  A N9    1 
ATOM   48  C C8    . DA  A 1 3  ? -1.146  8.859   1.662   1.00 6.74  ? 3   DA  A C8    1 
ATOM   49  N N7    . DA  A 1 3  ? -2.325  8.399   1.302   1.00 6.85  ? 3   DA  A N7    1 
ATOM   50  C C5    . DA  A 1 3  ? -2.734  7.646   2.394   1.00 6.38  ? 3   DA  A C5    1 
ATOM   51  C C6    . DA  A 1 3  ? -3.896  6.898   2.653   1.00 6.87  ? 3   DA  A C6    1 
ATOM   52  N N6    . DA  A 1 3  ? -4.906  6.788   1.789   1.00 7.79  ? 3   DA  A N6    1 
ATOM   53  N N1    . DA  A 1 3  ? -3.986  6.266   3.845   1.00 6.53  ? 3   DA  A N1    1 
ATOM   54  C C2    . DA  A 1 3  ? -2.980  6.384   4.717   1.00 6.47  ? 3   DA  A C2    1 
ATOM   55  N N3    . DA  A 1 3  ? -1.841  7.054   4.585   1.00 6.30  ? 3   DA  A N3    1 
ATOM   56  C C4    . DA  A 1 3  ? -1.785  7.673   3.391   1.00 6.31  ? 3   DA  A C4    1 
ATOM   57  P P     . DG  A 1 4  ? 4.501   9.135   5.177   1.00 10.94 ? 4   DG  A P     1 
ATOM   58  O OP1   . DG  A 1 4  ? 4.680   10.455  5.831   1.00 12.73 ? 4   DG  A OP1   1 
ATOM   59  O OP2   . DG  A 1 4  ? 5.351   8.749   4.032   1.00 13.52 ? 4   DG  A OP2   1 
ATOM   60  O "O5'" . DG  A 1 4  ? 4.618   7.945   6.233   1.00 11.09 ? 4   DG  A "O5'" 1 
ATOM   61  C "C5'" . DG  A 1 4  ? 3.848   7.976   7.412   1.00 10.25 ? 4   DG  A "C5'" 1 
ATOM   62  C "C4'" . DG  A 1 4  ? 3.368   6.587   7.787   1.00 9.00  ? 4   DG  A "C4'" 1 
ATOM   63  O "O4'" . DG  A 1 4  ? 2.338   6.154   6.871   1.00 8.16  ? 4   DG  A "O4'" 1 
ATOM   64  C "C3'" . DG  A 1 4  ? 4.420   5.485   7.791   1.00 8.20  ? 4   DG  A "C3'" 1 
ATOM   65  O "O3'" . DG  A 1 4  ? 4.135   4.636   8.898   1.00 8.08  ? 4   DG  A "O3'" 1 
ATOM   66  C "C2'" . DG  A 1 4  ? 4.208   4.789   6.431   1.00 7.85  ? 4   DG  A "C2'" 1 
ATOM   67  C "C1'" . DG  A 1 4  ? 2.710   4.943   6.222   1.00 6.95  ? 4   DG  A "C1'" 1 
ATOM   68  N N9    . DG  A 1 4  ? 2.274   5.113   4.846   1.00 6.37  ? 4   DG  A N9    1 
ATOM   69  C C8    . DG  A 1 4  ? 2.903   5.839   3.867   1.00 6.73  ? 4   DG  A C8    1 
ATOM   70  N N7    . DG  A 1 4  ? 2.224   5.906   2.757   1.00 6.43  ? 4   DG  A N7    1 
ATOM   71  C C5    . DG  A 1 4  ? 1.050   5.212   3.033   1.00 5.92  ? 4   DG  A C5    1 
ATOM   72  C C6    . DG  A 1 4  ? -0.075  4.952   2.208   1.00 6.26  ? 4   DG  A C6    1 
ATOM   73  O O6    . DG  A 1 4  ? -0.274  5.318   1.044   1.00 6.96  ? 4   DG  A O6    1 
ATOM   74  N N1    . DG  A 1 4  ? -1.041  4.207   2.872   1.00 6.30  ? 4   DG  A N1    1 
ATOM   75  C C2    . DG  A 1 4  ? -0.937  3.768   4.168   1.00 6.30  ? 4   DG  A C2    1 
ATOM   76  N N2    . DG  A 1 4  ? -1.974  3.062   4.636   1.00 7.15  ? 4   DG  A N2    1 
ATOM   77  N N3    . DG  A 1 4  ? 0.108   4.007   4.954   1.00 6.26  ? 4   DG  A N3    1 
ATOM   78  C C4    . DG  A 1 4  ? 1.060   4.734   4.321   1.00 6.05  ? 4   DG  A C4    1 
HETATM 79  P P     . 1CC A 1 5  ? 4.987   3.309   9.229   1.00 8.40  ? 5   1CC A P     1 
HETATM 80  O OP1   . 1CC A 1 5  ? 4.750   3.307   10.854  1.00 9.51  ? 5   1CC A OP1   1 
HETATM 81  O OP2   . 1CC A 1 5  ? 6.408   3.747   8.555   1.00 11.95 ? 5   1CC A OP2   1 
HETATM 82  O "O5'" . 1CC A 1 5  ? 4.116   2.154   8.391   1.00 8.35  ? 5   1CC A "O5'" 1 
HETATM 83  C "C5'" . 1CC A 1 5  ? 2.852   1.828   8.925   1.00 8.04  ? 5   1CC A "C5'" 1 
HETATM 84  C "C4'" . 1CC A 1 5  ? 2.142   0.984   7.889   1.00 7.49  ? 5   1CC A "C4'" 1 
HETATM 85  C "C3'" . 1CC A 1 5  ? 2.822   -0.361  7.644   1.00 7.67  ? 5   1CC A "C3'" 1 
HETATM 86  C "C2'" . 1CC A 1 5  ? 2.771   -0.564  6.133   1.00 8.13  ? 5   1CC A "C2'" 1 
HETATM 87  C "C1'" . 1CC A 1 5  ? 1.911   0.604   5.667   1.00 8.20  ? 5   1CC A "C1'" 1 
HETATM 88  O "O4'" . 1CC A 1 5  ? 2.095   1.645   6.631   1.00 7.78  ? 5   1CC A "O4'" 1 
HETATM 89  N N1    . 1CC A 1 5  ? 2.141   1.188   4.344   1.00 8.82  ? 5   1CC A N1    1 
HETATM 90  C C6    . 1CC A 1 5  ? 3.240   1.888   4.078   1.00 9.51  ? 5   1CC A C6    1 
HETATM 91  C C5    . 1CC A 1 5  ? 3.376   2.475   2.825   1.00 10.30 ? 5   1CC A C5    1 
HETATM 92  C C4    . 1CC A 1 5  ? 2.375   2.350   1.870   1.00 10.03 ? 5   1CC A C4    1 
HETATM 93  N N4    . 1CC A 1 5  ? 2.464   2.908   0.641   1.00 11.28 ? 5   1CC A N4    1 
HETATM 94  N N3    . 1CC A 1 5  ? 1.267   1.662   2.158   1.00 9.64  ? 5   1CC A N3    1 
HETATM 95  C C2    . 1CC A 1 5  ? 1.137   1.089   3.362   1.00 9.23  ? 5   1CC A C2    1 
HETATM 96  O O2    . 1CC A 1 5  ? 0.107   0.443   3.596   1.00 9.76  ? 5   1CC A O2    1 
HETATM 97  C C21   . 1CC A 1 5  ? 4.648   3.213   2.571   1.00 12.48 ? 5   1CC A C21   1 
HETATM 98  O O22   . 1CC A 1 5  ? 5.559   3.084   3.420   1.00 13.80 ? 5   1CC A O22   1 
HETATM 99  O O23   . 1CC A 1 5  ? 4.795   3.886   1.536   1.00 13.05 ? 5   1CC A O23   1 
HETATM 100 O "O3'" . 1CC A 1 5  ? 2.049   -1.335  8.346   1.00 7.45  ? 5   1CC A "O3'" 1 
ATOM   101 P P     . DG  A 1 6  ? 2.630   -2.797  8.674   1.00 7.35  ? 6   DG  A P     1 
ATOM   102 O OP1   . DG  A 1 6  ? 1.848   -3.300  9.834   1.00 8.66  ? 6   DG  A OP1   1 
ATOM   103 O OP2   . DG  A 1 6  ? 4.103   -2.772  8.790   1.00 7.86  ? 6   DG  A OP2   1 
ATOM   104 O "O5'" . DG  A 1 6  ? 2.287   -3.647  7.375   1.00 7.43  ? 6   DG  A "O5'" 1 
ATOM   105 C "C5'" . DG  A 1 6  ? 0.955   -3.987  7.066   1.00 7.71  ? 6   DG  A "C5'" 1 
ATOM   106 C "C4'" . DG  A 1 6  ? 0.885   -4.547  5.663   1.00 7.79  ? 6   DG  A "C4'" 1 
ATOM   107 O "O4'" . DG  A 1 6  ? 1.227   -3.502  4.714   1.00 7.32  ? 6   DG  A "O4'" 1 
ATOM   108 C "C3'" . DG  A 1 6  ? 1.869   -5.691  5.375   1.00 7.74  ? 6   DG  A "C3'" 1 
ATOM   109 O "O3'" . DG  A 1 6  ? 1.270   -6.613  4.502   1.00 7.76  ? 6   DG  A "O3'" 1 
ATOM   110 C "C2'" . DG  A 1 6  ? 2.993   -4.971  4.647   1.00 7.18  ? 6   DG  A "C2'" 1 
ATOM   111 C "C1'" . DG  A 1 6  ? 2.166   -4.023  3.815   1.00 7.06  ? 6   DG  A "C1'" 1 
ATOM   112 N N9    . DG  A 1 6  ? 2.905   -2.938  3.190   1.00 6.66  ? 6   DG  A N9    1 
ATOM   113 C C8    . DG  A 1 6  ? 4.117   -2.400  3.571   1.00 7.13  ? 6   DG  A C8    1 
ATOM   114 N N7    . DG  A 1 6  ? 4.532   -1.445  2.777   1.00 7.40  ? 6   DG  A N7    1 
ATOM   115 C C5    . DG  A 1 6  ? 3.531   -1.351  1.814   1.00 6.50  ? 6   DG  A C5    1 
ATOM   116 C C6    . DG  A 1 6  ? 3.422   -0.503  0.686   1.00 5.86  ? 6   DG  A C6    1 
ATOM   117 O O6    . DG  A 1 6  ? 4.216   0.367   0.302   1.00 6.59  ? 6   DG  A O6    1 
ATOM   118 N N1    . DG  A 1 6  ? 2.257   -0.751  -0.034  1.00 5.84  ? 6   DG  A N1    1 
ATOM   119 C C2    . DG  A 1 6  ? 1.313   -1.696  0.299   1.00 6.09  ? 6   DG  A C2    1 
ATOM   120 N N2    . DG  A 1 6  ? 0.260   -1.792  -0.518  1.00 6.62  ? 6   DG  A N2    1 
ATOM   121 N N3    . DG  A 1 6  ? 1.400   -2.489  1.356   1.00 5.86  ? 6   DG  A N3    1 
ATOM   122 C C4    . DG  A 1 6  ? 2.533   -2.269  2.058   1.00 6.07  ? 6   DG  A C4    1 
ATOM   123 P P     . DC  A 1 7  ? 0.603   -7.971  5.027   1.00 8.92  ? 7   DC  A P     1 
ATOM   124 O OP1   . DC  A 1 7  ? -0.258  -7.658  6.189   1.00 9.52  ? 7   DC  A OP1   1 
ATOM   125 O OP2   . DC  A 1 7  ? 1.631   -9.035  5.182   1.00 10.08 ? 7   DC  A OP2   1 
ATOM   126 O "O5'" . DC  A 1 7  ? -0.263  -8.398  3.768   1.00 9.36  ? 7   DC  A "O5'" 1 
ATOM   127 C "C5'" . DC  A 1 7  ? -1.353  -7.599  3.373   1.00 9.03  ? 7   DC  A "C5'" 1 
ATOM   128 C "C4'" . DC  A 1 7  ? -1.377  -7.413  1.873   1.00 8.51  ? 7   DC  A "C4'" 1 
ATOM   129 O "O4'" . DC  A 1 7  ? -0.390  -6.430  1.476   1.00 7.46  ? 7   DC  A "O4'" 1 
ATOM   130 C "C3'" . DC  A 1 7  ? -1.105  -8.670  1.043   1.00 8.62  ? 7   DC  A "C3'" 1 
ATOM   131 O "O3'" . DC  A 1 7  ? -2.125  -8.786  0.065   1.00 9.93  ? 7   DC  A "O3'" 1 
ATOM   132 C "C2'" . DC  A 1 7  ? 0.268   -8.386  0.416   1.00 7.70  ? 7   DC  A "C2'" 1 
ATOM   133 C "C1'" . DC  A 1 7  ? 0.226   -6.868  0.289   1.00 7.10  ? 7   DC  A "C1'" 1 
ATOM   134 N N1    . DC  A 1 7  ? 1.535   -6.170  0.212   1.00 6.21  ? 7   DC  A N1    1 
ATOM   135 C C2    . DC  A 1 7  ? 1.747   -5.217  -0.793  1.00 5.84  ? 7   DC  A C2    1 
ATOM   136 O O2    . DC  A 1 7  ? 0.875   -5.037  -1.650  1.00 6.64  ? 7   DC  A O2    1 
ATOM   137 N N3    . DC  A 1 7  ? 2.921   -4.533  -0.811  1.00 5.49  ? 7   DC  A N3    1 
ATOM   138 C C4    . DC  A 1 7  ? 3.844   -4.762  0.123   1.00 5.96  ? 7   DC  A C4    1 
ATOM   139 N N4    . DC  A 1 7  ? 4.981   -4.056  0.075   1.00 6.47  ? 7   DC  A N4    1 
ATOM   140 C C5    . DC  A 1 7  ? 3.641   -5.716  1.160   1.00 6.54  ? 7   DC  A C5    1 
ATOM   141 C C6    . DC  A 1 7  ? 2.477   -6.379  1.176   1.00 6.61  ? 7   DC  A C6    1 
ATOM   142 P P     . DT  A 1 8  ? -2.202  -10.037 -0.941  1.00 10.75 ? 8   DT  A P     1 
ATOM   143 O OP1   . DT  A 1 8  ? -3.638  -10.361 -1.078  1.00 12.12 ? 8   DT  A OP1   1 
ATOM   144 O OP2   . DT  A 1 8  ? -1.254  -11.097 -0.542  1.00 11.85 ? 8   DT  A OP2   1 
ATOM   145 O "O5'" . DT  A 1 8  ? -1.695  -9.450  -2.310  1.00 10.57 ? 8   DT  A "O5'" 1 
ATOM   146 C "C5'" . DT  A 1 8  ? -2.447  -8.466  -2.964  1.00 10.33 ? 8   DT  A "C5'" 1 
ATOM   147 C "C4'" . DT  A 1 8  ? -1.879  -8.212  -4.344  1.00 9.98  ? 8   DT  A "C4'" 1 
ATOM   148 O "O4'" . DT  A 1 8  ? -0.595  -7.554  -4.233  1.00 9.31  ? 8   DT  A "O4'" 1 
ATOM   149 C "C3'" . DT  A 1 8  ? -1.614  -9.455  -5.183  1.00 10.02 ? 8   DT  A "C3'" 1 
ATOM   150 O "O3'" . DT  A 1 8  ? -1.759  -9.110  -6.529  1.00 11.52 ? 8   DT  A "O3'" 1 
ATOM   151 C "C2'" . DT  A 1 8  ? -0.146  -9.755  -4.872  1.00 8.77  ? 8   DT  A "C2'" 1 
ATOM   152 C "C1'" . DT  A 1 8  ? 0.400   -8.341  -4.877  1.00 7.93  ? 8   DT  A "C1'" 1 
ATOM   153 N N1    . DT  A 1 8  ? 1.640   -8.108  -4.130  1.00 6.81  ? 8   DT  A N1    1 
ATOM   154 C C2    . DT  A 1 8  ? 2.477   -7.103  -4.569  1.00 6.29  ? 8   DT  A C2    1 
ATOM   155 O O2    . DT  A 1 8  ? 2.298   -6.482  -5.602  1.00 6.90  ? 8   DT  A O2    1 
ATOM   156 N N3    . DT  A 1 8  ? 3.560   -6.879  -3.780  1.00 6.35  ? 8   DT  A N3    1 
ATOM   157 C C4    . DT  A 1 8  ? 3.880   -7.519  -2.605  1.00 6.10  ? 8   DT  A C4    1 
ATOM   158 O O4    . DT  A 1 8  ? 4.871   -7.218  -1.955  1.00 6.46  ? 8   DT  A O4    1 
ATOM   159 C C5    . DT  A 1 8  ? 2.967   -8.551  -2.188  1.00 6.53  ? 8   DT  A C5    1 
ATOM   160 C C7    . DT  A 1 8  ? 3.243   -9.310  -0.936  1.00 7.12  ? 8   DT  A C7    1 
ATOM   161 C C6    . DT  A 1 8  ? 1.882   -8.779  -2.946  1.00 6.54  ? 8   DT  A C6    1 
ATOM   162 P P     . DG  A 1 9  ? -3.062  -9.534  -7.350  1.00 13.56 ? 9   DG  A P     1 
ATOM   163 O OP1   . DG  A 1 9  ? -4.252  -8.923  -6.707  1.00 16.11 ? 9   DG  A OP1   1 
ATOM   164 O OP2   . DG  A 1 9  ? -2.993  -10.999 -7.538  1.00 15.20 ? 9   DG  A OP2   1 
ATOM   165 O "O5'" . DG  A 1 9  ? -2.791  -8.869  -8.766  1.00 13.10 ? 9   DG  A "O5'" 1 
ATOM   166 C "C5'" . DG  A 1 9  ? -2.810  -7.458  -8.883  1.00 12.07 ? 9   DG  A "C5'" 1 
ATOM   167 C "C4'" . DG  A 1 9  ? -1.886  -6.969  -9.985  1.00 9.94  ? 9   DG  A "C4'" 1 
ATOM   168 O "O4'" . DG  A 1 9  ? -0.502  -7.120  -9.598  1.00 8.80  ? 9   DG  A "O4'" 1 
ATOM   169 C "C3'" . DG  A 1 9  ? -2.008  -7.659  -11.326 1.00 8.71  ? 9   DG  A "C3'" 1 
ATOM   170 O "O3'" . DG  A 1 9  ? -1.714  -6.694  -12.331 1.00 8.39  ? 9   DG  A "O3'" 1 
ATOM   171 C "C2'" . DG  A 1 9  ? -0.944  -8.773  -11.243 1.00 8.44  ? 9   DG  A "C2'" 1 
ATOM   172 C "C1'" . DG  A 1 9  ? 0.142   -8.135  -10.380 1.00 7.82  ? 9   DG  A "C1'" 1 
ATOM   173 N N9    . DG  A 1 9  ? 0.782   -9.010  -9.409  1.00 6.91  ? 9   DG  A N9    1 
ATOM   174 C C8    . DG  A 1 9  ? 0.278   -10.151 -8.824  1.00 7.43  ? 9   DG  A C8    1 
ATOM   175 N N7    . DG  A 1 9  ? 1.064   -10.648 -7.902  1.00 6.99  ? 9   DG  A N7    1 
ATOM   176 C C5    . DG  A 1 9  ? 2.124   -9.753  -7.840  1.00 6.10  ? 9   DG  A C5    1 
ATOM   177 C C6    . DG  A 1 9  ? 3.277   -9.747  -7.015  1.00 5.96  ? 9   DG  A C6    1 
ATOM   178 O O6    . DG  A 1 9  ? 3.586   -10.546 -6.116  1.00 6.16  ? 9   DG  A O6    1 
ATOM   179 N N1    . DG  A 1 9  ? 4.105   -8.663  -7.285  1.00 5.72  ? 9   DG  A N1    1 
ATOM   180 C C2    . DG  A 1 9  ? 3.844   -7.692  -8.221  1.00 5.85  ? 9   DG  A C2    1 
ATOM   181 N N2    . DG  A 1 9  ? 4.760   -6.719  -8.338  1.00 6.25  ? 9   DG  A N2    1 
ATOM   182 N N3    . DG  A 1 9  ? 2.765   -7.677  -8.990  1.00 5.86  ? 9   DG  A N3    1 
ATOM   183 C C4    . DG  A 1 9  ? 1.955   -8.737  -8.749  1.00 6.25  ? 9   DG  A C4    1 
ATOM   184 P P     . DG  A 1 10 ? -1.983  -6.972  -13.884 1.00 8.61  ? 10  DG  A P     1 
ATOM   185 O OP1   . DG  A 1 10 ? -2.076  -5.649  -14.557 1.00 9.17  ? 10  DG  A OP1   1 
ATOM   186 O OP2   . DG  A 1 10 ? -3.127  -7.900  -14.043 1.00 9.96  ? 10  DG  A OP2   1 
ATOM   187 O "O5'" . DG  A 1 10 ? -0.700  -7.743  -14.355 1.00 9.98  ? 10  DG  A "O5'" 1 
ATOM   188 C "C5'" . DG  A 1 10 ? 0.497   -7.063  -14.442 1.00 10.51 ? 10  DG  A "C5'" 1 
ATOM   189 C "C4'" . DG  A 1 10 ? 1.622   -8.042  -14.571 1.00 10.82 ? 10  DG  A "C4'" 1 
ATOM   190 O "O4'" . DG  A 1 10 ? 1.973   -8.548  -13.278 1.00 10.08 ? 10  DG  A "O4'" 1 
ATOM   191 C "C3'" . DG  A 1 10 ? 1.287   -9.305  -15.350 1.00 11.51 ? 10  DG  A "C3'" 1 
ATOM   192 O "O3'" . DG  A 1 10 ? 1.342   -9.066  -16.753 1.00 12.36 ? 10  DG  A "O3'" 1 
ATOM   193 C "C2'" . DG  A 1 10 ? 2.399   -10.242 -14.891 1.00 10.73 ? 10  DG  A "C2'" 1 
ATOM   194 C "C1'" . DG  A 1 10 ? 2.796   -9.657  -13.518 1.00 9.40  ? 10  DG  A "C1'" 1 
ATOM   195 N N9    . DG  A 1 10 ? 2.645   -10.598 -12.436 1.00 8.39  ? 10  DG  A N9    1 
ATOM   196 C C8    . DG  A 1 10 ? 1.644   -11.524 -12.268 1.00 9.10  ? 10  DG  A C8    1 
ATOM   197 N N7    . DG  A 1 10 ? 1.798   -12.253 -11.202 1.00 8.76  ? 10  DG  A N7    1 
ATOM   198 C C5    . DG  A 1 10 ? 2.977   -11.778 -10.630 1.00 7.86  ? 10  DG  A C5    1 
ATOM   199 C C6    . DG  A 1 10 ? 3.657   -12.183 -9.456  1.00 7.52  ? 10  DG  A C6    1 
ATOM   200 O O6    . DG  A 1 10 ? 3.343   -13.068 -8.654  1.00 8.05  ? 10  DG  A O6    1 
ATOM   201 N N1    . DG  A 1 10 ? 4.818   -11.447 -9.250  1.00 6.81  ? 10  DG  A N1    1 
ATOM   202 C C2    . DG  A 1 10 ? 5.262   -10.438 -10.061 1.00 6.94  ? 10  DG  A C2    1 
ATOM   203 N N2    . DG  A 1 10 ? 6.402   -9.837  -9.691  1.00 7.05  ? 10  DG  A N2    1 
ATOM   204 N N3    . DG  A 1 10 ? 4.633   -10.046 -11.160 1.00 6.86  ? 10  DG  A N3    1 
ATOM   205 C C4    . DG  A 1 10 ? 3.502   -10.760 -11.380 1.00 7.46  ? 10  DG  A C4    1 
ATOM   206 O "O5'" . DC  B 1 1  ? 10.113  -12.472 -2.086  1.00 10.54 ? 1   DC  B "O5'" 1 
ATOM   207 C "C5'" . DC  B 1 1  ? 10.184  -11.194 -2.701  1.00 9.48  ? 1   DC  B "C5'" 1 
ATOM   208 C "C4'" . DC  B 1 1  ? 11.089  -11.230 -3.913  1.00 8.50  ? 1   DC  B "C4'" 1 
ATOM   209 O "O4'" . DC  B 1 1  ? 10.616  -12.223 -4.850  1.00 7.76  ? 1   DC  B "O4'" 1 
ATOM   210 C "C3'" . DC  B 1 1  ? 11.120  -9.931  -4.690  1.00 8.79  ? 1   DC  B "C3'" 1 
ATOM   211 O "O3'" . DC  B 1 1  ? 12.352  -9.786  -5.340  1.00 11.42 ? 1   DC  B "O3'" 1 
ATOM   212 C "C2'" . DC  B 1 1  ? 9.970   -10.078 -5.673  1.00 7.56  ? 1   DC  B "C2'" 1 
ATOM   213 C "C1'" . DC  B 1 1  ? 9.879   -11.589 -5.877  1.00 7.33  ? 1   DC  B "C1'" 1 
ATOM   214 N N1    . DC  B 1 1  ? 8.479   -12.096 -5.870  1.00 6.64  ? 1   DC  B N1    1 
ATOM   215 C C2    . DC  B 1 1  ? 7.665   -11.778 -6.956  1.00 6.27  ? 1   DC  B C2    1 
ATOM   216 O O2    . DC  B 1 1  ? 8.128   -11.070 -7.867  1.00 6.78  ? 1   DC  B O2    1 
ATOM   217 N N3    . DC  B 1 1  ? 6.402   -12.248 -6.989  1.00 6.46  ? 1   DC  B N3    1 
ATOM   218 C C4    . DC  B 1 1  ? 5.945   -13.013 -5.994  1.00 6.88  ? 1   DC  B C4    1 
ATOM   219 N N4    . DC  B 1 1  ? 4.693   -13.461 -6.080  1.00 7.52  ? 1   DC  B N4    1 
ATOM   220 C C5    . DC  B 1 1  ? 6.757   -13.348 -4.868  1.00 6.82  ? 1   DC  B C5    1 
ATOM   221 C C6    . DC  B 1 1  ? 8.013   -12.875 -4.847  1.00 6.89  ? 1   DC  B C6    1 
ATOM   222 P P     . DC  B 1 2  ? 13.418  -8.743  -4.751  1.00 13.62 ? 2   DC  B P     1 
ATOM   223 O OP1   . DC  B 1 2  ? 14.658  -8.834  -5.553  1.00 15.12 ? 2   DC  B OP1   1 
ATOM   224 O OP2   . DC  B 1 2  ? 13.509  -8.923  -3.283  1.00 14.98 ? 2   DC  B OP2   1 
ATOM   225 O "O5'" . DC  B 1 2  ? 12.742  -7.328  -4.977  1.00 11.82 ? 2   DC  B "O5'" 1 
ATOM   226 C "C5'" . DC  B 1 2  ? 12.516  -6.841  -6.277  1.00 10.49 ? 2   DC  B "C5'" 1 
ATOM   227 C "C4'" . DC  B 1 2  ? 11.326  -5.916  -6.259  1.00 7.68  ? 2   DC  B "C4'" 1 
ATOM   228 O "O4'" . DC  B 1 2  ? 10.115  -6.702  -6.172  1.00 6.29  ? 2   DC  B "O4'" 1 
ATOM   229 C "C3'" . DC  B 1 2  ? 11.284  -4.954  -5.059  1.00 6.84  ? 2   DC  B "C3'" 1 
ATOM   230 O "O3'" . DC  B 1 2  ? 10.905  -3.685  -5.503  1.00 6.55  ? 2   DC  B "O3'" 1 
ATOM   231 C "C2'" . DC  B 1 2  ? 10.185  -5.549  -4.177  1.00 6.25  ? 2   DC  B "C2'" 1 
ATOM   232 C "C1'" . DC  B 1 2  ? 9.254   -6.066  -5.254  1.00 5.45  ? 2   DC  B "C1'" 1 
ATOM   233 N N1    . DC  B 1 2  ? 8.257   -7.065  -4.850  1.00 5.19  ? 2   DC  B N1    1 
ATOM   234 C C2    . DC  B 1 2  ? 7.249   -7.370  -5.767  1.00 5.07  ? 2   DC  B C2    1 
ATOM   235 O O2    . DC  B 1 2  ? 7.206   -6.744  -6.841  1.00 5.61  ? 2   DC  B O2    1 
ATOM   236 N N3    . DC  B 1 2  ? 6.350   -8.326  -5.462  1.00 5.03  ? 2   DC  B N3    1 
ATOM   237 C C4    . DC  B 1 2  ? 6.439   -8.978  -4.301  1.00 5.15  ? 2   DC  B C4    1 
ATOM   238 N N4    . DC  B 1 2  ? 5.535   -9.929  -4.055  1.00 5.81  ? 2   DC  B N4    1 
ATOM   239 C C5    . DC  B 1 2  ? 7.454   -8.677  -3.342  1.00 5.38  ? 2   DC  B C5    1 
ATOM   240 C C6    . DC  B 1 2  ? 8.347   -7.729  -3.661  1.00 5.46  ? 2   DC  B C6    1 
ATOM   241 P P     . DA  B 1 3  ? 11.958  -2.487  -5.578  1.00 7.39  ? 3   DA  B P     1 
ATOM   242 O OP1   . DA  B 1 3  ? 13.237  -3.022  -6.102  1.00 8.43  ? 3   DA  B OP1   1 
ATOM   243 O OP2   . DA  B 1 3  ? 11.956  -1.751  -4.296  1.00 9.26  ? 3   DA  B OP2   1 
ATOM   244 O "O5'" . DA  B 1 3  ? 11.278  -1.532  -6.654  1.00 7.49  ? 3   DA  B "O5'" 1 
ATOM   245 C "C5'" . DA  B 1 3  ? 11.182  -1.972  -7.988  1.00 7.21  ? 3   DA  B "C5'" 1 
ATOM   246 C "C4'" . DA  B 1 3  ? 9.881   -1.533  -8.630  1.00 6.91  ? 3   DA  B "C4'" 1 
ATOM   247 O "O4'" . DA  B 1 3  ? 8.746   -2.225  -8.058  1.00 6.80  ? 3   DA  B "O4'" 1 
ATOM   248 C "C3'" . DA  B 1 3  ? 9.548   -0.066  -8.542  1.00 7.26  ? 3   DA  B "C3'" 1 
ATOM   249 O "O3'" . DA  B 1 3  ? 8.898   0.249   -9.782  1.00 8.34  ? 3   DA  B "O3'" 1 
ATOM   250 C "C2'" . DA  B 1 3  ? 8.643   0.018   -7.291  1.00 7.06  ? 3   DA  B "C2'" 1 
ATOM   251 C "C1'" . DA  B 1 3  ? 7.933   -1.333  -7.289  1.00 6.42  ? 3   DA  B "C1'" 1 
ATOM   252 N N9    . DA  B 1 3  ? 7.769   -1.958  -5.978  1.00 5.92  ? 3   DA  B N9    1 
ATOM   253 C C8    . DA  B 1 3  ? 8.531   -1.787  -4.852  1.00 6.47  ? 3   DA  B C8    1 
ATOM   254 N N7    . DA  B 1 3  ? 8.168   -2.556  -3.851  1.00 6.35  ? 3   DA  B N7    1 
ATOM   255 C C5    . DA  B 1 3  ? 7.130   -3.308  -4.376  1.00 5.39  ? 3   DA  B C5    1 
ATOM   256 C C6    . DA  B 1 3  ? 6.322   -4.327  -3.833  1.00 5.27  ? 3   DA  B C6    1 
ATOM   257 N N6    . DA  B 1 3  ? 6.458   -4.793  -2.586  1.00 6.20  ? 3   DA  B N6    1 
ATOM   258 N N1    . DA  B 1 3  ? 5.353   -4.842  -4.625  1.00 5.48  ? 3   DA  B N1    1 
ATOM   259 C C2    . DA  B 1 3  ? 5.236   -4.397  -5.876  1.00 5.68  ? 3   DA  B C2    1 
ATOM   260 N N3    . DA  B 1 3  ? 5.945   -3.457  -6.494  1.00 5.37  ? 3   DA  B N3    1 
ATOM   261 C C4    . DA  B 1 3  ? 6.879   -2.950  -5.682  1.00 5.24  ? 3   DA  B C4    1 
ATOM   262 P P     . DG  B 1 4  ? 7.914   1.487   -10.020 1.00 8.98  ? 4   DG  B P     1 
ATOM   263 O OP1   . DG  B 1 4  ? 7.872   1.678   -11.495 1.00 10.03 ? 4   DG  B OP1   1 
ATOM   264 O OP2   . DG  B 1 4  ? 8.288   2.616   -9.150  1.00 10.28 ? 4   DG  B OP2   1 
ATOM   265 O "O5'" . DG  B 1 4  ? 6.514   0.944   -9.508  1.00 8.41  ? 4   DG  B "O5'" 1 
ATOM   266 C "C5'" . DG  B 1 4  ? 5.907   -0.131  -10.174 1.00 8.47  ? 4   DG  B "C5'" 1 
ATOM   267 C "C4'" . DG  B 1 4  ? 4.516   -0.348  -9.644  1.00 8.23  ? 4   DG  B "C4'" 1 
ATOM   268 O "O4'" . DG  B 1 4  ? 4.586   -0.885  -8.301  1.00 7.55  ? 4   DG  B "O4'" 1 
ATOM   269 C "C3'" . DG  B 1 4  ? 3.662   0.911   -9.557  1.00 9.20  ? 4   DG  B "C3'" 1 
ATOM   270 O "O3'" . DG  B 1 4  ? 2.407   0.627   -10.159 1.00 10.98 ? 4   DG  B "O3'" 1 
ATOM   271 C "C2'" . DG  B 1 4  ? 3.557   1.184   -8.041  1.00 8.65  ? 4   DG  B "C2'" 1 
ATOM   272 C "C1'" . DG  B 1 4  ? 3.651   -0.218  -7.468  1.00 7.54  ? 4   DG  B "C1'" 1 
ATOM   273 N N9    . DG  B 1 4  ? 4.172   -0.320  -6.101  1.00 6.68  ? 4   DG  B N9    1 
ATOM   274 C C8    . DG  B 1 4  ? 5.265   0.325   -5.573  1.00 7.08  ? 4   DG  B C8    1 
ATOM   275 N N7    . DG  B 1 4  ? 5.543   -0.036  -4.343  1.00 7.02  ? 4   DG  B N7    1 
ATOM   276 C C5    . DG  B 1 4  ? 4.588   -1.005  -4.048  1.00 6.04  ? 4   DG  B C5    1 
ATOM   277 C C6    . DG  B 1 4  ? 4.384   -1.770  -2.867  1.00 5.90  ? 4   DG  B C6    1 
ATOM   278 O O6    . DG  B 1 4  ? 5.034   -1.750  -1.818  1.00 6.75  ? 4   DG  B O6    1 
ATOM   279 N N1    . DG  B 1 4  ? 3.299   -2.629  -2.989  1.00 5.92  ? 4   DG  B N1    1 
ATOM   280 C C2    . DG  B 1 4  ? 2.515   -2.748  -4.110  1.00 6.02  ? 4   DG  B C2    1 
ATOM   281 N N2    . DG  B 1 4  ? 1.518   -3.638  -4.041  1.00 6.48  ? 4   DG  B N2    1 
ATOM   282 N N3    . DG  B 1 4  ? 2.698   -2.047  -5.226  1.00 5.88  ? 4   DG  B N3    1 
ATOM   283 C C4    . DG  B 1 4  ? 3.746   -1.198  -5.123  1.00 6.15  ? 4   DG  B C4    1 
HETATM 284 P P     . 1CC B 1 5  ? 1.233   1.718   -10.241 1.00 13.47 ? 5   1CC B P     1 
HETATM 285 O OP1   . 1CC B 1 5  ? 0.643   1.100   -11.668 1.00 15.43 ? 5   1CC B OP1   1 
HETATM 286 O OP2   . 1CC B 1 5  ? 2.170   3.080   -10.217 1.00 15.14 ? 5   1CC B OP2   1 
HETATM 287 O "O5'" . 1CC B 1 5  ? 0.390   1.330   -8.813  1.00 12.52 ? 5   1CC B "O5'" 1 
HETATM 288 C "C5'" . 1CC B 1 5  ? -0.314  0.099   -8.739  1.00 11.68 ? 5   1CC B "C5'" 1 
HETATM 289 C "C4'" . 1CC B 1 5  ? -0.978  0.055   -7.373  1.00 10.97 ? 5   1CC B "C4'" 1 
HETATM 290 C "C3'" . 1CC B 1 5  ? -1.772  1.329   -7.090  1.00 11.05 ? 5   1CC B "C3'" 1 
HETATM 291 C "C2'" . 1CC B 1 5  ? -0.957  2.064   -6.050  1.00 10.92 ? 5   1CC B "C2'" 1 
HETATM 292 C "C1'" . 1CC B 1 5  ? -0.354  0.872   -5.324  1.00 10.15 ? 5   1CC B "C1'" 1 
HETATM 293 O "O4'" . 1CC B 1 5  ? 0.001   -0.058  -6.333  1.00 10.71 ? 5   1CC B "O4'" 1 
HETATM 294 N N1    . 1CC B 1 5  ? 0.794   1.178   -4.500  1.00 8.68  ? 5   1CC B N1    1 
HETATM 295 C C6    . 1CC B 1 5  ? 1.667   2.102   -4.892  1.00 8.98  ? 5   1CC B C6    1 
HETATM 296 C C5    . 1CC B 1 5  ? 2.752   2.388   -4.099  1.00 8.97  ? 5   1CC B C5    1 
HETATM 297 C C4    . 1CC B 1 5  ? 2.897   1.681   -2.910  1.00 7.47  ? 5   1CC B C4    1 
HETATM 298 N N4    . 1CC B 1 5  ? 3.938   1.912   -2.086  1.00 7.49  ? 5   1CC B N4    1 
HETATM 299 N N3    . 1CC B 1 5  ? 2.001   0.743   -2.530  1.00 6.92  ? 5   1CC B N3    1 
HETATM 300 C C2    . 1CC B 1 5  ? 0.945   0.464   -3.301  1.00 7.24  ? 5   1CC B C2    1 
HETATM 301 O O2    . 1CC B 1 5  ? 0.100   -0.402  -2.967  1.00 7.66  ? 5   1CC B O2    1 
HETATM 302 C C21   . 1CC B 1 5  ? 3.710   3.446   -4.572  1.00 10.92 ? 5   1CC B C21   1 
HETATM 303 O O22   . 1CC B 1 5  ? 4.656   3.806   -3.846  1.00 11.75 ? 5   1CC B O22   1 
HETATM 304 O O23   . 1CC B 1 5  ? 3.528   3.965   -5.698  1.00 12.44 ? 5   1CC B O23   1 
HETATM 305 O "O3'" . 1CC B 1 5  ? -2.975  1.010   -6.416  1.00 12.51 ? 5   1CC B "O3'" 1 
ATOM   306 P P     . DG  B 1 6  ? -4.379  1.159   -7.149  1.00 13.31 ? 6   DG  B P     1 
ATOM   307 O OP1   . DG  B 1 6  ? -4.342  0.272   -8.331  1.00 14.40 ? 6   DG  B OP1   1 
ATOM   308 O OP2   . DG  B 1 6  ? -4.659  2.602   -7.330  1.00 15.46 ? 6   DG  B OP2   1 
ATOM   309 O "O5'" . DG  B 1 6  ? -5.375  0.541   -6.030  1.00 14.26 ? 6   DG  B "O5'" 1 
ATOM   310 C "C5'" . DG  B 1 6  ? -5.335  -0.878  -5.741  1.00 14.31 ? 6   DG  B "C5'" 1 
ATOM   311 C "C4'" . DG  B 1 6  ? -5.737  -1.241  -4.296  1.00 13.80 ? 6   DG  B "C4'" 1 
ATOM   312 O "O4'" . DG  B 1 6  ? -4.675  -0.937  -3.359  1.00 13.60 ? 6   DG  B "O4'" 1 
ATOM   313 C "C3'" . DG  B 1 6  ? -6.974  -0.581  -3.718  1.00 14.00 ? 6   DG  B "C3'" 1 
ATOM   314 O "O3'" . DG  B 1 6  ? -7.533  -1.495  -2.738  1.00 14.21 ? 6   DG  B "O3'" 1 
ATOM   315 C "C2'" . DG  B 1 6  ? -6.364  0.667   -3.067  1.00 13.71 ? 6   DG  B "C2'" 1 
ATOM   316 C "C1'" . DG  B 1 6  ? -5.092  0.084   -2.465  1.00 12.99 ? 6   DG  B "C1'" 1 
ATOM   317 N N9    . DG  B 1 6  ? -3.957  0.988   -2.343  1.00 12.24 ? 6   DG  B N9    1 
ATOM   318 C C8    . DG  B 1 6  ? -3.516  1.917   -3.253  1.00 12.43 ? 6   DG  B C8    1 
ATOM   319 N N7    . DG  B 1 6  ? -2.417  2.520   -2.885  1.00 11.22 ? 6   DG  B N7    1 
ATOM   320 C C5    . DG  B 1 6  ? -2.086  1.923   -1.680  1.00 9.77  ? 6   DG  B C5    1 
ATOM   321 C C6    . DG  B 1 6  ? -0.989  2.143   -0.812  1.00 8.76  ? 6   DG  B C6    1 
ATOM   322 O O6    . DG  B 1 6  ? -0.033  2.931   -0.945  1.00 7.85  ? 6   DG  B O6    1 
ATOM   323 N N1    . DG  B 1 6  ? -1.059  1.318   0.305   1.00 8.21  ? 6   DG  B N1    1 
ATOM   324 C C2    . DG  B 1 6  ? -2.031  0.388   0.548   1.00 9.91  ? 6   DG  B C2    1 
ATOM   325 N N2    . DG  B 1 6  ? -1.914  -0.313  1.688   1.00 10.77 ? 6   DG  B N2    1 
ATOM   326 N N3    . DG  B 1 6  ? -3.053  0.168   -0.254  1.00 10.58 ? 6   DG  B N3    1 
ATOM   327 C C4    . DG  B 1 6  ? -3.017  0.965   -1.346  1.00 10.98 ? 6   DG  B C4    1 
ATOM   328 P P     . DC  B 1 7  ? -8.889  -1.176  -1.934  1.00 14.46 ? 7   DC  B P     1 
ATOM   329 O OP1   . DC  B 1 7  ? -9.547  -2.458  -1.587  1.00 15.14 ? 7   DC  B OP1   1 
ATOM   330 O OP2   . DC  B 1 7  ? -9.622  -0.146  -2.684  1.00 15.19 ? 7   DC  B OP2   1 
ATOM   331 O "O5'" . DC  B 1 7  ? -8.397  -0.456  -0.609  1.00 12.72 ? 7   DC  B "O5'" 1 
ATOM   332 C "C5'" . DC  B 1 7  ? -7.873  -1.209  0.440   1.00 12.54 ? 7   DC  B "C5'" 1 
ATOM   333 C "C4'" . DC  B 1 7  ? -7.496  -0.288  1.559   1.00 11.14 ? 7   DC  B "C4'" 1 
ATOM   334 O "O4'" . DC  B 1 7  ? -6.347  0.485   1.163   1.00 10.03 ? 7   DC  B "O4'" 1 
ATOM   335 C "C3'" . DC  B 1 7  ? -8.577  0.754   1.935   1.00 10.75 ? 7   DC  B "C3'" 1 
ATOM   336 O "O3'" . DC  B 1 7  ? -8.701  0.812   3.333   1.00 11.27 ? 7   DC  B "O3'" 1 
ATOM   337 C "C2'" . DC  B 1 7  ? -7.974  2.062   1.434   1.00 10.49 ? 7   DC  B "C2'" 1 
ATOM   338 C "C1'" . DC  B 1 7  ? -6.526  1.751   1.717   1.00 9.43  ? 7   DC  B "C1'" 1 
ATOM   339 N N1    . DC  B 1 7  ? -5.550  2.677   1.140   1.00 8.57  ? 7   DC  B N1    1 
ATOM   340 C C2    . DC  B 1 7  ? -4.364  2.912   1.838   1.00 7.82  ? 7   DC  B C2    1 
ATOM   341 O O2    . DC  B 1 7  ? -4.178  2.343   2.929   1.00 8.53  ? 7   DC  B O2    1 
ATOM   342 N N3    . DC  B 1 7  ? -3.452  3.759   1.310   1.00 7.72  ? 7   DC  B N3    1 
ATOM   343 C C4    . DC  B 1 7  ? -3.691  4.349   0.136   1.00 8.24  ? 7   DC  B C4    1 
ATOM   344 N N4    . DC  B 1 7  ? -2.764  5.179   -0.348  1.00 8.27  ? 7   DC  B N4    1 
ATOM   345 C C5    . DC  B 1 7  ? -4.894  4.116   -0.592  1.00 9.04  ? 7   DC  B C5    1 
ATOM   346 C C6    . DC  B 1 7  ? -5.784  3.272   -0.062  1.00 9.06  ? 7   DC  B C6    1 
ATOM   347 P P     . DT  B 1 8  ? -9.733  -0.131  4.106   1.00 11.08 ? 8   DT  B P     1 
ATOM   348 O OP1   . DT  B 1 8  ? -9.704  -1.453  3.438   1.00 12.46 ? 8   DT  B OP1   1 
ATOM   349 O OP2   . DT  B 1 8  ? -11.006 0.615   4.225   1.00 12.72 ? 8   DT  B OP2   1 
ATOM   350 O "O5'" . DT  B 1 8  ? -9.097  -0.253  5.554   1.00 12.01 ? 8   DT  B "O5'" 1 
ATOM   351 C "C5'" . DT  B 1 8  ? -7.820  -0.828  5.705   1.00 11.76 ? 8   DT  B "C5'" 1 
ATOM   352 C "C4'" . DT  B 1 8  ? -7.112  -0.253  6.910   1.00 10.50 ? 8   DT  B "C4'" 1 
ATOM   353 O "O4'" . DT  B 1 8  ? -6.397  0.954   6.560   1.00 10.74 ? 8   DT  B "O4'" 1 
ATOM   354 C "C3'" . DT  B 1 8  ? -8.007  0.104   8.068   1.00 9.96  ? 8   DT  B "C3'" 1 
ATOM   355 O "O3'" . DT  B 1 8  ? -7.354  -0.290  9.238   1.00 9.95  ? 8   DT  B "O3'" 1 
ATOM   356 C "C2'" . DT  B 1 8  ? -8.192  1.639   7.958   1.00 9.73  ? 8   DT  B "C2'" 1 
ATOM   357 C "C1'" . DT  B 1 8  ? -6.919  2.094   7.249   1.00 9.90  ? 8   DT  B "C1'" 1 
ATOM   358 N N1    . DT  B 1 8  ? -7.097  3.131   6.192   1.00 9.02  ? 8   DT  B N1    1 
ATOM   359 C C2    . DT  B 1 8  ? -5.977  3.809   5.771   1.00 8.53  ? 8   DT  B C2    1 
ATOM   360 O O2    . DT  B 1 8  ? -4.889  3.682   6.303   1.00 9.51  ? 8   DT  B O2    1 
ATOM   361 N N3    . DT  B 1 8  ? -6.179  4.667   4.726   1.00 8.01  ? 8   DT  B N3    1 
ATOM   362 C C4    . DT  B 1 8  ? -7.349  4.888   4.042   1.00 8.24  ? 8   DT  B C4    1 
ATOM   363 O O4    . DT  B 1 8  ? -7.409  5.661   3.091   1.00 9.03  ? 8   DT  B O4    1 
ATOM   364 C C5    . DT  B 1 8  ? -8.493  4.135   4.513   1.00 8.47  ? 8   DT  B C5    1 
ATOM   365 C C7    . DT  B 1 8  ? -9.828  4.311   3.849   1.00 9.03  ? 8   DT  B C7    1 
ATOM   366 C C6    . DT  B 1 8  ? -8.308  3.281   5.545   1.00 9.00  ? 8   DT  B C6    1 
ATOM   367 P P     . DG  B 1 9  ? -8.119  -0.268  10.637  1.00 10.04 ? 9   DG  B P     1 
ATOM   368 O OP1   . DG  B 1 9  ? -7.558  -1.353  11.479  1.00 10.25 ? 9   DG  B OP1   1 
ATOM   369 O OP2   . DG  B 1 9  ? -9.597  -0.259  10.434  1.00 10.06 ? 9   DG  B OP2   1 
ATOM   370 O "O5'" . DG  B 1 9  ? -7.708  1.147   11.244  1.00 8.93  ? 9   DG  B "O5'" 1 
ATOM   371 C "C5'" . DG  B 1 9  ? -6.348  1.514   11.360  1.00 8.54  ? 9   DG  B "C5'" 1 
ATOM   372 C "C4'" . DG  B 1 9  ? -6.243  2.995   11.637  1.00 7.29  ? 9   DG  B "C4'" 1 
ATOM   373 O "O4'" . DG  B 1 9  ? -6.644  3.725   10.450  1.00 6.42  ? 9   DG  B "O4'" 1 
ATOM   374 C "C3'" . DG  B 1 9  ? -7.168  3.493   12.766  1.00 7.06  ? 9   DG  B "C3'" 1 
ATOM   375 O "O3'" . DG  B 1 9  ? -6.497  4.459   13.556  1.00 7.45  ? 9   DG  B "O3'" 1 
ATOM   376 C "C2'" . DG  B 1 9  ? -8.313  4.144   11.995  1.00 6.41  ? 9   DG  B "C2'" 1 
ATOM   377 C "C1'" . DG  B 1 9  ? -7.521  4.748   10.854  1.00 5.94  ? 9   DG  B "C1'" 1 
ATOM   378 N N9    . DG  B 1 9  ? -8.299  5.180   9.707   1.00 5.85  ? 9   DG  B N9    1 
ATOM   379 C C8    . DG  B 1 9  ? -9.619  4.915   9.413   1.00 6.40  ? 9   DG  B C8    1 
ATOM   380 N N7    . DG  B 1 9  ? -10.010 5.455   8.285   1.00 6.25  ? 9   DG  B N7    1 
ATOM   381 C C5    . DG  B 1 9  ? -8.876  6.108   7.809   1.00 5.49  ? 9   DG  B C5    1 
ATOM   382 C C6    . DG  B 1 9  ? -8.679  6.871   6.632   1.00 4.98  ? 9   DG  B C6    1 
ATOM   383 O O6    . DG  B 1 9  ? -9.489  7.120   5.736   1.00 5.51  ? 9   DG  B O6    1 
ATOM   384 N N1    . DG  B 1 9  ? -7.374  7.355   6.536   1.00 4.87  ? 9   DG  B N1    1 
ATOM   385 C C2    . DG  B 1 9  ? -6.388  7.133   7.457   1.00 4.74  ? 9   DG  B C2    1 
ATOM   386 N N2    . DG  B 1 9  ? -5.187  7.669   7.182   1.00 5.25  ? 9   DG  B N2    1 
ATOM   387 N N3    . DG  B 1 9  ? -6.558  6.420   8.562   1.00 5.04  ? 9   DG  B N3    1 
ATOM   388 C C4    . DG  B 1 9  ? -7.822  5.943   8.672   1.00 5.13  ? 9   DG  B C4    1 
ATOM   389 P P     . DG  B 1 10 ? -5.713  4.047   14.895  1.00 8.51  ? 10  DG  B P     1 
ATOM   390 O OP1   . DG  B 1 10 ? -4.997  2.770   14.642  1.00 9.75  ? 10  DG  B OP1   1 
ATOM   391 O OP2   . DG  B 1 10 ? -6.629  4.099   16.063  1.00 9.57  ? 10  DG  B OP2   1 
ATOM   392 O "O5'" . DG  B 1 10 ? -4.681  5.249   15.073  1.00 8.81  ? 10  DG  B "O5'" 1 
ATOM   393 C "C5'" . DG  B 1 10 ? -3.558  5.353   14.231  1.00 9.02  ? 10  DG  B "C5'" 1 
ATOM   394 C "C4'" . DG  B 1 10 ? -3.261  6.806   13.919  1.00 8.67  ? 10  DG  B "C4'" 1 
ATOM   395 O "O4'" . DG  B 1 10 ? -4.200  7.289   12.935  1.00 7.77  ? 10  DG  B "O4'" 1 
ATOM   396 C "C3'" . DG  B 1 10 ? -3.375  7.758   15.097  1.00 9.32  ? 10  DG  B "C3'" 1 
ATOM   397 O "O3'" . DG  B 1 10 ? -2.403  8.786   14.969  1.00 10.63 ? 10  DG  B "O3'" 1 
ATOM   398 C "C2'" . DG  B 1 10 ? -4.801  8.303   14.978  1.00 7.93  ? 10  DG  B "C2'" 1 
ATOM   399 C "C1'" . DG  B 1 10 ? -4.971  8.358   13.468  1.00 7.35  ? 10  DG  B "C1'" 1 
ATOM   400 N N9    . DG  B 1 10 ? -6.337  8.187   12.993  1.00 6.61  ? 10  DG  B N9    1 
ATOM   401 C C8    . DG  B 1 10 ? -7.349  7.473   13.583  1.00 6.82  ? 10  DG  B C8    1 
ATOM   402 N N7    . DG  B 1 10 ? -8.448  7.463   12.880  1.00 6.75  ? 10  DG  B N7    1 
ATOM   403 C C5    . DG  B 1 10 ? -8.131  8.204   11.744  1.00 6.31  ? 10  DG  B C5    1 
ATOM   404 C C6    . DG  B 1 10 ? -8.921  8.541   10.618  1.00 6.24  ? 10  DG  B C6    1 
ATOM   405 O O6    . DG  B 1 10 ? -10.095 8.226   10.386  1.00 6.79  ? 10  DG  B O6    1 
ATOM   406 N N1    . DG  B 1 10 ? -8.212  9.316   9.702   1.00 5.88  ? 10  DG  B N1    1 
ATOM   407 C C2    . DG  B 1 10 ? -6.905  9.704   9.851   1.00 5.86  ? 10  DG  B C2    1 
ATOM   408 N N2    . DG  B 1 10 ? -6.386  10.444  8.859   1.00 6.53  ? 10  DG  B N2    1 
ATOM   409 N N3    . DG  B 1 10 ? -6.154  9.385   10.898  1.00 5.59  ? 10  DG  B N3    1 
ATOM   410 C C4    . DG  B 1 10 ? -6.836  8.644   11.802  1.00 5.95  ? 10  DG  B C4    1 
HETATM 411 O O     . HOH C 2 .  ? -2.495  -11.894 -9.839  1.00 23.47 ? 101 HOH A O     1 
HETATM 412 O O     . HOH C 2 .  ? -0.578  -4.032  -15.925 1.00 22.36 ? 102 HOH A O     1 
HETATM 413 O O     . HOH C 2 .  ? -3.224  -10.475 -14.387 1.00 19.67 ? 103 HOH A O     1 
HETATM 414 O O     . HOH C 2 .  ? -0.964  -5.027  -4.740  1.00 21.41 ? 104 HOH A O     1 
HETATM 415 O O     . HOH C 2 .  ? 2.447   -2.322  12.179  1.00 24.01 ? 105 HOH A O     1 
HETATM 416 O O     . HOH C 2 .  ? -0.359  -4.529  10.512  1.00 29.06 ? 106 HOH A O     1 
HETATM 417 O O     . HOH C 2 .  ? 4.925   5.436   12.388  1.00 13.09 ? 107 HOH A O     1 
HETATM 418 O O     . HOH C 2 .  ? -5.056  -11.600 0.783   1.00 22.46 ? 108 HOH A O     1 
HETATM 419 O O     . HOH C 2 .  ? -5.277  -8.347  -0.512  1.00 20.15 ? 109 HOH A O     1 
HETATM 420 O O     . HOH C 2 .  ? -2.013  8.540   -1.333  1.00 30.18 ? 110 HOH A O     1 
HETATM 421 O O     . HOH C 2 .  ? -7.202  18.488  0.728   1.00 20.67 ? 111 HOH A O     1 
HETATM 422 O O     . HOH C 2 .  ? 6.796   1.017   0.516   1.00 14.99 ? 112 HOH A O     1 
HETATM 423 O O     . HOH C 2 .  ? 7.824   8.141   3.194   1.00 35.97 ? 113 HOH A O     1 
HETATM 424 O O     . HOH C 2 .  ? -4.478  -11.627 -3.289  1.00 27.85 ? 114 HOH A O     1 
HETATM 425 O O     . HOH C 2 .  ? -1.445  -0.941  5.300   1.00 28.91 ? 115 HOH A O     1 
HETATM 426 O O     . HOH C 2 .  ? 0.877   10.844  -0.300  1.00 14.65 ? 116 HOH A O     1 
HETATM 427 O O     . HOH C 2 .  ? 3.211   -9.049  2.997   1.00 21.17 ? 117 HOH A O     1 
HETATM 428 O O     . HOH C 2 .  ? 0.189   -8.560  8.699   1.00 14.20 ? 118 HOH A O     1 
HETATM 429 O O     . HOH C 2 .  ? 0.455   -5.586  -7.368  1.00 16.72 ? 119 HOH A O     1 
HETATM 430 O O     . HOH C 2 .  ? 1.703   -15.225 -8.789  1.00 28.65 ? 120 HOH A O     1 
HETATM 431 O O     . HOH C 2 .  ? 0.331   -13.123 -7.035  1.00 23.02 ? 121 HOH A O     1 
HETATM 432 O O     . HOH C 2 .  ? 0.980   7.155   -0.530  1.00 15.40 ? 122 HOH A O     1 
HETATM 433 O O     . HOH C 2 .  ? 3.782   6.698   0.665   1.00 13.36 ? 123 HOH A O     1 
HETATM 434 O O     . HOH C 2 .  ? -1.713  -4.375  -2.198  1.00 21.57 ? 124 HOH A O     1 
HETATM 435 O O     . HOH C 2 .  ? -5.745  17.872  4.667   1.00 23.38 ? 125 HOH A O     1 
HETATM 436 O O     . HOH C 2 .  ? -0.962  -3.801  2.002   1.00 14.42 ? 126 HOH A O     1 
HETATM 437 O O     . HOH C 2 .  ? -5.851  -9.835  -4.675  1.00 25.57 ? 127 HOH A O     1 
HETATM 438 O O     . HOH C 2 .  ? -6.499  13.934  7.147   1.00 13.68 ? 128 HOH A O     1 
HETATM 439 O O     . HOH C 2 .  ? -4.244  -3.940  -14.639 1.00 11.12 ? 129 HOH A O     1 
HETATM 440 O O     . HOH C 2 .  ? 2.125   -12.293 -4.534  1.00 19.36 ? 130 HOH A O     1 
HETATM 441 O O     . HOH C 2 .  ? -4.082  9.133   -0.720  1.00 33.73 ? 131 HOH A O     1 
HETATM 442 O O     . HOH C 2 .  ? -2.311  10.201  5.957   1.00 9.63  ? 132 HOH A O     1 
HETATM 443 O O     . HOH C 2 .  ? 2.385   -5.503  -10.693 1.00 19.17 ? 133 HOH A O     1 
HETATM 444 O O     . HOH C 2 .  ? 0.704   -11.655 4.891   1.00 21.91 ? 134 HOH A O     1 
HETATM 445 O O     . HOH C 2 .  ? -0.213  7.321   6.924   1.00 9.42  ? 135 HOH A O     1 
HETATM 446 O O     . HOH C 2 .  ? -6.288  -7.485  -7.997  1.00 18.44 ? 136 HOH A O     1 
HETATM 447 O O     . HOH C 2 .  ? -2.164  -13.593 0.383   1.00 15.99 ? 137 HOH A O     1 
HETATM 448 O O     . HOH C 2 .  ? 2.094   15.752  3.296   1.00 13.28 ? 138 HOH A O     1 
HETATM 449 O O     . HOH C 2 .  ? 0.624   -1.309  11.412  1.00 28.06 ? 139 HOH A O     1 
HETATM 450 O O     . HOH C 2 .  ? 6.870   6.389   4.301   1.00 33.46 ? 140 HOH A O     1 
HETATM 451 O O     . HOH C 2 .  ? -0.427  3.733   7.716   1.00 13.53 ? 141 HOH A O     1 
HETATM 452 O O     . HOH C 2 .  ? 2.388   2.607   12.259  1.00 26.21 ? 142 HOH A O     1 
HETATM 453 O O     . HOH C 2 .  ? 3.165   -5.103  11.609  1.00 19.11 ? 143 HOH A O     1 
HETATM 454 O O     . HOH C 2 .  ? -1.126  15.101  5.571   1.00 24.74 ? 144 HOH A O     1 
HETATM 455 O O     . HOH C 2 .  ? 5.427   -7.485  -12.222 1.00 14.63 ? 145 HOH A O     1 
HETATM 456 O O     . HOH C 2 .  ? 0.050   15.863  -0.289  1.00 23.83 ? 146 HOH A O     1 
HETATM 457 O O     . HOH C 2 .  ? 7.363   1.855   6.593   1.00 20.86 ? 147 HOH A O     1 
HETATM 458 O O     . HOH C 2 .  ? 0.389   -14.773 -11.321 1.00 29.35 ? 148 HOH A O     1 
HETATM 459 O O     . HOH C 2 .  ? -5.503  7.463   -0.983  1.00 34.68 ? 149 HOH A O     1 
HETATM 460 O O     . HOH C 2 .  ? -13.943 7.311   7.339   1.00 22.44 ? 150 HOH A O     1 
HETATM 461 O O     . HOH C 2 .  ? 6.428   3.470   -0.844  1.00 30.16 ? 151 HOH A O     1 
HETATM 462 O O     . HOH C 2 .  ? 6.462   0.326   4.072   1.00 22.39 ? 152 HOH A O     1 
HETATM 463 O O     . HOH C 2 .  ? -0.510  -13.319 -9.700  1.00 29.75 ? 153 HOH A O     1 
HETATM 464 O O     . HOH C 2 .  ? 7.988   4.799   6.268   1.00 17.38 ? 154 HOH A O     1 
HETATM 465 O O     . HOH C 2 .  ? -1.789  16.942  2.224   1.00 23.10 ? 155 HOH A O     1 
HETATM 466 O O     . HOH C 2 .  ? -4.234  17.947  0.581   1.00 32.23 ? 156 HOH A O     1 
HETATM 467 O O     . HOH C 2 .  ? -4.267  11.978  6.874   1.00 25.12 ? 157 HOH A O     1 
HETATM 468 O O     . HOH C 2 .  ? 6.951   -6.063  -10.514 1.00 16.41 ? 158 HOH A O     1 
HETATM 469 O O     . HOH C 2 .  ? 0.496   5.856   9.435   1.00 15.47 ? 159 HOH A O     1 
HETATM 470 O O     . HOH C 2 .  ? -1.490  0.975   7.530   1.00 33.68 ? 160 HOH A O     1 
HETATM 471 O O     . HOH C 2 .  ? -4.392  -10.832 -11.336 1.00 23.64 ? 161 HOH A O     1 
HETATM 472 O O     . HOH C 2 .  ? 7.861   7.183   7.698   1.00 24.20 ? 162 HOH A O     1 
HETATM 473 O O     . HOH C 2 .  ? -3.329  -5.405  -6.305  1.00 39.65 ? 163 HOH A O     1 
HETATM 474 O O     . HOH C 2 .  ? 9.499   5.547   7.372   1.00 10.22 ? 164 HOH A O     1 
HETATM 475 O O     . HOH C 2 .  ? -1.620  -3.566  -8.877  1.00 25.21 ? 165 HOH A O     1 
HETATM 476 O O     . HOH C 2 .  ? -2.571  -3.747  4.501   1.00 31.92 ? 166 HOH A O     1 
HETATM 477 O O     . HOH C 2 .  ? 4.498   7.926   10.939  1.00 19.81 ? 167 HOH A O     1 
HETATM 478 O O     . HOH C 2 .  ? 6.624   9.123   9.384   1.00 18.72 ? 168 HOH A O     1 
HETATM 479 O O     . HOH C 2 .  ? 2.862   4.687   14.046  1.00 26.67 ? 169 HOH A O     1 
HETATM 480 O O     . HOH C 2 .  ? -0.851  7.417   8.905   1.00 6.38  ? 170 HOH A O     1 
HETATM 481 O O     . HOH C 2 .  ? 4.189   -5.309  -12.483 1.00 25.42 ? 171 HOH A O     1 
HETATM 482 O O     . HOH C 2 .  ? -6.921  20.068  4.188   1.00 35.20 ? 172 HOH A O     1 
HETATM 483 O O     . HOH C 2 .  ? -3.503  14.926  6.462   1.00 30.46 ? 173 HOH A O     1 
HETATM 484 O O     . HOH C 2 .  ? 0.639   8.957   9.206   1.00 22.98 ? 174 HOH A O     1 
HETATM 485 O O     . HOH C 2 .  ? -9.667  18.851  2.419   1.00 29.50 ? 175 HOH A O     1 
HETATM 486 O O     . HOH C 2 .  ? -2.250  -14.998 -1.634  1.00 33.29 ? 176 HOH A O     1 
HETATM 487 O O     . HOH C 2 .  ? 2.628   -7.368  9.307   1.00 28.84 ? 177 HOH A O     1 
HETATM 488 O O     . HOH C 2 .  ? -4.694  -11.726 -13.191 1.00 9.08  ? 178 HOH A O     1 
HETATM 489 O O     . HOH C 2 .  ? 2.993   7.369   -1.155  1.00 8.92  ? 179 HOH A O     1 
HETATM 490 O O     . HOH C 2 .  ? 0.607   -14.359 1.485   1.00 18.87 ? 180 HOH A O     1 
HETATM 491 O O     . HOH C 2 .  ? -1.861  12.832  7.331   1.00 23.94 ? 181 HOH A O     1 
HETATM 492 O O     . HOH C 2 .  ? 6.272   -10.600 0.768   1.00 24.84 ? 182 HOH A O     1 
HETATM 493 O O     . HOH C 2 .  ? 3.380   -7.283  11.457  1.00 12.79 ? 183 HOH A O     1 
HETATM 494 O O     . HOH C 2 .  ? 6.092   -7.330  -14.867 1.00 21.74 ? 184 HOH A O     1 
HETATM 495 O O     . HOH C 2 .  ? 9.336   -7.083  -11.922 1.00 13.16 ? 185 HOH A O     1 
HETATM 496 O O     . HOH C 2 .  ? -1.649  -14.919 -13.030 1.00 28.07 ? 186 HOH A O     1 
HETATM 497 O O     . HOH C 2 .  ? 3.322   9.423   -0.334  1.00 15.39 ? 187 HOH A O     1 
HETATM 498 O O     . HOH C 2 .  ? 2.164   17.831  5.356   1.00 28.79 ? 188 HOH A O     1 
HETATM 499 O O     . HOH C 2 .  ? 1.332   -7.885  12.065  1.00 32.63 ? 189 HOH A O     1 
HETATM 500 O O     . HOH C 2 .  ? -8.971  20.856  0.761   1.00 25.57 ? 190 HOH A O     1 
HETATM 501 O O     . HOH C 2 .  ? 3.267   -1.099  14.496  1.00 25.48 ? 191 HOH A O     1 
HETATM 502 O O     . HOH C 2 .  ? -3.612  -13.417 -12.335 1.00 31.12 ? 192 HOH A O     1 
HETATM 503 O O     . HOH C 2 .  ? 10.210  6.652   5.707   1.00 21.36 ? 193 HOH A O     1 
HETATM 504 O O     . HOH C 2 .  ? -6.430  -12.814 -12.352 1.00 25.46 ? 194 HOH A O     1 
HETATM 505 O O     . HOH C 2 .  ? -1.793  -16.576 -14.570 1.00 25.95 ? 195 HOH A O     1 
HETATM 506 O O     . HOH D 2 .  ? -8.878  2.158   -2.532  1.00 20.76 ? 101 HOH B O     1 
HETATM 507 O O     . HOH D 2 .  ? -3.685  4.624   -6.240  1.00 28.33 ? 102 HOH B O     1 
HETATM 508 O O     . HOH D 2 .  ? 4.164   4.450   -10.888 1.00 22.19 ? 103 HOH B O     1 
HETATM 509 O O     . HOH D 2 .  ? -9.219  4.211   15.980  1.00 25.23 ? 104 HOH B O     1 
HETATM 510 O O     . HOH D 2 .  ? -4.091  -2.290  -8.730  1.00 26.56 ? 105 HOH B O     1 
HETATM 511 O O     . HOH D 2 .  ? 5.877   2.944   -12.604 1.00 20.48 ? 106 HOH B O     1 
HETATM 512 O O     . HOH D 2 .  ? 7.573   -1.338  -1.229  1.00 11.32 ? 107 HOH B O     1 
HETATM 513 O O     . HOH D 2 .  ? 11.253  -2.858  -1.992  1.00 19.63 ? 108 HOH B O     1 
HETATM 514 O O     . HOH D 2 .  ? -4.373  0.251   4.551   1.00 21.08 ? 109 HOH B O     1 
HETATM 515 O O     . HOH D 2 .  ? 9.922   4.224   -7.811  1.00 11.08 ? 110 HOH B O     1 
HETATM 516 O O     . HOH D 2 .  ? -11.389 -2.142  11.006  1.00 11.73 ? 111 HOH B O     1 
HETATM 517 O O     . HOH D 2 .  ? 0.686   4.932   -2.568  1.00 25.56 ? 112 HOH B O     1 
HETATM 518 O O     . HOH D 2 .  ? -2.056  -1.877  -3.551  1.00 20.90 ? 113 HOH B O     1 
HETATM 519 O O     . HOH D 2 .  ? 12.725  -7.123  -1.458  1.00 21.79 ? 114 HOH B O     1 
HETATM 520 O O     . HOH D 2 .  ? -12.656 5.889   8.373   1.00 48.10 ? 115 HOH B O     1 
HETATM 521 O O     . HOH D 2 .  ? 5.860   6.125   -4.478  1.00 33.74 ? 116 HOH B O     1 
HETATM 522 O O     . HOH D 2 .  ? 7.788   -13.759 -1.599  1.00 18.17 ? 117 HOH B O     1 
HETATM 523 O O     . HOH D 2 .  ? -2.882  1.879   13.214  1.00 21.12 ? 118 HOH B O     1 
HETATM 524 O O     . HOH D 2 .  ? 10.160  -9.966  -9.272  1.00 8.41  ? 119 HOH B O     1 
HETATM 525 O O     . HOH D 2 .  ? 6.598   3.172   -7.110  1.00 17.99 ? 120 HOH B O     1 
HETATM 526 O O     . HOH D 2 .  ? 15.481  -1.683  -6.819  1.00 26.80 ? 121 HOH B O     1 
HETATM 527 O O     . HOH D 2 .  ? -12.238 7.098   11.609  1.00 11.34 ? 122 HOH B O     1 
HETATM 528 O O     . HOH D 2 .  ? 9.372   -2.323  -1.419  1.00 28.03 ? 123 HOH B O     1 
HETATM 529 O O     . HOH D 2 .  ? -6.094  -1.800  13.738  1.00 23.91 ? 124 HOH B O     1 
HETATM 530 O O     . HOH D 2 .  ? -9.170  -3.353  12.415  1.00 11.01 ? 125 HOH B O     1 
HETATM 531 O O     . HOH D 2 .  ? 7.411   1.539   -3.104  1.00 20.85 ? 126 HOH B O     1 
HETATM 532 O O     . HOH D 2 .  ? 8.522   -4.968  -8.477  1.00 8.09  ? 127 HOH B O     1 
HETATM 533 O O     . HOH D 2 .  ? -12.112 6.807   4.952   1.00 9.87  ? 128 HOH B O     1 
HETATM 534 O O     . HOH D 2 .  ? -1.734  9.683   12.449  1.00 13.99 ? 129 HOH B O     1 
HETATM 535 O O     . HOH D 2 .  ? 0.407   -2.913  -6.538  1.00 32.10 ? 130 HOH B O     1 
HETATM 536 O O     . HOH D 2 .  ? -11.571 1.994   6.585   1.00 21.98 ? 131 HOH B O     1 
HETATM 537 O O     . HOH D 2 .  ? -5.837  -2.891  9.889   1.00 26.70 ? 132 HOH B O     1 
HETATM 538 O O     . HOH D 2 .  ? -11.513 1.482   9.348   1.00 14.74 ? 133 HOH B O     1 
HETATM 539 O O     . HOH D 2 .  ? 15.075  -4.366  -4.435  1.00 14.40 ? 134 HOH B O     1 
HETATM 540 O O     . HOH D 2 .  ? -7.984  -4.607  -0.605  1.00 29.14 ? 135 HOH B O     1 
HETATM 541 O O     . HOH D 2 .  ? -3.695  6.653   -2.600  1.00 17.95 ? 136 HOH B O     1 
HETATM 542 O O     . HOH D 2 .  ? 5.181   -3.905  -9.211  1.00 12.52 ? 137 HOH B O     1 
HETATM 543 O O     . HOH D 2 .  ? -7.191  6.615   17.300  1.00 32.33 ? 138 HOH B O     1 
HETATM 544 O O     . HOH D 2 .  ? -12.256 4.529   6.769   1.00 14.83 ? 139 HOH B O     1 
HETATM 545 O O     . HOH D 2 .  ? -3.414  10.129  10.457  1.00 12.24 ? 140 HOH B O     1 
HETATM 546 O O     . HOH D 2 .  ? -4.301  6.013   10.314  1.00 10.42 ? 141 HOH B O     1 
HETATM 547 O O     . HOH D 2 .  ? -2.196  1.673   -11.709 1.00 31.83 ? 142 HOH B O     1 
HETATM 548 O O     . HOH D 2 .  ? 1.515   4.461   -7.721  1.00 24.83 ? 143 HOH B O     1 
HETATM 549 O O     . HOH D 2 .  ? 10.719  0.875   -4.188  1.00 25.08 ? 144 HOH B O     1 
HETATM 550 O O     . HOH D 2 .  ? 8.791   -4.469  -0.874  1.00 10.03 ? 145 HOH B O     1 
HETATM 551 O O     . HOH D 2 .  ? -4.342  -2.405  0.296   1.00 23.80 ? 146 HOH B O     1 
HETATM 552 O O     . HOH D 2 .  ? -4.975  4.746   18.393  1.00 35.61 ? 147 HOH B O     1 
HETATM 553 O O     . HOH D 2 .  ? 5.994   -11.700 -1.758  1.00 9.86  ? 148 HOH B O     1 
HETATM 554 O O     . HOH D 2 .  ? -3.652  3.541   -9.929  1.00 31.25 ? 149 HOH B O     1 
HETATM 555 O O     . HOH D 2 .  ? 3.756   -15.314 -3.959  1.00 22.04 ? 150 HOH B O     1 
HETATM 556 O O     . HOH D 2 .  ? 9.407   -7.479  -8.960  1.00 16.93 ? 151 HOH B O     1 
HETATM 557 O O     . HOH D 2 .  ? 0.704   -1.839  -12.331 1.00 35.90 ? 152 HOH B O     1 
HETATM 558 O O     . HOH D 2 .  ? 2.954   5.436   -1.945  1.00 17.93 ? 153 HOH B O     1 
HETATM 559 O O     . HOH D 2 .  ? 2.016   -3.116  -8.024  1.00 25.84 ? 154 HOH B O     1 
HETATM 560 O O     . HOH D 2 .  ? -2.326  8.759   8.362   1.00 12.96 ? 155 HOH B O     1 
HETATM 561 O O     . HOH D 2 .  ? -1.461  7.511   10.852  1.00 14.99 ? 156 HOH B O     1 
HETATM 562 O O     . HOH D 2 .  ? 1.644   -15.038 -5.715  1.00 35.49 ? 157 HOH B O     1 
HETATM 563 O O     . HOH D 2 .  ? 9.343   -11.220 1.057   1.00 29.63 ? 158 HOH B O     1 
HETATM 564 O O     . HOH D 2 .  ? -2.469  -2.648  -5.741  1.00 24.49 ? 159 HOH B O     1 
HETATM 565 O O     . HOH D 2 .  ? -2.210  5.886   8.384   1.00 13.95 ? 160 HOH B O     1 
HETATM 566 O O     . HOH D 2 .  ? 4.278   0.949   -13.438 1.00 26.50 ? 161 HOH B O     1 
HETATM 567 O O     . HOH D 2 .  ? 12.647  -10.557 -9.114  1.00 23.99 ? 162 HOH B O     1 
HETATM 568 O O     . HOH D 2 .  ? -0.542  7.506   -2.582  1.00 29.65 ? 163 HOH B O     1 
HETATM 569 O O     . HOH D 2 .  ? 3.906   -13.227 -2.233  1.00 25.22 ? 164 HOH B O     1 
HETATM 570 O O     . HOH D 2 .  ? 9.044   -5.892  -10.245 1.00 5.21  ? 165 HOH B O     1 
HETATM 571 O O     . HOH D 2 .  ? -1.308  -4.295  -6.743  1.00 12.62 ? 166 HOH B O     1 
HETATM 572 O O     . HOH D 2 .  ? -2.628  3.376   10.936  1.00 30.84 ? 167 HOH B O     1 
HETATM 573 O O     . HOH D 2 .  ? 0.702   6.130   14.462  1.00 33.04 ? 168 HOH B O     1 
HETATM 574 O O     . HOH D 2 .  ? -7.320  -5.389  12.400  1.00 26.32 ? 169 HOH B O     1 
HETATM 575 O O     . HOH D 2 .  ? -3.170  -0.687  12.924  1.00 33.80 ? 170 HOH B O     1 
HETATM 576 O O     . HOH D 2 .  ? 10.011  -6.918  -0.812  1.00 15.37 ? 171 HOH B O     1 
HETATM 577 O O     . HOH D 2 .  ? -5.124  6.142   -4.738  1.00 25.46 ? 172 HOH B O     1 
HETATM 578 O O     . HOH D 2 .  ? 17.175  -4.807  -5.184  1.00 34.23 ? 173 HOH B O     1 
HETATM 579 O O     . HOH D 2 .  ? 6.080   -3.324  -11.705 1.00 28.17 ? 174 HOH B O     1 
HETATM 580 O O     . HOH D 2 .  ? -0.381  5.052   12.299  1.00 30.35 ? 175 HOH B O     1 
HETATM 581 O O     . HOH D 2 .  ? -10.236 -5.779  1.765   1.00 30.50 ? 176 HOH B O     1 
HETATM 582 O O     . HOH D 2 .  ? 5.019   -0.401  -15.999 1.00 33.11 ? 177 HOH B O     1 
HETATM 583 O O     . HOH D 2 .  ? -5.346  8.607   -5.402  1.00 34.77 ? 178 HOH B O     1 
HETATM 584 O O     . HOH D 2 .  ? 4.481   0.773   -18.067 1.00 33.09 ? 179 HOH B O     1 
# 
loop_
_atom_site_anisotrop.id 
_atom_site_anisotrop.type_symbol 
_atom_site_anisotrop.pdbx_label_atom_id 
_atom_site_anisotrop.pdbx_label_alt_id 
_atom_site_anisotrop.pdbx_label_comp_id 
_atom_site_anisotrop.pdbx_label_asym_id 
_atom_site_anisotrop.pdbx_label_seq_id 
_atom_site_anisotrop.pdbx_PDB_ins_code 
_atom_site_anisotrop.U[1][1] 
_atom_site_anisotrop.U[2][2] 
_atom_site_anisotrop.U[3][3] 
_atom_site_anisotrop.U[1][2] 
_atom_site_anisotrop.U[1][3] 
_atom_site_anisotrop.U[2][3] 
_atom_site_anisotrop.pdbx_auth_seq_id 
_atom_site_anisotrop.pdbx_auth_comp_id 
_atom_site_anisotrop.pdbx_auth_asym_id 
_atom_site_anisotrop.pdbx_auth_atom_id 
1   O "O5'" . DC  A 1  ? 0.1416 0.1799 0.1492 -0.0033 -0.0170 0.0355  1   DC  A "O5'" 
2   C "C5'" . DC  A 1  ? 0.1216 0.1500 0.1354 -0.0001 -0.0150 0.0358  1   DC  A "C5'" 
3   C "C4'" . DC  A 1  ? 0.0956 0.1254 0.1203 0.0138  -0.0056 0.0375  1   DC  A "C4'" 
4   O "O4'" . DC  A 1  ? 0.0750 0.1284 0.1260 0.0232  0.0051  0.0397  1   DC  A "O4'" 
5   C "C3'" . DC  A 1  ? 0.0910 0.1102 0.1149 0.0087  -0.0027 0.0266  1   DC  A "C3'" 
6   O "O3'" . DC  A 1  ? 0.1040 0.1001 0.1126 0.0052  -0.0085 0.0252  1   DC  A "O3'" 
7   C "C2'" . DC  A 1  ? 0.0819 0.1072 0.1092 0.0144  0.0045  0.0241  1   DC  A "C2'" 
8   C "C1'" . DC  A 1  ? 0.0775 0.1055 0.1101 0.0207  0.0064  0.0346  1   DC  A "C1'" 
9   N N1    . DC  A 1  ? 0.0810 0.0963 0.0972 0.0205  0.0014  0.0213  1   DC  A N1    
10  C C2    . DC  A 1  ? 0.0853 0.0902 0.0816 0.0093  0.0024  0.0051  1   DC  A C2    
11  O O2    . DC  A 1  ? 0.0932 0.0900 0.0820 -0.0078 0.0025  0.0065  1   DC  A O2    
12  N N3    . DC  A 1  ? 0.0736 0.1016 0.0804 0.0071  0.0037  0.0052  1   DC  A N3    
13  C C4    . DC  A 1  ? 0.0737 0.1074 0.0857 0.0084  0.0036  0.0012  1   DC  A C4    
14  N N4    . DC  A 1  ? 0.0811 0.1217 0.0835 0.0006  0.0063  0.0105  1   DC  A N4    
15  C C5    . DC  A 1  ? 0.0845 0.1160 0.0970 0.0149  0.0008  0.0061  1   DC  A C5    
16  C C6    . DC  A 1  ? 0.0793 0.1113 0.0952 0.0173  0.0028  0.0156  1   DC  A C6    
17  P P     . DC  A 2  ? 0.0950 0.1098 0.1106 -0.0080 -0.0140 0.0329  2   DC  A P     
18  O OP1   . DC  A 2  ? 0.1190 0.1111 0.1374 0.0052  -0.0193 0.0301  2   DC  A OP1   
19  O OP2   . DC  A 2  ? 0.1163 0.1377 0.1073 -0.0062 -0.0105 0.0383  2   DC  A OP2   
20  O "O5'" . DC  A 2  ? 0.0861 0.1077 0.1252 -0.0087 -0.0148 0.0207  2   DC  A "O5'" 
21  C "C5'" . DC  A 2  ? 0.0820 0.1070 0.1314 -0.0128 -0.0101 0.0101  2   DC  A "C5'" 
22  C "C4'" . DC  A 2  ? 0.0780 0.1013 0.1235 -0.0105 0.0019  0.0192  2   DC  A "C4'" 
23  O "O4'" . DC  A 2  ? 0.0775 0.0893 0.1071 -0.0179 0.0063  0.0151  2   DC  A "O4'" 
24  C "C3'" . DC  A 2  ? 0.0746 0.0952 0.1346 -0.0083 0.0076  0.0345  2   DC  A "C3'" 
25  O "O3'" . DC  A 2  ? 0.0685 0.1095 0.1607 -0.0119 0.0144  0.0425  2   DC  A "O3'" 
26  C "C2'" . DC  A 2  ? 0.0824 0.1001 0.1092 -0.0097 0.0117  0.0265  2   DC  A "C2'" 
27  C "C1'" . DC  A 2  ? 0.0737 0.0884 0.0942 -0.0101 0.0114  0.0114  2   DC  A "C1'" 
28  N N1    . DC  A 2  ? 0.0675 0.0950 0.0734 -0.0077 0.0084  0.0089  2   DC  A N1    
29  C C2    . DC  A 2  ? 0.0549 0.0896 0.0667 -0.0165 0.0041  0.0062  2   DC  A C2    
30  O O2    . DC  A 2  ? 0.0525 0.0917 0.0663 -0.0168 -0.0020 0.0095  2   DC  A O2    
31  N N3    . DC  A 2  ? 0.0560 0.0935 0.0629 -0.0143 0.0071  0.0005  2   DC  A N3    
32  C C4    . DC  A 2  ? 0.0633 0.1099 0.0663 -0.0129 0.0025  -0.0036 2   DC  A C4    
33  N N4    . DC  A 2  ? 0.0659 0.1239 0.0836 -0.0221 -0.0034 0.0108  2   DC  A N4    
34  C C5    . DC  A 2  ? 0.0731 0.1270 0.0694 -0.0081 0.0025  0.0085  2   DC  A C5    
35  C C6    . DC  A 2  ? 0.0743 0.1071 0.0728 -0.0029 0.0059  0.0104  2   DC  A C6    
36  P P     . DA  A 3  ? 0.0749 0.1127 0.1741 -0.0205 0.0176  0.0499  3   DA  A P     
37  O OP1   . DA  A 3  ? 0.1108 0.1070 0.2002 -0.0167 0.0086  0.0295  3   DA  A OP1   
38  O OP2   . DA  A 3  ? 0.0953 0.1617 0.1664 -0.0151 0.0171  0.0603  3   DA  A OP2   
39  O "O5'" . DA  A 3  ? 0.0829 0.0992 0.1593 -0.0191 0.0100  0.0234  3   DA  A "O5'" 
40  C "C5'" . DA  A 3  ? 0.0992 0.1136 0.1386 -0.0233 0.0035  0.0045  3   DA  A "C5'" 
41  C "C4'" . DA  A 3  ? 0.0972 0.1133 0.1149 -0.0245 0.0022  0.0037  3   DA  A "C4'" 
42  O "O4'" . DA  A 3  ? 0.0858 0.0981 0.1018 -0.0268 0.0089  -0.0040 3   DA  A "O4'" 
43  C "C3'" . DA  A 3  ? 0.0950 0.1140 0.1133 -0.0186 -0.0038 0.0292  3   DA  A "C3'" 
44  O "O3'" . DA  A 3  ? 0.1075 0.1316 0.1316 -0.0244 -0.0219 0.0556  3   DA  A "O3'" 
45  C "C2'" . DA  A 3  ? 0.0867 0.1045 0.0956 -0.0149 0.0069  0.0104  3   DA  A "C2'" 
46  C "C1'" . DA  A 3  ? 0.0829 0.0941 0.0893 -0.0165 0.0130  0.0047  3   DA  A "C1'" 
47  N N9    . DA  A 3  ? 0.0836 0.0792 0.0821 -0.0092 0.0114  0.0046  3   DA  A N9    
48  C C8    . DA  A 3  ? 0.0880 0.0835 0.0847 -0.0070 0.0082  -0.0009 3   DA  A C8    
49  N N7    . DA  A 3  ? 0.0921 0.0820 0.0860 -0.0057 0.0049  -0.0024 3   DA  A N7    
50  C C5    . DA  A 3  ? 0.0827 0.0745 0.0853 -0.0041 0.0080  -0.0078 3   DA  A C5    
51  C C6    . DA  A 3  ? 0.0800 0.0834 0.0975 -0.0086 0.0096  -0.0159 3   DA  A C6    
52  N N6    . DA  A 3  ? 0.0847 0.0994 0.1117 0.0015  0.0089  -0.0187 3   DA  A N6    
53  N N1    . DA  A 3  ? 0.0775 0.0790 0.0916 -0.0129 0.0178  -0.0071 3   DA  A N1    
54  C C2    . DA  A 3  ? 0.0816 0.0758 0.0884 -0.0064 0.0182  -0.0052 3   DA  A C2    
55  N N3    . DA  A 3  ? 0.0812 0.0707 0.0872 -0.0050 0.0156  0.0013  3   DA  A N3    
56  C C4    . DA  A 3  ? 0.0812 0.0739 0.0847 -0.0053 0.0113  -0.0030 3   DA  A C4    
57  P P     . DG  A 4  ? 0.1083 0.1463 0.1608 -0.0517 -0.0389 0.0670  4   DG  A P     
58  O OP1   . DG  A 4  ? 0.1537 0.1611 0.1688 -0.0600 -0.0548 0.0448  4   DG  A OP1   
59  O OP2   . DG  A 4  ? 0.1315 0.2005 0.1820 -0.0337 -0.0258 0.0873  4   DG  A OP2   
60  O "O5'" . DG  A 4  ? 0.1214 0.1469 0.1531 -0.0406 -0.0299 0.0530  4   DG  A "O5'" 
61  C "C5'" . DG  A 4  ? 0.1252 0.1288 0.1354 -0.0281 -0.0250 0.0347  4   DG  A "C5'" 
62  C "C4'" . DG  A 4  ? 0.1105 0.1176 0.1142 -0.0076 -0.0249 0.0237  4   DG  A "C4'" 
63  O "O4'" . DG  A 4  ? 0.0987 0.1158 0.0955 -0.0027 -0.0200 0.0081  4   DG  A "O4'" 
64  C "C3'" . DG  A 4  ? 0.1032 0.1070 0.1014 -0.0088 -0.0277 0.0307  4   DG  A "C3'" 
65  O "O3'" . DG  A 4  ? 0.0996 0.1021 0.1055 -0.0055 -0.0324 0.0300  4   DG  A "O3'" 
66  C "C2'" . DG  A 4  ? 0.0935 0.1106 0.0941 -0.0072 -0.0203 0.0221  4   DG  A "C2'" 
67  C "C1'" . DG  A 4  ? 0.0852 0.0902 0.0885 -0.0059 -0.0144 0.0103  4   DG  A "C1'" 
68  N N9    . DG  A 4  ? 0.0821 0.0782 0.0818 -0.0023 -0.0093 0.0017  4   DG  A N9    
69  C C8    . DG  A 4  ? 0.0817 0.0926 0.0816 0.0015  -0.0035 0.0078  4   DG  A C8    
70  N N7    . DG  A 4  ? 0.0785 0.0891 0.0768 -0.0005 -0.0018 0.0050  4   DG  A N7    
71  C C5    . DG  A 4  ? 0.0741 0.0732 0.0777 0.0059  0.0004  0.0005  4   DG  A C5    
72  C C6    . DG  A 4  ? 0.0821 0.0835 0.0722 0.0087  -0.0030 -0.0008 4   DG  A C6    
73  O O6    . DG  A 4  ? 0.0899 0.1064 0.0679 -0.0010 -0.0064 -0.0002 4   DG  A O6    
74  N N1    . DG  A 4  ? 0.0819 0.0856 0.0719 0.0041  0.0015  -0.0053 4   DG  A N1    
75  C C2    . DG  A 4  ? 0.0760 0.0824 0.0810 -0.0033 0.0030  -0.0037 4   DG  A C2    
76  N N2    . DG  A 4  ? 0.0685 0.1091 0.0940 -0.0164 0.0056  -0.0048 4   DG  A N2    
77  N N3    . DG  A 4  ? 0.0779 0.0805 0.0793 -0.0072 -0.0012 0.0034  4   DG  A N3    
78  C C4    . DG  A 4  ? 0.0793 0.0695 0.0811 0.0009  -0.0035 -0.0034 4   DG  A C4    
79  P P     . 1CC A 5  ? 0.0881 0.1205 0.1106 -0.0122 -0.0343 0.0198  5   1CC A P     
80  O OP1   . 1CC A 5  ? 0.1140 0.1393 0.1080 -0.0051 -0.0420 0.0351  5   1CC A OP1   
81  O OP2   . 1CC A 5  ? 0.0982 0.2130 0.1429 0.0059  -0.0401 0.0163  5   1CC A OP2   
82  O "O5'" . 1CC A 5  ? 0.0873 0.1199 0.1100 -0.0130 -0.0222 0.0110  5   1CC A "O5'" 
83  C "C5'" . 1CC A 5  ? 0.0854 0.1204 0.0996 -0.0141 -0.0131 0.0071  5   1CC A "C5'" 
84  C "C4'" . 1CC A 5  ? 0.0909 0.1086 0.0852 -0.0101 -0.0081 0.0033  5   1CC A "C4'" 
85  C "C3'" . 1CC A 5  ? 0.0847 0.1112 0.0956 -0.0120 -0.0067 0.0021  5   1CC A "C3'" 
86  C "C2'" . 1CC A 5  ? 0.0984 0.1149 0.0957 -0.0069 0.0016  -0.0024 5   1CC A "C2'" 
87  C "C1'" . 1CC A 5  ? 0.1084 0.1166 0.0864 -0.0028 0.0021  -0.0046 5   1CC A "C1'" 
88  O "O4'" . 1CC A 5  ? 0.1117 0.1088 0.0752 0.0057  -0.0071 0.0032  5   1CC A "O4'" 
89  N N1    . 1CC A 5  ? 0.1242 0.1180 0.0929 0.0031  0.0104  -0.0084 5   1CC A N1    
90  C C6    . 1CC A 5  ? 0.1174 0.1289 0.1150 -0.0054 0.0264  -0.0078 5   1CC A C6    
91  C C5    . 1CC A 5  ? 0.1330 0.1220 0.1364 0.0046  0.0330  -0.0167 5   1CC A C5    
92  C C4    . 1CC A 5  ? 0.1490 0.1139 0.1181 0.0348  0.0261  -0.0180 5   1CC A C4    
93  N N4    . 1CC A 5  ? 0.1649 0.1432 0.1205 0.0200  0.0314  -0.0007 5   1CC A N4    
94  N N3    . 1CC A 5  ? 0.1567 0.1099 0.0996 0.0467  0.0153  -0.0107 5   1CC A N3    
95  C C2    . 1CC A 5  ? 0.1468 0.1154 0.0885 0.0314  0.0074  -0.0039 5   1CC A C2    
96  O O2    . 1CC A 5  ? 0.1493 0.1274 0.0939 0.0190  -0.0080 -0.0034 5   1CC A O2    
97  C C21   . 1CC A 5  ? 0.1498 0.1514 0.1730 -0.0168 0.0497  -0.0048 5   1CC A C21   
98  O O22   . 1CC A 5  ? 0.1664 0.1614 0.1964 -0.0334 0.0721  -0.0022 5   1CC A O22   
99  O O23   . 1CC A 5  ? 0.1527 0.1662 0.1768 -0.0210 0.0436  0.0060  5   1CC A O23   
100 O "O3'" . 1CC A 5  ? 0.0884 0.1138 0.0807 -0.0156 -0.0068 0.0109  5   1CC A "O3'" 
101 P P     . DG  A 6  ? 0.0873 0.1244 0.0675 -0.0162 -0.0080 0.0021  6   DG  A P     
102 O OP1   . DG  A 6  ? 0.1043 0.1528 0.0717 -0.0088 0.0004  0.0044  6   DG  A OP1   
103 O OP2   . DG  A 6  ? 0.0846 0.1272 0.0867 -0.0184 -0.0188 -0.0099 6   DG  A OP2   
104 O "O5'" . DG  A 6  ? 0.0892 0.1224 0.0706 -0.0230 -0.0106 -0.0107 6   DG  A "O5'" 
105 C "C5'" . DG  A 6  ? 0.0896 0.1360 0.0674 -0.0277 -0.0066 -0.0061 6   DG  A "C5'" 
106 C "C4'" . DG  A 6  ? 0.0925 0.1330 0.0705 -0.0309 -0.0063 0.0013  6   DG  A "C4'" 
107 O "O4'" . DG  A 6  ? 0.0855 0.1263 0.0663 -0.0258 -0.0055 0.0045  6   DG  A "O4'" 
108 C "C3'" . DG  A 6  ? 0.1042 0.1221 0.0676 -0.0232 -0.0062 0.0082  6   DG  A "C3'" 
109 O "O3'" . DG  A 6  ? 0.1135 0.1122 0.0692 -0.0257 -0.0068 0.0124  6   DG  A "O3'" 
110 C "C2'" . DG  A 6  ? 0.0969 0.1122 0.0637 -0.0125 -0.0087 0.0066  6   DG  A "C2'" 
111 C "C1'" . DG  A 6  ? 0.0864 0.1126 0.0693 -0.0165 -0.0069 -0.0001 6   DG  A "C1'" 
112 N N9    . DG  A 6  ? 0.0792 0.1018 0.0719 -0.0153 -0.0061 -0.0085 6   DG  A N9    
113 C C8    . DG  A 6  ? 0.0810 0.1095 0.0802 -0.0146 -0.0066 -0.0090 6   DG  A C8    
114 N N7    . DG  A 6  ? 0.0776 0.1110 0.0925 -0.0147 -0.0053 -0.0086 6   DG  A N7    
115 C C5    . DG  A 6  ? 0.0697 0.0876 0.0899 -0.0045 0.0022  -0.0085 6   DG  A C5    
116 C C6    . DG  A 6  ? 0.0635 0.0721 0.0873 -0.0007 0.0110  -0.0153 6   DG  A C6    
117 O O6    . DG  A 6  ? 0.0605 0.0851 0.1047 -0.0093 0.0129  -0.0066 6   DG  A O6    
118 N N1    . DG  A 6  ? 0.0704 0.0679 0.0838 0.0078  0.0078  -0.0035 6   DG  A N1    
119 C C2    . DG  A 6  ? 0.0700 0.0844 0.0768 0.0040  0.0029  -0.0035 6   DG  A C2    
120 N N2    . DG  A 6  ? 0.0746 0.0946 0.0822 0.0013  -0.0084 -0.0046 6   DG  A N2    
121 N N3    . DG  A 6  ? 0.0651 0.0877 0.0698 -0.0023 0.0039  -0.0031 6   DG  A N3    
122 C C4    . DG  A 6  ? 0.0694 0.0849 0.0764 -0.0034 -0.0001 -0.0125 6   DG  A C4    
123 P P     . DC  A 7  ? 0.1282 0.1300 0.0809 -0.0347 -0.0125 0.0125  7   DC  A P     
124 O OP1   . DC  A 7  ? 0.1318 0.1335 0.0964 -0.0335 -0.0078 0.0106  7   DC  A OP1   
125 O OP2   . DC  A 7  ? 0.1405 0.1251 0.1174 0.0009  -0.0162 0.0259  7   DC  A OP2   
126 O "O5'" . DC  A 7  ? 0.1226 0.1416 0.0915 -0.0265 -0.0074 0.0069  7   DC  A "O5'" 
127 C "C5'" . DC  A 7  ? 0.1080 0.1500 0.0853 -0.0328 0.0022  0.0070  7   DC  A "C5'" 
128 C "C4'" . DC  A 7  ? 0.0961 0.1475 0.0799 -0.0348 0.0071  0.0037  7   DC  A "C4'" 
129 O "O4'" . DC  A 7  ? 0.0792 0.1227 0.0815 -0.0216 0.0158  0.0012  7   DC  A "O4'" 
130 C "C3'" . DC  A 7  ? 0.1099 0.1440 0.0736 -0.0437 0.0011  -0.0028 7   DC  A "C3'" 
131 O "O3'" . DC  A 7  ? 0.1354 0.1688 0.0730 -0.0631 -0.0070 0.0001  7   DC  A "O3'" 
132 C "C2'" . DC  A 7  ? 0.0974 0.1226 0.0728 -0.0363 0.0070  0.0038  7   DC  A "C2'" 
133 C "C1'" . DC  A 7  ? 0.0786 0.1225 0.0688 -0.0233 0.0145  0.0104  7   DC  A "C1'" 
134 N N1    . DC  A 7  ? 0.0685 0.1133 0.0541 -0.0141 0.0077  0.0067  7   DC  A N1    
135 C C2    . DC  A 7  ? 0.0591 0.1080 0.0548 -0.0109 0.0043  -0.0014 7   DC  A C2    
136 O O2    . DC  A 7  ? 0.0588 0.1182 0.0754 -0.0158 -0.0043 0.0173  7   DC  A O2    
137 N N3    . DC  A 7  ? 0.0471 0.1000 0.0614 -0.0075 0.0068  -0.0125 7   DC  A N3    
138 C C4    . DC  A 7  ? 0.0614 0.1020 0.0630 -0.0062 0.0029  -0.0116 7   DC  A C4    
139 N N4    . DC  A 7  ? 0.0566 0.1205 0.0687 -0.0129 0.0068  -0.0167 7   DC  A N4    
140 C C5    . DC  A 7  ? 0.0748 0.1235 0.0504 -0.0088 0.0059  -0.0030 7   DC  A C5    
141 C C6    . DC  A 7  ? 0.0719 0.1258 0.0536 -0.0100 0.0078  0.0051  7   DC  A C6    
142 P P     . DT  A 8  ? 0.1736 0.1592 0.0756 -0.0751 -0.0100 0.0045  8   DT  A P     
143 O OP1   . DT  A 8  ? 0.1745 0.1907 0.0954 -0.0979 -0.0107 -0.0031 8   DT  A OP1   
144 O OP2   . DT  A 8  ? 0.1908 0.1694 0.0901 -0.0613 -0.0172 -0.0046 8   DT  A OP2   
145 O "O5'" . DT  A 8  ? 0.1552 0.1745 0.0719 -0.0468 -0.0018 0.0215  8   DT  A "O5'" 
146 C "C5'" . DT  A 8  ? 0.1304 0.1807 0.0815 -0.0246 0.0010  0.0258  8   DT  A "C5'" 
147 C "C4'" . DT  A 8  ? 0.1061 0.1829 0.0904 -0.0080 0.0009  0.0243  8   DT  A "C4'" 
148 O "O4'" . DT  A 8  ? 0.0882 0.1645 0.1011 0.0026  0.0079  0.0194  8   DT  A "O4'" 
149 C "C3'" . DT  A 8  ? 0.1007 0.2008 0.0792 -0.0132 -0.0025 0.0239  8   DT  A "C3'" 
150 O "O3'" . DT  A 8  ? 0.0955 0.2612 0.0809 -0.0247 -0.0064 0.0424  8   DT  A "O3'" 
151 C "C2'" . DT  A 8  ? 0.0942 0.1600 0.0789 -0.0015 0.0014  0.0149  8   DT  A "C2'" 
152 C "C1'" . DT  A 8  ? 0.0796 0.1377 0.0840 0.0023  0.0088  0.0167  8   DT  A "C1'" 
153 N N1    . DT  A 8  ? 0.0865 0.1034 0.0689 -0.0012 0.0106  0.0068  8   DT  A N1    
154 C C2    . DT  A 8  ? 0.0871 0.0902 0.0617 -0.0042 0.0148  0.0089  8   DT  A C2    
155 O O2    . DT  A 8  ? 0.0970 0.0959 0.0694 -0.0036 0.0124  0.0076  8   DT  A O2    
156 N N3    . DT  A 8  ? 0.0928 0.0836 0.0648 0.0058  0.0151  0.0026  8   DT  A N3    
157 C C4    . DT  A 8  ? 0.0892 0.0757 0.0669 0.0108  0.0167  0.0061  8   DT  A C4    
158 O O4    . DT  A 8  ? 0.0860 0.0910 0.0685 0.0038  0.0183  0.0045  8   DT  A O4    
159 C C5    . DT  A 8  ? 0.0921 0.0851 0.0709 -0.0008 0.0127  0.0154  8   DT  A C5    
160 C C7    . DT  A 8  ? 0.0900 0.0953 0.0854 -0.0092 0.0070  0.0289  8   DT  A C7    
161 C C6    . DT  A 8  ? 0.0926 0.0942 0.0619 -0.0031 0.0132  0.0105  8   DT  A C6    
162 P P     . DG  A 9  ? 0.0910 0.3184 0.1057 -0.0318 -0.0104 0.0661  9   DG  A P     
163 O OP1   . DG  A 9  ? 0.1005 0.3713 0.1403 -0.0225 -0.0078 0.0724  9   DG  A OP1   
164 O OP2   . DG  A 9  ? 0.1210 0.3449 0.1118 -0.0438 -0.0202 0.0620  9   DG  A OP2   
165 O "O5'" . DG  A 9  ? 0.0997 0.2978 0.1003 -0.0088 -0.0149 0.0541  9   DG  A "O5'" 
166 C "C5'" . DG  A 9  ? 0.1047 0.2582 0.0958 0.0076  -0.0149 0.0399  9   DG  A "C5'" 
167 C "C4'" . DG  A 9  ? 0.0899 0.1981 0.0895 0.0212  -0.0169 0.0219  9   DG  A "C4'" 
168 O "O4'" . DG  A 9  ? 0.0842 0.1630 0.0873 0.0385  -0.0186 0.0044  9   DG  A "O4'" 
169 C "C3'" . DG  A 9  ? 0.0815 0.1698 0.0796 0.0132  -0.0164 0.0274  9   DG  A "C3'" 
170 O "O3'" . DG  A 9  ? 0.0783 0.1604 0.0803 0.0155  -0.0163 0.0200  9   DG  A "O3'" 
171 C "C2'" . DG  A 9  ? 0.0831 0.1567 0.0808 0.0120  -0.0187 0.0150  9   DG  A "C2'" 
172 C "C1'" . DG  A 9  ? 0.0770 0.1443 0.0760 0.0201  -0.0139 0.0083  9   DG  A "C1'" 
173 N N9    . DG  A 9  ? 0.0687 0.1304 0.0632 0.0087  -0.0111 0.0039  9   DG  A N9    
174 C C8    . DG  A 9  ? 0.0714 0.1447 0.0663 -0.0028 -0.0118 0.0121  9   DG  A C8    
175 N N7    . DG  A 9  ? 0.0632 0.1334 0.0690 -0.0019 -0.0109 0.0100  9   DG  A N7    
176 C C5    . DG  A 9  ? 0.0570 0.1136 0.0612 0.0071  -0.0047 0.0037  9   DG  A C5    
177 C C6    . DG  A 9  ? 0.0691 0.1037 0.0538 0.0085  -0.0072 0.0092  9   DG  A C6    
178 O O6    . DG  A 9  ? 0.0807 0.0933 0.0601 0.0078  -0.0153 0.0094  9   DG  A O6    
179 N N1    . DG  A 9  ? 0.0720 0.0882 0.0573 0.0148  -0.0098 0.0035  9   DG  A N1    
180 C C2    . DG  A 9  ? 0.0709 0.0945 0.0567 0.0101  -0.0117 0.0020  9   DG  A C2    
181 N N2    . DG  A 9  ? 0.0805 0.0924 0.0644 0.0083  -0.0128 0.0041  9   DG  A N2    
182 N N3    . DG  A 9  ? 0.0683 0.0938 0.0608 0.0186  -0.0147 0.0001  9   DG  A N3    
183 C C4    . DG  A 9  ? 0.0637 0.1127 0.0610 0.0110  -0.0085 -0.0052 9   DG  A C4    
184 P P     . DG  A 10 ? 0.0846 0.1643 0.0782 0.0333  -0.0187 0.0285  10  DG  A P     
185 O OP1   . DG  A 10 ? 0.0844 0.1620 0.1022 0.0344  -0.0113 0.0420  10  DG  A OP1   
186 O OP2   . DG  A 10 ? 0.1029 0.1807 0.0947 0.0188  -0.0284 0.0209  10  DG  A OP2   
187 O "O5'" . DG  A 10 ? 0.0984 0.1871 0.0937 0.0545  -0.0056 0.0310  10  DG  A "O5'" 
188 C "C5'" . DG  A 10 ? 0.1044 0.1928 0.1022 0.0579  -0.0026 0.0417  10  DG  A "C5'" 
189 C "C4'" . DG  A 10 ? 0.1070 0.2008 0.1034 0.0469  -0.0064 0.0324  10  DG  A "C4'" 
190 O "O4'" . DG  A 10 ? 0.0986 0.1938 0.0905 0.0561  -0.0060 0.0343  10  DG  A "O4'" 
191 C "C3'" . DG  A 10 ? 0.1160 0.2140 0.1074 0.0297  -0.0119 0.0166  10  DG  A "C3'" 
192 O "O3'" . DG  A 10 ? 0.1218 0.2319 0.1160 0.0288  -0.0173 0.0155  10  DG  A "O3'" 
193 C "C2'" . DG  A 10 ? 0.1051 0.2119 0.0909 0.0230  -0.0071 0.0168  10  DG  A "C2'" 
194 C "C1'" . DG  A 10 ? 0.0885 0.1866 0.0818 0.0361  -0.0031 0.0191  10  DG  A "C1'" 
195 N N9    . DG  A 10 ? 0.0845 0.1541 0.0802 0.0278  -0.0011 0.0094  10  DG  A N9    
196 C C8    . DG  A 10 ? 0.0847 0.1633 0.0980 0.0197  -0.0020 0.0116  10  DG  A C8    
197 N N7    . DG  A 10 ? 0.0853 0.1489 0.0987 0.0178  -0.0039 0.0055  10  DG  A N7    
198 C C5    . DG  A 10 ? 0.0809 0.1275 0.0904 0.0164  0.0027  0.0069  10  DG  A C5    
199 C C6    . DG  A 10 ? 0.0894 0.1060 0.0903 0.0098  0.0034  0.0018  10  DG  A C6    
200 O O6    . DG  A 10 ? 0.0951 0.1078 0.1029 0.0001  0.0046  0.0084  10  DG  A O6    
201 N N1    . DG  A 10 ? 0.0849 0.0984 0.0754 0.0190  0.0057  -0.0045 10  DG  A N1    
202 C C2    . DG  A 10 ? 0.0800 0.1060 0.0776 0.0187  0.0011  -0.0026 10  DG  A C2    
203 N N2    . DG  A 10 ? 0.0815 0.1052 0.0812 0.0078  -0.0054 -0.0037 10  DG  A N2    
204 N N3    . DG  A 10 ? 0.0704 0.1136 0.0766 0.0212  0.0046  -0.0001 10  DG  A N3    
205 C C4    . DG  A 10 ? 0.0770 0.1270 0.0795 0.0260  0.0027  0.0010  10  DG  A C4    
206 O "O5'" . DC  B 1  ? 0.1474 0.1347 0.1182 -0.0030 -0.0248 -0.0033 1   DC  B "O5'" 
207 C "C5'" . DC  B 1  ? 0.1351 0.1101 0.1152 -0.0052 -0.0264 -0.0061 1   DC  B "C5'" 
208 C "C4'" . DC  B 1  ? 0.1070 0.0901 0.1256 -0.0012 -0.0196 -0.0023 1   DC  B "C4'" 
209 O "O4'" . DC  B 1  ? 0.1103 0.0767 0.1078 0.0084  -0.0137 -0.0022 1   DC  B "O4'" 
210 C "C3'" . DC  B 1  ? 0.0930 0.0812 0.1597 -0.0007 -0.0140 0.0005  1   DC  B "C3'" 
211 O "O3'" . DC  B 1  ? 0.0834 0.1054 0.2451 0.0012  -0.0128 0.0274  1   DC  B "O3'" 
212 C "C2'" . DC  B 1  ? 0.0979 0.0651 0.1240 0.0096  -0.0099 -0.0044 1   DC  B "C2'" 
213 C "C1'" . DC  B 1  ? 0.1024 0.0734 0.1028 0.0104  -0.0062 -0.0025 1   DC  B "C1'" 
214 N N1    . DC  B 1  ? 0.0977 0.0722 0.0827 0.0105  0.0029  -0.0060 1   DC  B N1    
215 C C2    . DC  B 1  ? 0.0922 0.0679 0.0782 0.0187  0.0073  -0.0053 1   DC  B C2    
216 O O2    . DC  B 1  ? 0.0947 0.0872 0.0759 0.0098  0.0073  0.0064  1   DC  B O2    
217 N N3    . DC  B 1  ? 0.0887 0.0762 0.0806 0.0170  0.0114  -0.0022 1   DC  B N3    
218 C C4    . DC  B 1  ? 0.0871 0.0925 0.0820 0.0033  0.0083  -0.0021 1   DC  B C4    
219 N N4    . DC  B 1  ? 0.0861 0.1007 0.0989 -0.0007 0.0009  -0.0030 1   DC  B N4    
220 C C5    . DC  B 1  ? 0.0916 0.0884 0.0791 0.0017  0.0112  0.0037  1   DC  B C5    
221 C C6    . DC  B 1  ? 0.0950 0.0813 0.0855 0.0086  0.0061  -0.0087 1   DC  B C6    
222 P P     . DC  B 2  ? 0.0967 0.1135 0.3072 0.0093  -0.0334 0.0471  2   DC  B P     
223 O OP1   . DC  B 2  ? 0.1025 0.1318 0.3401 0.0055  -0.0352 0.0426  2   DC  B OP1   
224 O OP2   . DC  B 2  ? 0.1325 0.1225 0.3140 0.0077  -0.0459 0.0437  2   DC  B OP2   
225 O "O5'" . DC  B 2  ? 0.0812 0.1057 0.2622 0.0079  -0.0264 0.0466  2   DC  B "O5'" 
226 C "C5'" . DC  B 2  ? 0.0804 0.1117 0.2066 0.0011  -0.0094 0.0335  2   DC  B "C5'" 
227 C "C4'" . DC  B 2  ? 0.0716 0.0832 0.1369 0.0049  -0.0009 0.0206  2   DC  B "C4'" 
228 O "O4'" . DC  B 2  ? 0.0630 0.0798 0.0963 -0.0021 0.0055  0.0122  2   DC  B "O4'" 
229 C "C3'" . DC  B 2  ? 0.0736 0.0767 0.1095 -0.0082 -0.0106 0.0173  2   DC  B "C3'" 
230 O "O3'" . DC  B 2  ? 0.0724 0.0750 0.1014 -0.0087 -0.0117 0.0169  2   DC  B "O3'" 
231 C "C2'" . DC  B 2  ? 0.0790 0.0755 0.0828 -0.0076 -0.0112 0.0134  2   DC  B "C2'" 
232 C "C1'" . DC  B 2  ? 0.0647 0.0683 0.0742 0.0008  -0.0013 0.0094  2   DC  B "C1'" 
233 N N1    . DC  B 2  ? 0.0617 0.0744 0.0611 0.0052  -0.0014 0.0083  2   DC  B N1    
234 C C2    . DC  B 2  ? 0.0657 0.0730 0.0539 0.0064  -0.0042 0.0071  2   DC  B C2    
235 O O2    . DC  B 2  ? 0.0671 0.0891 0.0568 -0.0043 -0.0109 0.0187  2   DC  B O2    
236 N N3    . DC  B 2  ? 0.0593 0.0715 0.0603 0.0026  -0.0017 0.0115  2   DC  B N3    
237 C C4    . DC  B 2  ? 0.0692 0.0735 0.0530 0.0097  -0.0004 0.0107  2   DC  B C4    
238 N N4    . DC  B 2  ? 0.0819 0.0823 0.0566 -0.0026 0.0065  0.0106  2   DC  B N4    
239 C C5    . DC  B 2  ? 0.0776 0.0738 0.0530 0.0093  -0.0057 0.0090  2   DC  B C5    
240 C C6    . DC  B 2  ? 0.0723 0.0765 0.0587 0.0106  -0.0066 0.0026  2   DC  B C6    
241 P P     . DA  B 3  ? 0.0854 0.0900 0.1054 -0.0192 -0.0135 0.0168  3   DA  B P     
242 O OP1   . DA  B 3  ? 0.0812 0.1147 0.1247 -0.0180 -0.0052 0.0356  3   DA  B OP1   
243 O OP2   . DA  B 3  ? 0.1193 0.1189 0.1136 -0.0119 -0.0287 -0.0045 3   DA  B OP2   
244 O "O5'" . DA  B 3  ? 0.0923 0.0853 0.1069 -0.0138 0.0019  0.0147  3   DA  B "O5'" 
245 C "C5'" . DA  B 3  ? 0.0884 0.0813 0.1044 -0.0073 0.0118  0.0128  3   DA  B "C5'" 
246 C "C4'" . DA  B 3  ? 0.0838 0.0807 0.0979 -0.0115 0.0190  0.0123  3   DA  B "C4'" 
247 O "O4'" . DA  B 3  ? 0.0831 0.0893 0.0858 -0.0094 0.0266  0.0084  3   DA  B "O4'" 
248 C "C3'" . DA  B 3  ? 0.0836 0.0872 0.1052 -0.0022 0.0197  0.0233  3   DA  B "C3'" 
249 O "O3'" . DA  B 3  ? 0.0810 0.1063 0.1295 0.0020  0.0212  0.0510  3   DA  B "O3'" 
250 C "C2'" . DA  B 3  ? 0.0865 0.0853 0.0963 -0.0014 0.0238  0.0129  3   DA  B "C2'" 
251 C "C1'" . DA  B 3  ? 0.0865 0.0773 0.0801 0.0008  0.0240  0.0082  3   DA  B "C1'" 
252 N N9    . DA  B 3  ? 0.0744 0.0820 0.0685 -0.0064 0.0196  0.0056  3   DA  B N9    
253 C C8    . DA  B 3  ? 0.0770 0.0963 0.0725 -0.0106 0.0155  0.0078  3   DA  B C8    
254 N N7    . DA  B 3  ? 0.0745 0.0933 0.0733 -0.0096 0.0078  -0.0007 3   DA  B N7    
255 C C5    . DA  B 3  ? 0.0664 0.0731 0.0652 0.0038  0.0099  0.0009  3   DA  B C5    
256 C C6    . DA  B 3  ? 0.0760 0.0611 0.0632 0.0089  0.0087  0.0066  3   DA  B C6    
257 N N6    . DA  B 3  ? 0.0861 0.0857 0.0637 -0.0014 0.0113  0.0114  3   DA  B N6    
258 N N1    . DA  B 3  ? 0.0730 0.0691 0.0662 0.0010  0.0094  0.0105  3   DA  B N1    
259 C C2    . DA  B 3  ? 0.0735 0.0773 0.0649 -0.0022 0.0099  0.0141  3   DA  B C2    
260 N N3    . DA  B 3  ? 0.0605 0.0726 0.0711 0.0029  0.0125  0.0136  3   DA  B N3    
261 C C4    . DA  B 3  ? 0.0606 0.0711 0.0672 0.0037  0.0183  0.0071  3   DA  B C4    
262 P P     . DG  B 4  ? 0.0792 0.1075 0.1544 -0.0011 0.0198  0.0607  4   DG  B P     
263 O OP1   . DG  B 4  ? 0.0879 0.1455 0.1476 -0.0005 0.0198  0.0809  4   DG  B OP1   
264 O OP2   . DG  B 4  ? 0.0899 0.1317 0.1688 -0.0034 0.0202  0.0420  4   DG  B OP2   
265 O "O5'" . DG  B 4  ? 0.0820 0.1036 0.1337 -0.0126 0.0184  0.0501  4   DG  B "O5'" 
266 C "C5'" . DG  B 4  ? 0.0828 0.1161 0.1228 -0.0130 0.0148  0.0446  4   DG  B "C5'" 
267 C "C4'" . DG  B 4  ? 0.0795 0.1194 0.1137 0.0044  0.0099  0.0445  4   DG  B "C4'" 
268 O "O4'" . DG  B 4  ? 0.0710 0.1142 0.1017 0.0055  0.0152  0.0362  4   DG  B "O4'" 
269 C "C3'" . DG  B 4  ? 0.0824 0.1372 0.1299 0.0148  0.0004  0.0447  4   DG  B "C3'" 
270 O "O3'" . DG  B 4  ? 0.0829 0.1825 0.1517 0.0236  -0.0088 0.0502  4   DG  B "O3'" 
271 C "C2'" . DG  B 4  ? 0.0847 0.1203 0.1236 0.0172  0.0048  0.0335  4   DG  B "C2'" 
272 C "C1'" . DG  B 4  ? 0.0704 0.1074 0.1088 0.0115  0.0154  0.0305  4   DG  B "C1'" 
273 N N9    . DG  B 4  ? 0.0602 0.0905 0.1032 0.0086  0.0190  0.0187  4   DG  B N9    
274 C C8    . DG  B 4  ? 0.0697 0.0938 0.1054 0.0085  0.0180  0.0049  4   DG  B C8    
275 N N7    . DG  B 4  ? 0.0708 0.0899 0.1060 0.0018  0.0153  -0.0012 4   DG  B N7    
276 C C5    . DG  B 4  ? 0.0680 0.0733 0.0883 0.0039  0.0161  -0.0083 4   DG  B C5    
277 C C6    . DG  B 4  ? 0.0652 0.0805 0.0787 0.0035  0.0148  -0.0086 4   DG  B C6    
278 O O6    . DG  B 4  ? 0.0776 0.1016 0.0773 -0.0021 0.0102  -0.0097 4   DG  B O6    
279 N N1    . DG  B 4  ? 0.0635 0.0871 0.0744 0.0090  0.0148  -0.0018 4   DG  B N1    
280 C C2    . DG  B 4  ? 0.0655 0.0849 0.0784 0.0020  0.0117  0.0024  4   DG  B C2    
281 N N2    . DG  B 4  ? 0.0762 0.0866 0.0834 -0.0101 0.0059  0.0040  4   DG  B N2    
282 N N3    . DG  B 4  ? 0.0571 0.0824 0.0841 0.0097  0.0124  0.0113  4   DG  B N3    
283 C C4    . DG  B 4  ? 0.0624 0.0798 0.0913 0.0113  0.0146  0.0044  4   DG  B C4    
284 P P     . 1CC B 5  ? 0.1034 0.2272 0.1814 0.0298  -0.0175 0.0569  5   1CC B P     
285 O OP1   . 1CC B 5  ? 0.1283 0.2667 0.1913 0.0186  -0.0232 0.0526  5   1CC B OP1   
286 O OP2   . 1CC B 5  ? 0.1524 0.2343 0.1884 0.0263  -0.0260 0.0528  5   1CC B OP2   
287 O "O5'" . 1CC B 5  ? 0.0987 0.1980 0.1788 0.0316  -0.0162 0.0279  5   1CC B "O5'" 
288 C "C5'" . 1CC B 5  ? 0.0942 0.1772 0.1724 0.0248  -0.0251 0.0123  5   1CC B "C5'" 
289 C "C4'" . 1CC B 5  ? 0.0874 0.1649 0.1646 0.0247  -0.0337 0.0001  5   1CC B "C4'" 
290 C "C3'" . 1CC B 5  ? 0.0817 0.1810 0.1573 0.0256  -0.0336 -0.0058 5   1CC B "C3'" 
291 C "C2'" . 1CC B 5  ? 0.0912 0.1714 0.1523 0.0265  -0.0341 0.0014  5   1CC B "C2'" 
292 C "C1'" . 1CC B 5  ? 0.0917 0.1493 0.1446 0.0176  -0.0332 0.0052  5   1CC B "C1'" 
293 O "O4'" . 1CC B 5  ? 0.0956 0.1473 0.1641 0.0268  -0.0449 -0.0051 5   1CC B "O4'" 
294 N N1    . 1CC B 5  ? 0.0842 0.1200 0.1255 0.0131  -0.0134 0.0105  5   1CC B N1    
295 C C6    . 1CC B 5  ? 0.0991 0.1184 0.1239 0.0023  -0.0024 0.0083  5   1CC B C6    
296 C C5    . 1CC B 5  ? 0.1139 0.1145 0.1123 -0.0101 0.0042  0.0082  5   1CC B C5    
297 C C4    . 1CC B 5  ? 0.0935 0.0900 0.1001 0.0027  0.0067  -0.0023 5   1CC B C4    
298 N N4    . 1CC B 5  ? 0.0974 0.0951 0.0922 -0.0005 0.0065  -0.0110 5   1CC B N4    
299 N N3    . 1CC B 5  ? 0.0742 0.0957 0.0931 0.0081  0.0033  0.0039  5   1CC B N3    
300 C C2    . 1CC B 5  ? 0.0693 0.0992 0.1067 0.0127  -0.0044 0.0081  5   1CC B C2    
301 O O2    . 1CC B 5  ? 0.0646 0.1133 0.1134 -0.0033 -0.0068 0.0119  5   1CC B O2    
302 C C21   . 1CC B 5  ? 0.1453 0.1480 0.1217 -0.0347 0.0029  0.0236  5   1CC B C21   
303 O O22   . 1CC B 5  ? 0.1499 0.1732 0.1233 -0.0607 0.0054  0.0223  5   1CC B O22   
304 O O23   . 1CC B 5  ? 0.1716 0.1699 0.1310 -0.0391 -0.0023 0.0332  5   1CC B O23   
305 O "O3'" . 1CC B 5  ? 0.0903 0.2206 0.1643 0.0265  -0.0333 -0.0238 5   1CC B "O3'" 
306 P P     . DG  B 6  ? 0.0835 0.2422 0.1799 0.0246  -0.0386 -0.0500 6   DG  B P     
307 O OP1   . DG  B 6  ? 0.1114 0.2631 0.1725 0.0177  -0.0349 -0.0490 6   DG  B OP1   
308 O OP2   . DG  B 6  ? 0.1266 0.2520 0.2088 0.0341  -0.0431 -0.0413 6   DG  B OP2   
309 O "O5'" . DG  B 6  ? 0.1053 0.2673 0.1692 0.0045  -0.0185 -0.0539 6   DG  B "O5'" 
310 C "C5'" . DG  B 6  ? 0.1278 0.2690 0.1471 -0.0161 -0.0132 -0.0586 6   DG  B "C5'" 
311 C "C4'" . DG  B 6  ? 0.1396 0.2549 0.1296 -0.0326 -0.0084 -0.0580 6   DG  B "C4'" 
312 O "O4'" . DG  B 6  ? 0.1526 0.2418 0.1223 -0.0270 -0.0096 -0.0570 6   DG  B "O4'" 
313 C "C3'" . DG  B 6  ? 0.1407 0.2584 0.1330 -0.0366 -0.0011 -0.0488 6   DG  B "C3'" 
314 O "O3'" . DG  B 6  ? 0.1452 0.2579 0.1369 -0.0454 0.0080  -0.0412 6   DG  B "O3'" 
315 C "C2'" . DG  B 6  ? 0.1415 0.2473 0.1323 -0.0319 -0.0034 -0.0523 6   DG  B "C2'" 
316 C "C1'" . DG  B 6  ? 0.1486 0.2265 0.1182 -0.0301 -0.0061 -0.0520 6   DG  B "C1'" 
317 N N9    . DG  B 6  ? 0.1446 0.2055 0.1149 -0.0263 -0.0042 -0.0327 6   DG  B N9    
318 C C8    . DG  B 6  ? 0.1508 0.1999 0.1214 -0.0184 -0.0129 -0.0240 6   DG  B C8    
319 N N7    . DG  B 6  ? 0.1458 0.1750 0.1056 -0.0101 -0.0177 -0.0239 6   DG  B N7    
320 C C5    . DG  B 6  ? 0.1202 0.1486 0.1025 -0.0096 -0.0064 -0.0187 6   DG  B C5    
321 C C6    . DG  B 6  ? 0.1061 0.1254 0.1012 -0.0114 -0.0029 -0.0104 6   DG  B C6    
322 O O6    . DG  B 6  ? 0.1026 0.1084 0.0872 -0.0105 0.0005  -0.0098 6   DG  B O6    
323 N N1    . DG  B 6  ? 0.1089 0.1021 0.1010 0.0035  -0.0038 -0.0122 6   DG  B N1    
324 C C2    . DG  B 6  ? 0.1297 0.1395 0.1073 -0.0068 -0.0026 -0.0180 6   DG  B C2    
325 N N2    . DG  B 6  ? 0.1405 0.1627 0.1063 -0.0074 -0.0070 -0.0219 6   DG  B N2    
326 N N3    . DG  B 6  ? 0.1342 0.1597 0.1082 -0.0182 -0.0020 -0.0250 6   DG  B N3    
327 C C4    . DG  B 6  ? 0.1317 0.1740 0.1115 -0.0177 -0.0022 -0.0250 6   DG  B C4    
328 P P     . DC  B 7  ? 0.1504 0.2578 0.1414 -0.0464 0.0121  -0.0378 7   DC  B P     
329 O OP1   . DC  B 7  ? 0.1596 0.2741 0.1416 -0.0631 0.0148  -0.0237 7   DC  B OP1   
330 O OP2   . DC  B 7  ? 0.1601 0.2836 0.1335 -0.0273 0.0105  -0.0322 7   DC  B OP2   
331 O "O5'" . DC  B 7  ? 0.1438 0.2146 0.1247 -0.0453 0.0113  -0.0485 7   DC  B "O5'" 
332 C "C5'" . DC  B 7  ? 0.1390 0.2066 0.1307 -0.0390 0.0146  -0.0287 7   DC  B "C5'" 
333 C "C4'" . DC  B 7  ? 0.1246 0.1685 0.1303 -0.0350 0.0209  -0.0238 7   DC  B "C4'" 
334 O "O4'" . DC  B 7  ? 0.1124 0.1351 0.1338 -0.0366 0.0204  -0.0271 7   DC  B "O4'" 
335 C "C3'" . DC  B 7  ? 0.1233 0.1656 0.1194 -0.0377 0.0202  -0.0212 7   DC  B "C3'" 
336 O "O3'" . DC  B 7  ? 0.1407 0.1729 0.1148 -0.0320 0.0196  -0.0153 7   DC  B "O3'" 
337 C "C2'" . DC  B 7  ? 0.1133 0.1568 0.1283 -0.0396 0.0120  -0.0253 7   DC  B "C2'" 
338 C "C1'" . DC  B 7  ? 0.1070 0.1336 0.1178 -0.0368 0.0093  -0.0310 7   DC  B "C1'" 
339 N N1    . DC  B 7  ? 0.1027 0.1189 0.1040 -0.0277 -0.0073 -0.0257 7   DC  B N1    
340 C C2    . DC  B 7  ? 0.0971 0.1016 0.0985 -0.0147 -0.0089 -0.0268 7   DC  B C2    
341 O O2    . DC  B 7  ? 0.0992 0.1333 0.0917 -0.0258 -0.0006 -0.0085 7   DC  B O2    
342 N N3    . DC  B 7  ? 0.0921 0.0956 0.1054 -0.0186 -0.0165 -0.0306 7   DC  B N3    
343 C C4    . DC  B 7  ? 0.1054 0.0965 0.1109 -0.0127 -0.0171 -0.0205 7   DC  B C4    
344 N N4    . DC  B 7  ? 0.0998 0.0961 0.1183 -0.0118 -0.0164 -0.0154 7   DC  B N4    
345 C C5    . DC  B 7  ? 0.1135 0.1112 0.1187 -0.0220 -0.0195 -0.0087 7   DC  B C5    
346 C C6    . DC  B 7  ? 0.1060 0.1245 0.1139 -0.0309 -0.0163 -0.0113 7   DC  B C6    
347 P P     . DT  B 8  ? 0.1337 0.1767 0.1104 -0.0425 0.0279  -0.0001 8   DT  B P     
348 O OP1   . DT  B 8  ? 0.1581 0.1983 0.1169 -0.0404 0.0217  -0.0025 8   DT  B OP1   
349 O OP2   . DT  B 8  ? 0.1466 0.2162 0.1204 -0.0290 0.0199  0.0006  8   DT  B OP2   
350 O "O5'" . DT  B 8  ? 0.1496 0.1942 0.1126 -0.0158 0.0220  -0.0135 8   DT  B "O5'" 
351 C "C5'" . DT  B 8  ? 0.1515 0.1809 0.1144 -0.0053 0.0243  -0.0114 8   DT  B "C5'" 
352 C "C4'" . DT  B 8  ? 0.1508 0.1425 0.1059 -0.0064 0.0367  -0.0031 8   DT  B "C4'" 
353 O "O4'" . DT  B 8  ? 0.1458 0.1421 0.1201 0.0013  0.0406  0.0068  8   DT  B "O4'" 
354 C "C3'" . DT  B 8  ? 0.1588 0.1184 0.1013 -0.0140 0.0356  -0.0104 8   DT  B "C3'" 
355 O "O3'" . DT  B 8  ? 0.1687 0.1133 0.0958 -0.0215 0.0387  -0.0033 8   DT  B "O3'" 
356 C "C2'" . DT  B 8  ? 0.1531 0.1121 0.1045 -0.0046 0.0324  -0.0110 8   DT  B "C2'" 
357 C "C1'" . DT  B 8  ? 0.1383 0.1203 0.1177 -0.0045 0.0312  -0.0011 8   DT  B "C1'" 
358 N N1    . DT  B 8  ? 0.1217 0.1067 0.1144 -0.0132 0.0243  -0.0052 8   DT  B N1    
359 C C2    . DT  B 8  ? 0.1113 0.1031 0.1097 -0.0125 0.0237  -0.0130 8   DT  B C2    
360 O O2    . DT  B 8  ? 0.1138 0.1331 0.1144 -0.0245 0.0210  -0.0113 8   DT  B O2    
361 N N3    . DT  B 8  ? 0.1056 0.0808 0.1178 -0.0009 0.0195  -0.0183 8   DT  B N3    
362 C C4    . DT  B 8  ? 0.1041 0.0933 0.1156 -0.0043 0.0151  -0.0065 8   DT  B C4    
363 O O4    . DT  B 8  ? 0.0949 0.1208 0.1276 -0.0155 0.0092  0.0082  8   DT  B O4    
364 C C5    . DT  B 8  ? 0.1053 0.0973 0.1193 -0.0110 0.0148  -0.0133 8   DT  B C5    
365 C C7    . DT  B 8  ? 0.0996 0.1176 0.1260 -0.0189 0.0097  -0.0125 8   DT  B C7    
366 C C6    . DT  B 8  ? 0.1200 0.1071 0.1147 -0.0113 0.0182  -0.0111 8   DT  B C6    
367 P P     . DG  B 9  ? 0.1714 0.1025 0.1076 -0.0290 0.0356  -0.0042 9   DG  B P     
368 O OP1   . DG  B 9  ? 0.1860 0.0906 0.1128 -0.0158 0.0366  0.0131  9   DG  B OP1   
369 O OP2   . DG  B 9  ? 0.1517 0.1248 0.1058 -0.0508 0.0400  -0.0137 9   DG  B OP2   
370 O "O5'" . DG  B 9  ? 0.1497 0.0833 0.1064 -0.0276 0.0285  -0.0014 9   DG  B "O5'" 
371 C "C5'" . DG  B 9  ? 0.1260 0.0902 0.1085 -0.0083 0.0212  0.0075  9   DG  B "C5'" 
372 C "C4'" . DG  B 9  ? 0.1043 0.0802 0.0925 -0.0068 0.0126  0.0073  9   DG  B "C4'" 
373 O "O4'" . DG  B 9  ? 0.0844 0.0793 0.0801 -0.0069 0.0120  0.0070  9   DG  B "O4'" 
374 C "C3'" . DG  B 9  ? 0.0999 0.0788 0.0894 -0.0171 0.0058  0.0114  9   DG  B "C3'" 
375 O "O3'" . DG  B 9  ? 0.1212 0.0755 0.0864 -0.0142 -0.0080 0.0187  9   DG  B "O3'" 
376 C "C2'" . DG  B 9  ? 0.0865 0.0740 0.0831 -0.0119 0.0072  0.0091  9   DG  B "C2'" 
377 C "C1'" . DG  B 9  ? 0.0702 0.0783 0.0773 -0.0124 0.0106  0.0139  9   DG  B "C1'" 
378 N N9    . DG  B 9  ? 0.0658 0.0822 0.0742 -0.0100 0.0070  0.0099  9   DG  B N9    
379 C C8    . DG  B 9  ? 0.0651 0.0981 0.0800 -0.0140 0.0000  0.0059  9   DG  B C8    
380 N N7    . DG  B 9  ? 0.0566 0.0976 0.0831 -0.0187 0.0015  0.0141  9   DG  B N7    
381 C C5    . DG  B 9  ? 0.0573 0.0794 0.0719 -0.0091 0.0038  0.0101  9   DG  B C5    
382 C C6    . DG  B 9  ? 0.0506 0.0696 0.0690 -0.0050 -0.0014 0.0026  9   DG  B C6    
383 O O6    . DG  B 9  ? 0.0572 0.0835 0.0687 -0.0137 -0.0041 0.0058  9   DG  B O6    
384 N N1    . DG  B 9  ? 0.0480 0.0733 0.0637 -0.0033 0.0016  0.0004  9   DG  B N1    
385 C C2    . DG  B 9  ? 0.0475 0.0709 0.0615 -0.0084 0.0034  -0.0018 9   DG  B C2    
386 N N2    . DG  B 9  ? 0.0488 0.0842 0.0666 -0.0133 0.0031  0.0008  9   DG  B N2    
387 N N3    . DG  B 9  ? 0.0595 0.0770 0.0550 -0.0093 0.0036  0.0045  9   DG  B N3    
388 C C4    . DG  B 9  ? 0.0600 0.0753 0.0597 -0.0060 0.0046  0.0048  9   DG  B C4    
389 P P     . DG  B 10 ? 0.1492 0.0902 0.0839 -0.0187 -0.0173 0.0211  10  DG  B P     
390 O OP1   . DG  B 10 ? 0.1570 0.1001 0.1134 -0.0070 -0.0217 0.0188  10  DG  B OP1   
391 O OP2   . DG  B 10 ? 0.1582 0.1151 0.0903 -0.0262 -0.0036 0.0210  10  DG  B OP2   
392 O "O5'" . DG  B 10 ? 0.1438 0.1011 0.0899 -0.0048 -0.0203 0.0140  10  DG  B "O5'" 
393 C "C5'" . DG  B 10 ? 0.1306 0.1085 0.1036 -0.0038 -0.0257 0.0091  10  DG  B "C5'" 
394 C "C4'" . DG  B 10 ? 0.1268 0.1087 0.0937 -0.0080 -0.0291 0.0137  10  DG  B "C4'" 
395 O "O4'" . DG  B 10 ? 0.1098 0.0996 0.0860 -0.0001 -0.0261 0.0084  10  DG  B "O4'" 
396 C "C3'" . DG  B 10 ? 0.1370 0.1239 0.0933 -0.0263 -0.0268 0.0089  10  DG  B "C3'" 
397 O "O3'" . DG  B 10 ? 0.1489 0.1575 0.0975 -0.0405 -0.0265 0.0083  10  DG  B "O3'" 
398 C "C2'" . DG  B 10 ? 0.1352 0.0849 0.0813 -0.0145 -0.0260 -0.0014 10  DG  B "C2'" 
399 C "C1'" . DG  B 10 ? 0.1160 0.0841 0.0791 -0.0043 -0.0203 -0.0005 10  DG  B "C1'" 
400 N N9    . DG  B 10 ? 0.1095 0.0694 0.0722 -0.0066 -0.0134 0.0040  10  DG  B N9    
401 C C8    . DG  B 10 ? 0.1150 0.0645 0.0796 -0.0083 -0.0096 0.0098  10  DG  B C8    
402 N N7    . DG  B 10 ? 0.1035 0.0687 0.0843 -0.0088 -0.0021 0.0070  10  DG  B N7    
403 C C5    . DG  B 10 ? 0.0938 0.0648 0.0810 -0.0010 0.0005  -0.0010 10  DG  B C5    
404 C C6    . DG  B 10 ? 0.0846 0.0715 0.0810 -0.0038 0.0016  0.0004  10  DG  B C6    
405 O O6    . DG  B 10 ? 0.0787 0.0859 0.0934 -0.0137 0.0019  0.0092  10  DG  B O6    
406 N N1    . DG  B 10 ? 0.0767 0.0738 0.0730 0.0013  0.0037  0.0002  10  DG  B N1    
407 C C2    . DG  B 10 ? 0.0823 0.0663 0.0739 0.0027  0.0012  0.0023  10  DG  B C2    
408 N N2    . DG  B 10 ? 0.0878 0.0773 0.0830 -0.0028 0.0025  0.0044  10  DG  B N2    
409 N N3    . DG  B 10 ? 0.0812 0.0637 0.0673 -0.0045 -0.0040 -0.0014 10  DG  B N3    
410 C C4    . DG  B 10 ? 0.0934 0.0625 0.0702 -0.0041 -0.0057 -0.0023 10  DG  B C4    
411 O O     . HOH C .  ? 0.3435 0.3092 0.2394 -0.0410 -0.0467 0.0000  101 HOH A O     
412 O O     . HOH C .  ? 0.2226 0.2186 0.4084 -0.0118 -0.0183 0.1545  102 HOH A O     
413 O O     . HOH C .  ? 0.2032 0.1845 0.3597 -0.0018 0.0523  -0.0390 103 HOH A O     
414 O O     . HOH C .  ? 0.1493 0.1670 0.4972 -0.0216 -0.0690 0.0198  104 HOH A O     
415 O O     . HOH C .  ? 0.3176 0.3715 0.2232 0.0679  0.0255  -0.0238 105 HOH A O     
417 O O     . HOH C .  ? 0.1432 0.1962 0.1580 0.0278  -0.0159 -0.0085 107 HOH A O     
418 O O     . HOH C .  ? 0.3009 0.3922 0.1600 -0.1786 -0.0381 0.0559  108 HOH A O     
419 O O     . HOH C .  ? 0.1896 0.4393 0.1366 -0.0360 0.0102  0.0247  109 HOH A O     
421 O O     . HOH C .  ? 0.2791 0.1729 0.3334 -0.0357 -0.0749 0.1007  111 HOH A O     
422 O O     . HOH C .  ? 0.1216 0.2208 0.2271 -0.0110 -0.0198 -0.0590 112 HOH A O     
424 O O     . HOH C .  ? 0.3963 0.3958 0.2661 -0.0869 -0.1206 -0.1118 114 HOH A O     
425 O O     . HOH C .  ? 0.2640 0.4547 0.3796 -0.1804 -0.0547 0.1031  115 HOH A O     
426 O O     . HOH C .  ? 0.2252 0.1853 0.1461 -0.0530 -0.0166 0.0553  116 HOH A O     
427 O O     . HOH C .  ? 0.2223 0.3205 0.2613 0.0949  0.0857  0.1601  117 HOH A O     
428 O O     . HOH C .  ? 0.2147 0.1976 0.1271 -0.0097 -0.0202 0.0084  118 HOH A O     
429 O O     . HOH C .  ? 0.3696 0.1332 0.1323 0.0707  -0.0552 0.0032  119 HOH A O     
430 O O     . HOH C .  ? 0.2193 0.3607 0.5083 -0.1167 0.0415  0.0847  120 HOH A O     
431 O O     . HOH C .  ? 0.4698 0.2089 0.1959 -0.1305 -0.0090 0.0452  121 HOH A O     
432 O O     . HOH C .  ? 0.2669 0.1523 0.1660 0.0290  0.0839  0.0319  122 HOH A O     
433 O O     . HOH C .  ? 0.1950 0.1694 0.1433 0.0064  0.0642  0.0204  123 HOH A O     
434 O O     . HOH C .  ? 0.1104 0.3243 0.3847 0.0310  0.0058  0.0612  124 HOH A O     
435 O O     . HOH C .  ? 0.3961 0.1268 0.3654 -0.0189 -0.1026 -0.0106 125 HOH A O     
436 O O     . HOH C .  ? 0.1337 0.1577 0.2565 -0.0249 0.0520  -0.0067 126 HOH A O     
437 O O     . HOH C .  ? 0.3250 0.4899 0.1566 -0.0979 -0.0155 0.0420  127 HOH A O     
438 O O     . HOH C .  ? 0.2357 0.1562 0.1279 -0.0715 -0.0486 0.0178  128 HOH A O     
439 O O     . HOH C .  ? 0.0999 0.1734 0.1492 0.0164  -0.0230 -0.0464 129 HOH A O     
440 O O     . HOH C .  ? 0.1499 0.2671 0.3186 0.0421  0.0668  0.1618  130 HOH A O     
441 O O     . HOH C .  ? 0.4744 0.5279 0.2795 0.0243  -0.1388 -0.0578 131 HOH A O     
442 O O     . HOH C .  ? 0.0996 0.1634 0.1027 -0.0204 -0.0042 -0.0163 132 HOH A O     
443 O O     . HOH C .  ? 0.2521 0.1762 0.3002 -0.0642 -0.1532 0.0877  133 HOH A O     
444 O O     . HOH C .  ? 0.3442 0.1807 0.3075 0.0376  0.1383  0.0732  134 HOH A O     
445 O O     . HOH C .  ? 0.1097 0.1581 0.0899 -0.0088 -0.0033 0.0006  135 HOH A O     
446 O O     . HOH C .  ? 0.1189 0.3382 0.2435 -0.0427 0.0114  -0.0788 136 HOH A O     
447 O O     . HOH C .  ? 0.3044 0.1390 0.1639 -0.0253 0.0346  0.0297  137 HOH A O     
448 O O     . HOH C .  ? 0.1609 0.1647 0.1791 -0.0488 0.0591  -0.0538 138 HOH A O     
449 O O     . HOH C .  ? 0.4209 0.3290 0.3161 -0.0609 -0.0109 0.1068  139 HOH A O     
450 O O     . HOH C .  ? 0.3475 0.5042 0.4198 0.0579  0.0352  0.1562  140 HOH A O     
451 O O     . HOH C .  ? 0.1592 0.2420 0.1130 0.0288  0.0436  0.0392  141 HOH A O     
452 O O     . HOH C .  ? 0.2772 0.5449 0.1736 -0.0225 0.0381  0.0098  142 HOH A O     
453 O O     . HOH C .  ? 0.2697 0.2469 0.2094 -0.0788 -0.1289 0.0372  143 HOH A O     
454 O O     . HOH C .  ? 0.3079 0.2169 0.4151 -0.0329 0.0844  -0.1410 144 HOH A O     
455 O O     . HOH C .  ? 0.2505 0.1846 0.1207 -0.0453 -0.0642 0.0172  145 HOH A O     
456 O O     . HOH C .  ? 0.3426 0.2737 0.2893 0.1228  0.1566  0.1228  146 HOH A O     
457 O O     . HOH C .  ? 0.2679 0.3642 0.1603 0.0784  -0.0911 -0.0408 147 HOH A O     
458 O O     . HOH C .  ? 0.3420 0.2296 0.5435 0.0892  0.1539  0.1339  148 HOH A O     
460 O O     . HOH C .  ? 0.2030 0.4293 0.2202 -0.1397 0.0461  -0.0243 150 HOH A O     
461 O O     . HOH C .  ? 0.2604 0.4655 0.4200 -0.1585 0.0943  0.0366  151 HOH A O     
462 O O     . HOH C .  ? 0.2502 0.4118 0.1888 -0.1119 -0.0835 0.0371  152 HOH A O     
463 O O     . HOH C .  ? 0.3049 0.3113 0.5140 -0.0588 0.0400  0.0280  153 HOH A O     
464 O O     . HOH C .  ? 0.1959 0.3109 0.1537 -0.1001 -0.0611 0.0955  154 HOH A O     
465 O O     . HOH C .  ? 0.2597 0.1770 0.4411 0.0034  -0.1248 0.0318  155 HOH A O     
466 O O     . HOH C .  ? 0.5762 0.3081 0.3400 -0.1261 0.0282  -0.1279 156 HOH A O     
467 O O     . HOH C .  ? 0.3778 0.3469 0.2299 -0.1446 0.0251  -0.1222 157 HOH A O     
468 O O     . HOH C .  ? 0.2162 0.2689 0.1385 -0.1337 -0.0056 -0.0103 158 HOH A O     
469 O O     . HOH C .  ? 0.1175 0.3539 0.1163 0.0236  0.0073  0.0261  159 HOH A O     
470 O O     . HOH C .  ? 0.1893 0.4708 0.6196 -0.0077 0.0866  0.0987  160 HOH A O     
471 O O     . HOH C .  ? 0.3144 0.3036 0.2802 0.0987  -0.0632 -0.0812 161 HOH A O     
472 O O     . HOH C .  ? 0.2943 0.3094 0.3158 0.0468  -0.0801 0.1503  162 HOH A O     
474 O O     . HOH C .  ? 0.0936 0.2049 0.0896 -0.0637 -0.0269 0.0589  164 HOH A O     
475 O O     . HOH C .  ? 0.2928 0.2849 0.3801 0.1008  -0.1386 -0.0295 165 HOH A O     
476 O O     . HOH C .  ? 0.2503 0.4282 0.5342 0.1799  -0.0298 0.0115  166 HOH A O     
477 O O     . HOH C .  ? 0.1814 0.2605 0.3107 0.0512  -0.1203 -0.0850 167 HOH A O     
478 O O     . HOH C .  ? 0.2415 0.2399 0.2298 -0.0561 -0.1123 0.0906  168 HOH A O     
479 O O     . HOH C .  ? 0.2550 0.4928 0.2655 0.0165  0.0041  0.1007  169 HOH A O     
480 O O     . HOH C .  ? 0.0537 0.1450 0.0439 -0.0087 0.0094  0.0095  170 HOH A O     
481 O O     . HOH C .  ? 0.4127 0.3554 0.1976 0.1031  0.0181  0.0473  171 HOH A O     
482 O O     . HOH C .  ? 0.5495 0.4407 0.3473 0.0384  -0.0768 -0.1671 172 HOH A O     
483 O O     . HOH C .  ? 0.4686 0.3310 0.3577 0.0881  0.0744  -0.0610 173 HOH A O     
484 O O     . HOH C .  ? 0.2276 0.3587 0.2867 -0.0011 -0.0527 -0.1751 174 HOH A O     
485 O O     . HOH C .  ? 0.4060 0.4577 0.2573 0.0254  0.0614  0.0227  175 HOH A O     
486 O O     . HOH C .  ? 0.4618 0.2800 0.5232 -0.1433 0.0299  -0.0353 176 HOH A O     
487 O O     . HOH C .  ? 0.3548 0.3419 0.3991 0.0032  -0.0360 -0.1191 177 HOH A O     
488 O O     . HOH C .  ? 0.1331 0.1258 0.0862 0.0334  -0.0397 0.0100  178 HOH A O     
489 O O     . HOH C .  ? 0.1663 0.0875 0.0849 0.0050  0.0537  0.0235  179 HOH A O     
490 O O     . HOH C .  ? 0.2831 0.2602 0.1739 -0.1413 0.0563  0.0021  180 HOH A O     
491 O O     . HOH C .  ? 0.2232 0.3884 0.2980 -0.1408 0.0468  0.0160  181 HOH A O     
492 O O     . HOH C .  ? 0.5279 0.1744 0.2416 0.0534  -0.1080 -0.0544 182 HOH A O     
493 O O     . HOH C .  ? 0.1533 0.1489 0.1837 -0.0363 -0.0760 -0.0276 183 HOH A O     
494 O O     . HOH C .  ? 0.5127 0.1462 0.1672 -0.0183 -0.0278 0.0140  184 HOH A O     
495 O O     . HOH C .  ? 0.2542 0.1285 0.1171 -0.0193 0.0556  -0.0004 185 HOH A O     
496 O O     . HOH C .  ? 0.4729 0.2224 0.3712 0.1115  -0.0239 0.0183  186 HOH A O     
497 O O     . HOH C .  ? 0.2857 0.1566 0.1423 0.0231  0.0908  0.0325  187 HOH A O     
498 O O     . HOH C .  ? 0.2318 0.6169 0.2453 -0.0012 0.0493  -0.1129 188 HOH A O     
499 O O     . HOH C .  ? 0.4261 0.4313 0.3824 -0.0730 -0.0454 -0.0957 189 HOH A O     
500 O O     . HOH C .  ? 0.2303 0.2266 0.5145 -0.0199 0.0194  0.0681  190 HOH A O     
501 O O     . HOH C .  ? 0.1687 0.2162 0.5832 -0.0043 -0.0563 -0.0996 191 HOH A O     
502 O O     . HOH C .  ? 0.3661 0.3446 0.4716 0.1082  -0.0010 0.0917  192 HOH A O     
503 O O     . HOH C .  ? 0.1634 0.4267 0.2214 -0.0861 -0.0459 0.1589  193 HOH A O     
504 O O     . HOH C .  ? 0.3502 0.2426 0.3748 -0.0909 -0.0342 0.0450  194 HOH A O     
505 O O     . HOH C .  ? 0.1822 0.3827 0.4213 0.0000  -0.0490 0.0388  195 HOH A O     
506 O O     . HOH D .  ? 0.2302 0.4257 0.1329 -0.1704 0.0116  -0.0199 101 HOH B O     
507 O O     . HOH D .  ? 0.3382 0.5016 0.2366 0.0986  -0.0949 0.0661  102 HOH B O     
508 O O     . HOH D .  ? 0.1757 0.1926 0.4749 0.0165  0.1149  0.0238  103 HOH B O     
509 O O     . HOH D .  ? 0.1511 0.3070 0.5006 0.0086  0.0079  0.1730  104 HOH B O     
510 O O     . HOH D .  ? 0.2829 0.3979 0.3286 -0.0575 -0.0720 -0.0123 105 HOH B O     
511 O O     . HOH D .  ? 0.1665 0.4135 0.1981 0.0811  0.0093  0.1167  106 HOH B O     
512 O O     . HOH D .  ? 0.0943 0.2176 0.1184 -0.0099 -0.0043 -0.0158 107 HOH B O     
513 O O     . HOH D .  ? 0.3158 0.2570 0.1729 0.1268  -0.0775 -0.0223 108 HOH B O     
514 O O     . HOH D .  ? 0.2000 0.2499 0.3512 -0.0193 0.0663  0.1409  109 HOH B O     
515 O O     . HOH D .  ? 0.1172 0.1580 0.1457 -0.0231 0.0030  0.0174  110 HOH B O     
516 O O     . HOH D .  ? 0.2011 0.1173 0.1273 -0.0204 -0.0098 0.0240  111 HOH B O     
517 O O     . HOH D .  ? 0.4041 0.2153 0.3517 0.0656  0.0726  0.0265  112 HOH B O     
518 O O     . HOH D .  ? 0.2495 0.2831 0.2613 -0.1161 -0.1285 0.1001  113 HOH B O     
519 O O     . HOH D .  ? 0.1632 0.3941 0.2704 0.0283  -0.0259 0.1236  114 HOH B O     
521 O O     . HOH D .  ? 0.3113 0.3998 0.5711 -0.1508 0.0470  -0.0070 116 HOH B O     
522 O O     . HOH D .  ? 0.1762 0.3001 0.2142 0.0621  -0.0284 0.0683  117 HOH B O     
523 O O     . HOH D .  ? 0.1985 0.2862 0.3177 0.0436  0.0930  0.0291  118 HOH B O     
524 O O     . HOH D .  ? 0.1067 0.1022 0.1108 -0.0019 0.0355  -0.0016 119 HOH B O     
525 O O     . HOH D .  ? 0.2504 0.1515 0.2815 -0.0573 0.0779  -0.0405 120 HOH B O     
526 O O     . HOH D .  ? 0.1950 0.2157 0.6077 0.0297  0.0728  0.1433  121 HOH B O     
527 O O     . HOH D .  ? 0.0997 0.1199 0.2114 -0.0034 -0.0019 0.0612  122 HOH B O     
528 O O     . HOH D .  ? 0.3672 0.4321 0.2657 -0.1387 -0.0612 -0.0548 123 HOH B O     
529 O O     . HOH D .  ? 0.2230 0.3619 0.3235 0.1417  0.0628  -0.0276 124 HOH B O     
530 O O     . HOH D .  ? 0.1424 0.1420 0.1341 -0.0109 0.0280  0.0011  125 HOH B O     
531 O O     . HOH D .  ? 0.2342 0.2863 0.2718 -0.1411 -0.0031 -0.0643 126 HOH B O     
532 O O     . HOH D .  ? 0.0963 0.1201 0.0909 -0.0195 0.0090  0.0255  127 HOH B O     
533 O O     . HOH D .  ? 0.0878 0.1645 0.1229 -0.0281 -0.0137 0.0609  128 HOH B O     
534 O O     . HOH D .  ? 0.2090 0.1898 0.1328 -0.0749 -0.0046 -0.0050 129 HOH B O     
536 O O     . HOH D .  ? 0.3845 0.3253 0.1252 0.0490  -0.0125 -0.0430 131 HOH B O     
537 O O     . HOH D .  ? 0.4483 0.3492 0.2169 0.0534  0.0595  -0.0474 132 HOH B O     
538 O O     . HOH D .  ? 0.1580 0.2665 0.1357 -0.0623 -0.0163 0.0564  133 HOH B O     
539 O O     . HOH D .  ? 0.1340 0.2257 0.1875 -0.0173 -0.0149 0.0724  134 HOH B O     
540 O O     . HOH D .  ? 0.4727 0.2521 0.3824 0.0241  -0.0224 -0.0276 135 HOH B O     
541 O O     . HOH D .  ? 0.2645 0.1879 0.2295 0.0214  -0.0942 0.0044  136 HOH B O     
542 O O     . HOH D .  ? 0.2416 0.1329 0.1012 -0.0627 -0.0660 0.0304  137 HOH B O     
543 O O     . HOH D .  ? 0.4869 0.4354 0.3061 -0.1966 0.1479  -0.0940 138 HOH B O     
544 O O     . HOH D .  ? 0.1505 0.1644 0.2485 -0.0577 -0.0775 0.0642  139 HOH B O     
545 O O     . HOH D .  ? 0.1171 0.2114 0.1367 -0.0327 0.0158  -0.0366 140 HOH B O     
546 O O     . HOH D .  ? 0.0879 0.1923 0.1157 -0.0261 -0.0271 0.0313  141 HOH B O     
547 O O     . HOH D .  ? 0.1792 0.5509 0.4794 0.0107  -0.0599 0.0738  142 HOH B O     
548 O O     . HOH D .  ? 0.3483 0.1869 0.4083 0.0690  -0.0062 0.0737  143 HOH B O     
549 O O     . HOH D .  ? 0.4856 0.1846 0.2829 -0.0524 -0.1146 -0.0431 144 HOH B O     
550 O O     . HOH D .  ? 0.0983 0.2063 0.0765 -0.0101 -0.0147 0.0253  145 HOH B O     
551 O O     . HOH D .  ? 0.2173 0.3327 0.3545 -0.1488 -0.0384 -0.0143 146 HOH B O     
552 O O     . HOH D .  ? 0.5517 0.5493 0.2521 -0.1089 0.0492  -0.0704 147 HOH B O     
553 O O     . HOH D .  ? 0.1584 0.1142 0.1020 0.0121  -0.0059 0.0269  148 HOH B O     
555 O O     . HOH D .  ? 0.3510 0.1683 0.3182 -0.0466 0.1746  0.0035  150 HOH B O     
556 O O     . HOH D .  ? 0.3795 0.1151 0.1489 0.0099  0.1086  0.0035  151 HOH B O     
558 O O     . HOH D .  ? 0.3148 0.1296 0.2371 -0.0474 0.1581  -0.0343 153 HOH B O     
559 O O     . HOH D .  ? 0.5146 0.1841 0.2832 -0.0783 -0.2020 0.0399  154 HOH B O     
560 O O     . HOH D .  ? 0.1789 0.1733 0.1401 0.0173  0.0317  -0.0319 155 HOH B O     
561 O O     . HOH D .  ? 0.2066 0.2655 0.0976 -0.0187 0.0295  -0.0067 156 HOH B O     
563 O O     . HOH D .  ? 0.3121 0.3441 0.4695 0.0473  -0.0531 0.0321  158 HOH B O     
564 O O     . HOH D .  ? 0.2205 0.3113 0.3989 0.0469  -0.0285 0.0876  159 HOH B O     
565 O O     . HOH D .  ? 0.1579 0.2205 0.1516 -0.0340 0.0117  0.0427  160 HOH B O     
567 O O     . HOH D .  ? 0.1482 0.4955 0.2681 0.0300  0.0186  0.0038  162 HOH B O     
568 O O     . HOH D .  ? 0.4914 0.3593 0.2758 -0.0651 0.0347  -0.0092 163 HOH B O     
569 O O     . HOH D .  ? 0.2657 0.2414 0.4509 -0.1022 -0.0112 -0.0977 164 HOH B O     
570 O O     . HOH D .  ? 0.1027 0.0528 0.0424 -0.0151 0.0234  0.0074  165 HOH B O     
571 O O     . HOH D .  ? 0.1180 0.2109 0.1507 0.0170  -0.0646 -0.0376 166 HOH B O     
572 O O     . HOH D .  ? 0.3391 0.4423 0.3905 -0.0536 0.1884  0.0901  167 HOH B O     
573 O O     . HOH D .  ? 0.3056 0.4017 0.5479 0.1096  -0.0046 -0.1570 168 HOH B O     
574 O O     . HOH D .  ? 0.3103 0.3807 0.3090 0.1600  0.1181  0.1041  169 HOH B O     
575 O O     . HOH D .  ? 0.3644 0.2441 0.6758 0.0814  0.0389  -0.0952 170 HOH B O     
576 O O     . HOH D .  ? 0.2115 0.2232 0.1493 -0.0094 -0.0996 0.0177  171 HOH B O     
577 O O     . HOH D .  ? 0.3940 0.2853 0.2882 0.0100  -0.1018 0.0442  172 HOH B O     
578 O O     . HOH D .  ? 0.3363 0.5351 0.4291 0.0136  0.0710  0.0014  173 HOH B O     
579 O O     . HOH D .  ? 0.4993 0.2741 0.2968 -0.0587 -0.0336 -0.0610 174 HOH B O     
580 O O     . HOH D .  ? 0.5112 0.3392 0.3028 0.0050  -0.0423 -0.0574 175 HOH B O     
581 O O     . HOH D .  ? 0.4575 0.3704 0.3310 0.0531  -0.0409 -0.0218 176 HOH B O     
582 O O     . HOH D .  ? 0.4431 0.4869 0.3280 -0.1078 -0.0364 0.0401  177 HOH B O     
583 O O     . HOH D .  ? 0.4695 0.3981 0.4536 -0.0522 -0.0618 0.0766  178 HOH B O     
584 O O     . HOH D .  ? 0.5344 0.4428 0.2800 -0.1136 -0.1228 -0.0848 179 HOH B O     
# 
